data_2LW6
#
_entry.id   2LW6
#
_cell.length_a   1.000
_cell.length_b   1.000
_cell.length_c   1.000
_cell.angle_alpha   90.00
_cell.angle_beta   90.00
_cell.angle_gamma   90.00
#
_symmetry.space_group_name_H-M   'P 1'
#
_entity_poly.entity_id   1
_entity_poly.type   'polypeptide(L)'
_entity_poly.pdbx_seq_one_letter_code
;SFVQCNHHLLYNGRHWGTIRKKAGWAVRFYEEKPGQPKRLVAICKNASPVHCNYLKCTNLAAGFSAGTSTDVLSSGTVGS
;
_entity_poly.pdbx_strand_id   A
#
# COMPACT_ATOMS: atom_id res chain seq x y z
N SER A 1 -10.59 17.29 -2.43
CA SER A 1 -9.20 17.71 -2.70
C SER A 1 -8.26 16.51 -2.66
N PHE A 2 -6.97 16.76 -2.44
CA PHE A 2 -5.99 15.70 -2.26
C PHE A 2 -6.43 14.75 -1.16
N VAL A 3 -6.38 13.47 -1.46
CA VAL A 3 -6.90 12.45 -0.55
C VAL A 3 -5.77 11.62 0.05
N GLN A 4 -5.79 11.47 1.36
CA GLN A 4 -4.87 10.55 2.03
C GLN A 4 -5.55 9.20 2.18
N CYS A 5 -4.81 8.12 2.00
CA CYS A 5 -5.41 6.79 2.00
C CYS A 5 -4.42 5.73 2.46
N ASN A 6 -4.92 4.73 3.17
CA ASN A 6 -4.09 3.61 3.61
C ASN A 6 -3.79 2.70 2.43
N HIS A 7 -2.55 2.70 1.98
CA HIS A 7 -2.15 1.88 0.85
C HIS A 7 -2.06 0.43 1.30
N HIS A 8 -2.92 -0.39 0.77
CA HIS A 8 -2.97 -1.81 1.15
C HIS A 8 -1.98 -2.63 0.37
N LEU A 9 -1.20 -3.43 1.07
CA LEU A 9 -0.32 -4.38 0.44
C LEU A 9 -1.00 -5.74 0.47
N LEU A 10 -1.08 -6.38 -0.69
CA LEU A 10 -1.76 -7.64 -0.82
C LEU A 10 -0.78 -8.79 -0.79
N TYR A 11 -0.99 -9.70 0.15
CA TYR A 11 -0.18 -10.88 0.30
C TYR A 11 -0.93 -12.04 -0.32
N ASN A 12 -0.21 -13.05 -0.80
CA ASN A 12 -0.82 -14.19 -1.47
C ASN A 12 -2.01 -14.74 -0.69
N GLY A 13 -3.21 -14.37 -1.13
CA GLY A 13 -4.42 -14.92 -0.57
C GLY A 13 -5.14 -13.99 0.40
N ARG A 14 -4.47 -12.99 0.94
CA ARG A 14 -5.10 -12.16 1.98
C ARG A 14 -4.35 -10.84 2.22
N HIS A 15 -5.09 -9.88 2.77
CA HIS A 15 -4.57 -8.60 3.24
C HIS A 15 -3.34 -8.79 4.13
N TRP A 16 -2.22 -8.23 3.70
CA TRP A 16 -0.98 -8.31 4.46
C TRP A 16 -0.89 -7.18 5.47
N GLY A 17 -0.98 -5.95 4.96
CA GLY A 17 -0.87 -4.79 5.81
C GLY A 17 -1.17 -3.52 5.05
N THR A 18 -1.07 -2.38 5.72
CA THR A 18 -1.35 -1.11 5.07
C THR A 18 -0.62 0.04 5.76
N ILE A 19 -0.23 1.04 4.98
CA ILE A 19 0.35 2.26 5.52
C ILE A 19 -0.45 3.45 4.99
N ARG A 20 -0.93 4.31 5.88
CA ARG A 20 -1.68 5.49 5.44
C ARG A 20 -0.75 6.55 4.89
N LYS A 21 -1.01 6.91 3.64
CA LYS A 21 -0.21 7.87 2.92
C LYS A 21 -1.08 8.62 1.92
N LYS A 22 -0.74 9.88 1.65
CA LYS A 22 -1.51 10.68 0.71
C LYS A 22 -1.34 10.17 -0.72
N ALA A 23 -2.33 10.45 -1.55
CA ALA A 23 -2.27 10.09 -2.96
C ALA A 23 -1.13 10.82 -3.66
N GLY A 24 -0.46 10.13 -4.57
CA GLY A 24 0.65 10.73 -5.28
C GLY A 24 1.97 10.53 -4.55
N TRP A 25 1.92 10.53 -3.23
CA TRP A 25 3.10 10.31 -2.42
C TRP A 25 3.45 8.83 -2.37
N ALA A 26 4.73 8.54 -2.59
CA ALA A 26 5.23 7.17 -2.55
C ALA A 26 5.22 6.63 -1.13
N VAL A 27 4.87 5.37 -0.99
CA VAL A 27 4.86 4.71 0.31
C VAL A 27 5.74 3.47 0.25
N ARG A 28 6.21 3.01 1.40
CA ARG A 28 7.13 1.88 1.45
C ARG A 28 6.41 0.58 1.81
N PHE A 29 6.74 -0.49 1.10
CA PHE A 29 6.29 -1.82 1.46
C PHE A 29 7.49 -2.76 1.52
N TYR A 30 7.55 -3.56 2.57
CA TYR A 30 8.70 -4.43 2.78
C TYR A 30 8.29 -5.68 3.54
N GLU A 31 9.05 -6.75 3.34
CA GLU A 31 8.81 -7.99 4.07
C GLU A 31 9.82 -8.11 5.21
N GLU A 32 9.32 -8.33 6.40
CA GLU A 32 10.19 -8.54 7.55
C GLU A 32 10.00 -9.95 8.08
N LYS A 33 10.95 -10.82 7.75
CA LYS A 33 10.91 -12.20 8.19
C LYS A 33 11.68 -12.32 9.50
N PRO A 34 11.09 -12.98 10.51
CA PRO A 34 11.71 -13.10 11.84
C PRO A 34 13.12 -13.67 11.77
N GLY A 35 14.10 -12.87 12.19
CA GLY A 35 15.49 -13.30 12.15
C GLY A 35 16.23 -12.72 10.97
N GLN A 36 15.49 -12.12 10.05
CA GLN A 36 16.06 -11.48 8.87
C GLN A 36 15.67 -10.00 8.82
N PRO A 37 16.49 -9.17 8.16
CA PRO A 37 16.18 -7.75 7.95
C PRO A 37 15.08 -7.57 6.92
N LYS A 38 14.37 -6.45 6.99
CA LYS A 38 13.26 -6.20 6.10
C LYS A 38 13.75 -5.90 4.70
N ARG A 39 13.04 -6.42 3.71
CA ARG A 39 13.40 -6.26 2.32
C ARG A 39 12.29 -5.54 1.59
N LEU A 40 12.63 -4.48 0.86
CA LEU A 40 11.65 -3.74 0.08
C LEU A 40 10.96 -4.65 -0.91
N VAL A 41 9.65 -4.71 -0.84
CA VAL A 41 8.88 -5.58 -1.70
C VAL A 41 8.08 -4.79 -2.72
N ALA A 42 7.90 -3.50 -2.43
CA ALA A 42 7.22 -2.62 -3.36
C ALA A 42 7.35 -1.18 -2.93
N ILE A 43 7.67 -0.34 -3.89
CA ILE A 43 7.56 1.08 -3.71
C ILE A 43 6.37 1.55 -4.51
N CYS A 44 5.33 1.99 -3.82
CA CYS A 44 4.05 2.20 -4.48
C CYS A 44 3.47 3.55 -4.14
N LYS A 45 2.81 4.16 -5.11
CA LYS A 45 2.14 5.42 -4.92
C LYS A 45 0.86 5.45 -5.74
N ASN A 46 -0.04 6.33 -5.39
CA ASN A 46 -1.33 6.39 -6.07
C ASN A 46 -1.21 7.15 -7.38
N ALA A 47 -1.93 6.66 -8.40
CA ALA A 47 -1.90 7.23 -9.74
C ALA A 47 -1.90 8.76 -9.73
N SER A 48 -2.97 9.33 -9.19
CA SER A 48 -3.11 10.77 -9.11
C SER A 48 -2.52 11.29 -7.80
N PRO A 49 -1.80 12.41 -7.84
CA PRO A 49 -1.31 13.08 -6.64
C PRO A 49 -2.40 13.88 -5.94
N VAL A 50 -3.59 13.89 -6.56
CA VAL A 50 -4.73 14.59 -6.01
C VAL A 50 -5.72 13.61 -5.40
N HIS A 51 -6.44 12.90 -6.24
CA HIS A 51 -7.45 11.97 -5.78
C HIS A 51 -6.88 10.56 -5.75
N CYS A 52 -7.54 9.66 -5.04
CA CYS A 52 -7.08 8.29 -4.92
C CYS A 52 -7.80 7.39 -5.90
N ASN A 53 -7.04 6.58 -6.63
CA ASN A 53 -7.58 5.72 -7.67
C ASN A 53 -7.02 4.31 -7.52
N TYR A 54 -5.83 4.11 -8.08
CA TYR A 54 -5.15 2.83 -8.06
C TYR A 54 -3.71 3.02 -7.63
N LEU A 55 -3.07 1.94 -7.25
CA LEU A 55 -1.71 2.00 -6.74
C LEU A 55 -0.72 1.53 -7.80
N LYS A 56 0.23 2.40 -8.13
CA LYS A 56 1.29 2.06 -9.08
C LYS A 56 2.56 1.77 -8.31
N CYS A 57 2.91 0.49 -8.24
CA CYS A 57 4.05 0.06 -7.47
C CYS A 57 5.18 -0.41 -8.40
N THR A 58 6.40 -0.17 -7.98
CA THR A 58 7.56 -0.63 -8.73
C THR A 58 8.45 -1.49 -7.83
N ASN A 59 9.26 -2.35 -8.45
CA ASN A 59 10.14 -3.27 -7.74
C ASN A 59 9.33 -4.22 -6.86
N LEU A 60 8.40 -4.94 -7.49
CA LEU A 60 7.54 -5.89 -6.79
C LEU A 60 8.32 -7.14 -6.42
N ALA A 61 7.94 -7.76 -5.29
CA ALA A 61 8.61 -8.97 -4.85
C ALA A 61 7.72 -10.19 -5.10
N ALA A 62 7.53 -10.50 -6.39
CA ALA A 62 6.76 -11.66 -6.82
C ALA A 62 5.30 -11.59 -6.37
N GLY A 63 5.02 -12.15 -5.21
CA GLY A 63 3.66 -12.18 -4.71
C GLY A 63 3.32 -10.92 -3.96
N PHE A 64 4.33 -10.19 -3.55
CA PHE A 64 4.14 -8.93 -2.83
C PHE A 64 3.79 -7.81 -3.79
N SER A 65 2.53 -7.39 -3.75
CA SER A 65 2.07 -6.27 -4.56
C SER A 65 0.94 -5.58 -3.80
N ALA A 66 0.62 -4.37 -4.21
CA ALA A 66 -0.40 -3.59 -3.51
C ALA A 66 -1.73 -3.69 -4.23
N GLY A 67 -2.81 -3.40 -3.53
CA GLY A 67 -4.13 -3.68 -4.07
C GLY A 67 -5.05 -2.47 -4.12
N THR A 68 -5.40 -1.92 -2.96
CA THR A 68 -6.41 -0.89 -2.89
C THR A 68 -6.28 -0.09 -1.59
N SER A 69 -7.30 0.68 -1.23
CA SER A 69 -7.30 1.46 -0.02
C SER A 69 -8.69 1.52 0.59
N THR A 70 -8.76 1.60 1.91
CA THR A 70 -10.04 1.58 2.62
C THR A 70 -10.01 2.57 3.78
N ASP A 71 -10.81 2.31 4.82
CA ASP A 71 -10.80 3.08 6.08
C ASP A 71 -11.17 4.55 5.88
N VAL A 72 -10.25 5.34 5.38
CA VAL A 72 -10.48 6.77 5.23
C VAL A 72 -11.52 7.05 4.15
N LEU A 73 -11.42 6.34 3.03
CA LEU A 73 -12.38 6.50 1.95
C LEU A 73 -13.58 5.57 2.10
N SER A 74 -13.33 4.38 2.64
CA SER A 74 -14.36 3.35 2.69
C SER A 74 -15.11 3.36 4.04
N SER A 75 -14.38 3.63 5.12
CA SER A 75 -14.94 3.65 6.48
C SER A 75 -15.40 2.26 6.92
N GLY A 76 -14.73 1.72 7.93
CA GLY A 76 -15.14 0.43 8.48
C GLY A 76 -14.49 -0.74 7.76
N THR A 77 -13.17 -0.85 7.88
CA THR A 77 -12.43 -1.92 7.22
C THR A 77 -11.27 -2.38 8.10
N VAL A 78 -10.77 -3.59 7.82
CA VAL A 78 -9.59 -4.09 8.51
C VAL A 78 -8.32 -3.54 7.87
N GLY A 79 -8.00 -2.30 8.21
CA GLY A 79 -6.84 -1.64 7.63
C GLY A 79 -5.64 -1.72 8.54
N SER A 80 -5.54 -0.78 9.46
CA SER A 80 -4.44 -0.73 10.40
C SER A 80 -4.96 -0.44 11.80
N SER A 1 -10.31 17.14 -4.14
CA SER A 1 -9.26 17.56 -3.20
C SER A 1 -8.19 16.49 -3.10
N PHE A 2 -7.18 16.77 -2.28
CA PHE A 2 -6.13 15.80 -2.00
C PHE A 2 -6.62 14.83 -0.92
N VAL A 3 -6.28 13.57 -1.09
CA VAL A 3 -6.82 12.54 -0.22
C VAL A 3 -5.70 11.63 0.31
N GLN A 4 -5.82 11.26 1.58
CA GLN A 4 -4.88 10.34 2.19
C GLN A 4 -5.59 9.03 2.51
N CYS A 5 -4.89 7.91 2.39
CA CYS A 5 -5.51 6.62 2.60
C CYS A 5 -4.50 5.58 3.05
N ASN A 6 -5.00 4.54 3.71
CA ASN A 6 -4.15 3.41 4.09
C ASN A 6 -3.92 2.52 2.90
N HIS A 7 -2.68 2.49 2.44
CA HIS A 7 -2.30 1.70 1.29
C HIS A 7 -2.08 0.26 1.71
N HIS A 8 -2.92 -0.61 1.20
CA HIS A 8 -2.86 -2.03 1.55
C HIS A 8 -1.83 -2.76 0.70
N LEU A 9 -0.95 -3.49 1.36
CA LEU A 9 0.02 -4.33 0.67
C LEU A 9 -0.47 -5.77 0.72
N LEU A 10 -0.46 -6.44 -0.41
CA LEU A 10 -0.93 -7.81 -0.51
C LEU A 10 0.24 -8.79 -0.54
N TYR A 11 0.24 -9.70 0.41
CA TYR A 11 1.25 -10.74 0.49
C TYR A 11 0.60 -12.05 0.05
N ASN A 12 1.36 -12.90 -0.64
CA ASN A 12 0.82 -14.13 -1.21
C ASN A 12 0.09 -14.95 -0.15
N GLY A 13 -1.23 -14.92 -0.21
CA GLY A 13 -2.04 -15.63 0.76
C GLY A 13 -3.13 -14.76 1.32
N ARG A 14 -2.77 -13.57 1.78
CA ARG A 14 -3.72 -12.66 2.43
C ARG A 14 -3.07 -11.30 2.69
N HIS A 15 -3.90 -10.31 3.03
CA HIS A 15 -3.47 -8.97 3.44
C HIS A 15 -2.17 -9.01 4.27
N TRP A 16 -1.21 -8.17 3.90
CA TRP A 16 0.08 -8.14 4.56
C TRP A 16 0.15 -7.00 5.58
N GLY A 17 -0.08 -5.79 5.11
CA GLY A 17 0.00 -4.62 5.99
C GLY A 17 -0.60 -3.40 5.34
N THR A 18 -0.58 -2.26 6.03
CA THR A 18 -1.12 -1.02 5.47
C THR A 18 -0.42 0.21 6.04
N ILE A 19 -0.21 1.19 5.17
CA ILE A 19 0.44 2.45 5.55
C ILE A 19 -0.37 3.63 5.01
N ARG A 20 -0.67 4.60 5.86
CA ARG A 20 -1.42 5.78 5.43
C ARG A 20 -0.50 6.86 4.90
N LYS A 21 -0.79 7.27 3.67
CA LYS A 21 -0.05 8.33 3.01
C LYS A 21 -0.97 8.99 1.98
N LYS A 22 -0.73 10.25 1.71
CA LYS A 22 -1.57 11.00 0.77
C LYS A 22 -1.25 10.61 -0.67
N ALA A 23 -2.23 10.80 -1.54
CA ALA A 23 -2.07 10.52 -2.96
C ALA A 23 -0.97 11.39 -3.56
N GLY A 24 -0.22 10.80 -4.47
CA GLY A 24 0.87 11.52 -5.10
C GLY A 24 2.21 11.09 -4.57
N TRP A 25 2.27 10.79 -3.28
CA TRP A 25 3.52 10.40 -2.66
C TRP A 25 3.70 8.88 -2.72
N ALA A 26 4.95 8.45 -2.83
CA ALA A 26 5.27 7.04 -2.90
C ALA A 26 5.41 6.45 -1.50
N VAL A 27 4.75 5.32 -1.27
CA VAL A 27 4.80 4.66 0.04
C VAL A 27 5.77 3.49 -0.01
N ARG A 28 6.34 3.17 1.14
CA ARG A 28 7.26 2.06 1.24
C ARG A 28 6.51 0.80 1.68
N PHE A 29 6.86 -0.33 1.10
CA PHE A 29 6.28 -1.60 1.49
C PHE A 29 7.37 -2.64 1.59
N TYR A 30 7.37 -3.40 2.66
CA TYR A 30 8.44 -4.34 2.93
C TYR A 30 7.94 -5.56 3.67
N GLU A 31 8.69 -6.65 3.57
CA GLU A 31 8.38 -7.87 4.28
C GLU A 31 9.17 -7.91 5.57
N GLU A 32 8.49 -8.18 6.67
CA GLU A 32 9.16 -8.31 7.94
C GLU A 32 8.81 -9.63 8.59
N LYS A 33 9.79 -10.50 8.68
CA LYS A 33 9.60 -11.85 9.21
C LYS A 33 10.76 -12.20 10.15
N PRO A 34 10.43 -12.51 11.42
CA PRO A 34 11.42 -12.71 12.49
C PRO A 34 12.56 -13.63 12.09
N GLY A 35 13.76 -13.07 12.08
CA GLY A 35 14.94 -13.82 11.70
C GLY A 35 15.58 -13.22 10.46
N GLN A 36 14.80 -12.45 9.71
CA GLN A 36 15.27 -11.82 8.49
C GLN A 36 15.04 -10.32 8.53
N PRO A 37 15.90 -9.54 7.86
CA PRO A 37 15.72 -8.10 7.71
C PRO A 37 14.56 -7.78 6.78
N LYS A 38 14.09 -6.55 6.86
CA LYS A 38 12.90 -6.13 6.15
C LYS A 38 13.23 -5.69 4.74
N ARG A 39 12.66 -6.41 3.77
CA ARG A 39 13.03 -6.24 2.38
C ARG A 39 11.96 -5.44 1.64
N LEU A 40 12.38 -4.46 0.86
CA LEU A 40 11.46 -3.64 0.09
C LEU A 40 10.77 -4.47 -0.98
N VAL A 41 9.46 -4.66 -0.83
CA VAL A 41 8.71 -5.51 -1.74
C VAL A 41 8.11 -4.69 -2.88
N ALA A 42 7.91 -3.39 -2.63
CA ALA A 42 7.43 -2.49 -3.68
C ALA A 42 7.26 -1.07 -3.14
N ILE A 43 7.52 -0.11 -4.00
CA ILE A 43 7.21 1.28 -3.71
C ILE A 43 5.98 1.66 -4.51
N CYS A 44 4.90 2.01 -3.83
CA CYS A 44 3.64 2.19 -4.52
C CYS A 44 3.07 3.57 -4.24
N LYS A 45 2.42 4.15 -5.23
CA LYS A 45 1.81 5.46 -5.06
C LYS A 45 0.51 5.50 -5.83
N ASN A 46 -0.32 6.47 -5.52
CA ASN A 46 -1.63 6.56 -6.14
C ASN A 46 -1.52 7.29 -7.48
N ALA A 47 -2.19 6.75 -8.50
CA ALA A 47 -2.11 7.27 -9.87
C ALA A 47 -2.15 8.80 -9.91
N SER A 48 -3.18 9.38 -9.31
CA SER A 48 -3.32 10.83 -9.24
C SER A 48 -2.62 11.35 -7.99
N PRO A 49 -1.96 12.52 -8.09
CA PRO A 49 -1.33 13.19 -6.97
C PRO A 49 -2.33 14.01 -6.17
N VAL A 50 -3.60 13.96 -6.55
CA VAL A 50 -4.64 14.70 -5.87
C VAL A 50 -5.74 13.76 -5.37
N HIS A 51 -6.52 13.21 -6.30
CA HIS A 51 -7.60 12.29 -5.95
C HIS A 51 -7.05 10.88 -5.85
N CYS A 52 -7.82 9.99 -5.24
CA CYS A 52 -7.42 8.60 -5.11
C CYS A 52 -8.09 7.76 -6.19
N ASN A 53 -7.29 7.02 -6.94
CA ASN A 53 -7.80 6.19 -8.02
C ASN A 53 -7.36 4.75 -7.83
N TYR A 54 -6.12 4.46 -8.23
CA TYR A 54 -5.56 3.13 -8.11
C TYR A 54 -4.12 3.26 -7.62
N LEU A 55 -3.53 2.13 -7.24
CA LEU A 55 -2.17 2.14 -6.75
C LEU A 55 -1.20 1.66 -7.81
N LYS A 56 -0.27 2.52 -8.17
CA LYS A 56 0.75 2.19 -9.14
C LYS A 56 2.05 1.89 -8.41
N CYS A 57 2.41 0.62 -8.34
CA CYS A 57 3.59 0.22 -7.58
C CYS A 57 4.74 -0.11 -8.53
N THR A 58 5.95 0.11 -8.05
CA THR A 58 7.14 -0.21 -8.80
C THR A 58 8.07 -1.07 -7.95
N ASN A 59 8.92 -1.85 -8.61
CA ASN A 59 9.84 -2.76 -7.93
C ASN A 59 9.08 -3.81 -7.11
N LEU A 60 8.12 -4.46 -7.76
CA LEU A 60 7.34 -5.51 -7.11
C LEU A 60 8.21 -6.73 -6.83
N ALA A 61 8.01 -7.34 -5.67
CA ALA A 61 8.83 -8.48 -5.26
C ALA A 61 8.22 -9.77 -5.76
N ALA A 62 8.62 -10.18 -6.96
CA ALA A 62 8.11 -11.39 -7.61
C ALA A 62 6.61 -11.31 -7.86
N GLY A 63 5.83 -11.71 -6.87
CA GLY A 63 4.39 -11.66 -6.99
C GLY A 63 3.76 -10.81 -5.91
N PHE A 64 4.59 -10.25 -5.05
CA PHE A 64 4.10 -9.41 -3.97
C PHE A 64 3.84 -8.00 -4.48
N SER A 65 2.63 -7.51 -4.24
CA SER A 65 2.19 -6.23 -4.76
C SER A 65 1.23 -5.57 -3.78
N ALA A 66 0.72 -4.41 -4.14
CA ALA A 66 -0.21 -3.69 -3.29
C ALA A 66 -1.64 -3.90 -3.77
N GLY A 67 -2.60 -3.46 -2.97
CA GLY A 67 -4.00 -3.61 -3.31
C GLY A 67 -4.73 -2.29 -3.36
N THR A 68 -5.96 -2.27 -2.88
CA THR A 68 -6.77 -1.07 -2.90
C THR A 68 -6.62 -0.31 -1.57
N SER A 69 -7.30 0.83 -1.48
CA SER A 69 -7.28 1.64 -0.28
C SER A 69 -8.65 1.58 0.41
N THR A 70 -8.65 1.54 1.73
CA THR A 70 -9.89 1.33 2.47
C THR A 70 -9.96 2.18 3.73
N ASP A 71 -10.82 1.74 4.65
CA ASP A 71 -10.96 2.33 6.00
C ASP A 71 -11.44 3.77 5.93
N VAL A 72 -10.53 4.69 5.69
CA VAL A 72 -10.86 6.11 5.66
C VAL A 72 -11.67 6.46 4.43
N LEU A 73 -11.36 5.80 3.30
CA LEU A 73 -12.06 6.06 2.05
C LEU A 73 -13.28 5.18 1.90
N SER A 74 -13.06 3.88 2.00
CA SER A 74 -14.09 2.89 1.69
C SER A 74 -15.16 2.84 2.78
N SER A 75 -14.83 2.19 3.90
CA SER A 75 -15.79 2.04 5.00
C SER A 75 -15.05 1.91 6.31
N GLY A 76 -14.24 0.87 6.42
CA GLY A 76 -13.46 0.64 7.62
C GLY A 76 -12.58 -0.59 7.48
N THR A 77 -11.71 -0.82 8.44
CA THR A 77 -10.84 -1.99 8.45
C THR A 77 -10.70 -2.54 9.85
N VAL A 78 -9.73 -1.98 10.54
CA VAL A 78 -9.37 -2.37 11.90
C VAL A 78 -8.11 -1.61 12.30
N GLY A 79 -7.42 -1.06 11.31
CA GLY A 79 -6.15 -0.41 11.55
C GLY A 79 -5.00 -1.25 11.06
N SER A 80 -5.24 -1.95 9.95
CA SER A 80 -4.31 -2.91 9.41
C SER A 80 -4.96 -3.61 8.22
N SER A 1 -10.59 17.27 -3.01
CA SER A 1 -9.22 17.71 -2.73
C SER A 1 -8.24 16.55 -2.82
N PHE A 2 -6.98 16.83 -2.53
CA PHE A 2 -5.96 15.80 -2.40
C PHE A 2 -6.30 14.91 -1.23
N VAL A 3 -6.60 13.67 -1.53
CA VAL A 3 -7.10 12.72 -0.54
C VAL A 3 -5.99 11.78 -0.06
N GLN A 4 -5.97 11.51 1.24
CA GLN A 4 -5.03 10.56 1.80
C GLN A 4 -5.68 9.20 1.92
N CYS A 5 -4.92 8.14 1.71
CA CYS A 5 -5.47 6.80 1.77
C CYS A 5 -4.43 5.77 2.23
N ASN A 6 -4.87 4.82 3.03
CA ASN A 6 -4.01 3.72 3.45
C ASN A 6 -3.77 2.77 2.30
N HIS A 7 -2.54 2.77 1.81
CA HIS A 7 -2.16 1.90 0.69
C HIS A 7 -2.01 0.47 1.21
N HIS A 8 -2.86 -0.42 0.73
CA HIS A 8 -2.84 -1.81 1.19
C HIS A 8 -1.84 -2.64 0.40
N LEU A 9 -1.02 -3.38 1.11
CA LEU A 9 -0.13 -4.33 0.49
C LEU A 9 -0.77 -5.71 0.61
N LEU A 10 -0.92 -6.36 -0.52
CA LEU A 10 -1.66 -7.60 -0.58
C LEU A 10 -0.72 -8.80 -0.68
N TYR A 11 -0.91 -9.73 0.24
CA TYR A 11 -0.20 -10.99 0.20
C TYR A 11 -1.11 -12.03 -0.42
N ASN A 12 -0.56 -13.03 -1.08
CA ASN A 12 -1.35 -14.05 -1.73
C ASN A 12 -2.33 -14.67 -0.75
N GLY A 13 -3.59 -14.23 -0.83
CA GLY A 13 -4.60 -14.72 0.07
C GLY A 13 -5.26 -13.61 0.88
N ARG A 14 -4.46 -12.87 1.65
CA ARG A 14 -5.01 -11.91 2.61
C ARG A 14 -4.17 -10.63 2.72
N HIS A 15 -4.71 -9.65 3.42
CA HIS A 15 -4.02 -8.43 3.77
C HIS A 15 -2.66 -8.71 4.43
N TRP A 16 -1.64 -7.99 4.00
CA TRP A 16 -0.34 -8.07 4.64
C TRP A 16 -0.13 -6.86 5.55
N GLY A 17 -0.26 -5.67 4.99
CA GLY A 17 -0.07 -4.45 5.76
C GLY A 17 -0.57 -3.23 5.01
N THR A 18 -0.56 -2.07 5.65
CA THR A 18 -0.99 -0.84 5.01
C THR A 18 -0.33 0.39 5.63
N ILE A 19 -0.05 1.39 4.81
CA ILE A 19 0.46 2.68 5.28
C ILE A 19 -0.43 3.78 4.74
N ARG A 20 -0.97 4.62 5.63
CA ARG A 20 -1.89 5.67 5.22
C ARG A 20 -1.15 6.95 4.84
N LYS A 21 -0.95 7.13 3.54
CA LYS A 21 -0.31 8.32 3.00
C LYS A 21 -1.20 8.94 1.94
N LYS A 22 -1.06 10.25 1.74
CA LYS A 22 -1.88 10.95 0.76
C LYS A 22 -1.57 10.49 -0.66
N ALA A 23 -2.50 10.78 -1.58
CA ALA A 23 -2.32 10.47 -2.98
C ALA A 23 -1.09 11.16 -3.54
N GLY A 24 -0.40 10.47 -4.43
CA GLY A 24 0.82 11.01 -5.01
C GLY A 24 2.05 10.66 -4.20
N TRP A 25 1.87 10.47 -2.90
CA TRP A 25 2.97 10.13 -2.02
C TRP A 25 3.36 8.67 -2.19
N ALA A 26 4.58 8.45 -2.68
CA ALA A 26 5.09 7.12 -2.87
C ALA A 26 5.51 6.53 -1.54
N VAL A 27 4.83 5.47 -1.13
CA VAL A 27 5.05 4.88 0.17
C VAL A 27 5.85 3.60 0.04
N ARG A 28 6.56 3.25 1.10
CA ARG A 28 7.42 2.08 1.09
C ARG A 28 6.70 0.85 1.64
N PHE A 29 6.84 -0.25 0.94
CA PHE A 29 6.38 -1.54 1.42
C PHE A 29 7.57 -2.48 1.49
N TYR A 30 7.75 -3.11 2.62
CA TYR A 30 8.90 -3.96 2.84
C TYR A 30 8.51 -5.17 3.67
N GLU A 31 9.23 -6.26 3.48
CA GLU A 31 8.99 -7.47 4.22
C GLU A 31 9.92 -7.55 5.43
N GLU A 32 9.38 -7.96 6.55
CA GLU A 32 10.21 -8.31 7.69
C GLU A 32 9.83 -9.71 8.15
N LYS A 33 10.64 -10.69 7.78
CA LYS A 33 10.41 -12.06 8.18
C LYS A 33 11.26 -12.36 9.41
N PRO A 34 10.85 -13.31 10.25
CA PRO A 34 11.61 -13.67 11.44
C PRO A 34 13.04 -14.06 11.11
N GLY A 35 14.00 -13.28 11.60
CA GLY A 35 15.40 -13.55 11.35
C GLY A 35 15.90 -12.91 10.07
N GLN A 36 14.99 -12.42 9.25
CA GLN A 36 15.35 -11.85 7.96
C GLN A 36 15.15 -10.34 7.96
N PRO A 37 16.19 -9.57 7.60
CA PRO A 37 16.13 -8.11 7.59
C PRO A 37 15.11 -7.56 6.61
N LYS A 38 14.65 -6.35 6.90
CA LYS A 38 13.61 -5.70 6.11
C LYS A 38 14.09 -5.46 4.68
N ARG A 39 13.29 -5.92 3.73
CA ARG A 39 13.61 -5.79 2.32
C ARG A 39 12.42 -5.23 1.57
N LEU A 40 12.69 -4.37 0.60
CA LEU A 40 11.63 -3.70 -0.13
C LEU A 40 10.87 -4.66 -1.03
N VAL A 41 9.55 -4.62 -0.90
CA VAL A 41 8.69 -5.51 -1.68
C VAL A 41 7.87 -4.71 -2.68
N ALA A 42 7.78 -3.40 -2.43
CA ALA A 42 7.10 -2.49 -3.34
C ALA A 42 7.21 -1.06 -2.87
N ILE A 43 7.45 -0.17 -3.80
CA ILE A 43 7.29 1.25 -3.56
C ILE A 43 6.06 1.68 -4.34
N CYS A 44 5.00 2.04 -3.64
CA CYS A 44 3.73 2.23 -4.30
C CYS A 44 3.07 3.53 -3.89
N LYS A 45 2.36 4.13 -4.84
CA LYS A 45 1.65 5.37 -4.60
C LYS A 45 0.37 5.37 -5.41
N ASN A 46 -0.51 6.28 -5.07
CA ASN A 46 -1.78 6.38 -5.75
C ASN A 46 -1.59 7.07 -7.09
N ALA A 47 -2.18 6.50 -8.14
CA ALA A 47 -2.02 6.97 -9.52
C ALA A 47 -1.99 8.49 -9.62
N SER A 48 -3.04 9.13 -9.14
CA SER A 48 -3.13 10.57 -9.15
C SER A 48 -2.57 11.13 -7.85
N PRO A 49 -1.78 12.20 -7.92
CA PRO A 49 -1.26 12.88 -6.73
C PRO A 49 -2.32 13.73 -6.04
N VAL A 50 -3.51 13.76 -6.61
CA VAL A 50 -4.61 14.55 -6.06
C VAL A 50 -5.71 13.63 -5.53
N HIS A 51 -6.44 13.02 -6.45
CA HIS A 51 -7.57 12.17 -6.07
C HIS A 51 -7.13 10.71 -6.06
N CYS A 52 -7.91 9.85 -5.44
CA CYS A 52 -7.54 8.45 -5.29
C CYS A 52 -8.18 7.59 -6.38
N ASN A 53 -7.38 6.74 -6.99
CA ASN A 53 -7.84 5.86 -8.07
C ASN A 53 -7.35 4.43 -7.81
N TYR A 54 -6.11 4.19 -8.19
CA TYR A 54 -5.47 2.89 -8.01
C TYR A 54 -4.04 3.09 -7.52
N LEU A 55 -3.38 1.99 -7.23
CA LEU A 55 -2.01 2.03 -6.76
C LEU A 55 -1.03 1.65 -7.86
N LYS A 56 -0.02 2.49 -8.04
CA LYS A 56 1.05 2.20 -8.97
C LYS A 56 2.32 1.90 -8.19
N CYS A 57 2.73 0.64 -8.22
CA CYS A 57 3.85 0.19 -7.41
C CYS A 57 5.03 -0.24 -8.27
N THR A 58 6.24 -0.05 -7.73
CA THR A 58 7.46 -0.49 -8.37
C THR A 58 8.23 -1.39 -7.42
N ASN A 59 9.14 -2.20 -7.96
CA ASN A 59 9.97 -3.12 -7.17
C ASN A 59 9.13 -4.24 -6.56
N LEU A 60 8.18 -4.77 -7.33
CA LEU A 60 7.28 -5.80 -6.85
C LEU A 60 8.04 -7.10 -6.57
N ALA A 61 7.88 -7.63 -5.37
CA ALA A 61 8.60 -8.83 -4.97
C ALA A 61 7.75 -10.08 -5.18
N ALA A 62 7.52 -10.41 -6.45
CA ALA A 62 6.84 -11.65 -6.85
C ALA A 62 5.41 -11.72 -6.32
N GLY A 63 5.24 -12.33 -5.15
CA GLY A 63 3.93 -12.46 -4.56
C GLY A 63 3.54 -11.24 -3.75
N PHE A 64 4.52 -10.41 -3.44
CA PHE A 64 4.28 -9.19 -2.70
C PHE A 64 3.93 -8.05 -3.66
N SER A 65 2.68 -7.65 -3.64
CA SER A 65 2.21 -6.54 -4.46
C SER A 65 1.10 -5.82 -3.71
N ALA A 66 0.72 -4.65 -4.19
CA ALA A 66 -0.27 -3.84 -3.49
C ALA A 66 -1.65 -4.03 -4.11
N GLY A 67 -2.68 -3.67 -3.36
CA GLY A 67 -4.03 -3.92 -3.80
C GLY A 67 -4.82 -2.64 -4.02
N THR A 68 -5.32 -2.07 -2.94
CA THR A 68 -6.17 -0.90 -3.03
C THR A 68 -6.09 -0.10 -1.72
N SER A 69 -6.98 0.88 -1.56
CA SER A 69 -7.00 1.70 -0.36
C SER A 69 -8.41 1.77 0.21
N THR A 70 -8.52 1.81 1.53
CA THR A 70 -9.82 1.80 2.20
C THR A 70 -9.84 2.78 3.37
N ASP A 71 -10.72 2.50 4.34
CA ASP A 71 -10.81 3.23 5.61
C ASP A 71 -11.20 4.69 5.41
N VAL A 72 -10.25 5.51 5.02
CA VAL A 72 -10.47 6.94 4.88
C VAL A 72 -11.42 7.24 3.73
N LEU A 73 -11.23 6.57 2.61
CA LEU A 73 -12.06 6.79 1.44
C LEU A 73 -13.30 5.88 1.44
N SER A 74 -13.14 4.69 2.01
CA SER A 74 -14.21 3.70 1.98
C SER A 74 -15.17 3.89 3.17
N SER A 75 -14.61 4.19 4.33
CA SER A 75 -15.40 4.40 5.55
C SER A 75 -16.18 3.14 5.92
N GLY A 76 -15.57 2.28 6.72
CA GLY A 76 -16.22 1.05 7.14
C GLY A 76 -15.47 -0.19 6.68
N THR A 77 -14.15 -0.14 6.84
CA THR A 77 -13.28 -1.22 6.42
C THR A 77 -12.29 -1.55 7.54
N VAL A 78 -11.43 -2.52 7.28
CA VAL A 78 -10.32 -2.82 8.18
C VAL A 78 -9.00 -2.61 7.45
N GLY A 79 -8.06 -1.94 8.11
CA GLY A 79 -6.75 -1.74 7.55
C GLY A 79 -5.76 -2.73 8.12
N SER A 80 -5.13 -2.34 9.22
CA SER A 80 -4.26 -3.23 9.95
C SER A 80 -4.64 -3.20 11.42
N SER A 1 -11.47 17.68 -2.89
CA SER A 1 -10.05 18.03 -3.09
C SER A 1 -9.19 16.77 -3.14
N PHE A 2 -7.88 16.92 -3.09
CA PHE A 2 -6.98 15.77 -3.01
C PHE A 2 -7.32 14.93 -1.78
N VAL A 3 -7.22 13.62 -1.94
CA VAL A 3 -7.73 12.69 -0.94
C VAL A 3 -6.64 11.76 -0.43
N GLN A 4 -6.68 11.49 0.87
CA GLN A 4 -5.77 10.52 1.48
C GLN A 4 -6.43 9.16 1.55
N CYS A 5 -5.64 8.11 1.33
CA CYS A 5 -6.18 6.77 1.31
C CYS A 5 -5.16 5.77 1.85
N ASN A 6 -5.65 4.75 2.53
CA ASN A 6 -4.77 3.68 3.00
C ASN A 6 -4.40 2.80 1.82
N HIS A 7 -3.12 2.83 1.48
CA HIS A 7 -2.62 2.03 0.37
C HIS A 7 -2.45 0.59 0.84
N HIS A 8 -3.18 -0.31 0.23
CA HIS A 8 -3.18 -1.69 0.66
C HIS A 8 -2.04 -2.46 0.03
N LEU A 9 -1.35 -3.25 0.83
CA LEU A 9 -0.38 -4.19 0.32
C LEU A 9 -1.03 -5.56 0.34
N LEU A 10 -1.08 -6.18 -0.82
CA LEU A 10 -1.71 -7.48 -0.96
C LEU A 10 -0.68 -8.59 -0.99
N TYR A 11 -0.83 -9.50 -0.06
CA TYR A 11 0.04 -10.65 0.04
C TYR A 11 -0.63 -11.78 -0.71
N ASN A 12 0.16 -12.70 -1.25
CA ASN A 12 -0.41 -13.82 -1.99
C ASN A 12 -1.35 -14.61 -1.10
N GLY A 13 -2.64 -14.37 -1.25
CA GLY A 13 -3.63 -14.97 -0.39
C GLY A 13 -4.61 -13.97 0.17
N ARG A 14 -4.08 -12.97 0.89
CA ARG A 14 -4.93 -12.00 1.60
C ARG A 14 -4.17 -10.71 1.93
N HIS A 15 -4.88 -9.78 2.58
CA HIS A 15 -4.32 -8.50 3.02
C HIS A 15 -3.06 -8.70 3.86
N TRP A 16 -2.02 -7.95 3.52
CA TRP A 16 -0.78 -7.98 4.28
C TRP A 16 -0.69 -6.78 5.21
N GLY A 17 -0.79 -5.59 4.64
CA GLY A 17 -0.72 -4.37 5.43
C GLY A 17 -1.25 -3.18 4.68
N THR A 18 -1.25 -2.01 5.30
CA THR A 18 -1.70 -0.80 4.63
C THR A 18 -1.05 0.44 5.25
N ILE A 19 -0.73 1.42 4.41
CA ILE A 19 -0.21 2.70 4.87
C ILE A 19 -1.11 3.82 4.35
N ARG A 20 -1.66 4.62 5.24
CA ARG A 20 -2.55 5.70 4.82
C ARG A 20 -1.76 6.93 4.40
N LYS A 21 -1.71 7.15 3.10
CA LYS A 21 -1.00 8.29 2.54
C LYS A 21 -1.91 9.07 1.61
N LYS A 22 -1.63 10.36 1.47
CA LYS A 22 -2.42 11.25 0.64
C LYS A 22 -2.01 11.08 -0.82
N ALA A 23 -2.95 11.30 -1.73
CA ALA A 23 -2.70 11.13 -3.15
C ALA A 23 -1.57 12.03 -3.62
N GLY A 24 -0.69 11.46 -4.42
CA GLY A 24 0.47 12.19 -4.90
C GLY A 24 1.73 11.77 -4.19
N TRP A 25 1.57 11.11 -3.05
CA TRP A 25 2.70 10.67 -2.25
C TRP A 25 3.10 9.26 -2.64
N ALA A 26 4.39 9.07 -2.87
CA ALA A 26 4.93 7.74 -3.08
C ALA A 26 5.08 7.03 -1.73
N VAL A 27 4.45 5.88 -1.59
CA VAL A 27 4.46 5.17 -0.32
C VAL A 27 5.35 3.94 -0.39
N ARG A 28 5.97 3.61 0.73
CA ARG A 28 6.88 2.48 0.78
C ARG A 28 6.20 1.24 1.34
N PHE A 29 6.45 0.12 0.69
CA PHE A 29 6.00 -1.17 1.18
C PHE A 29 7.19 -2.10 1.33
N TYR A 30 7.29 -2.75 2.47
CA TYR A 30 8.41 -3.63 2.74
C TYR A 30 7.94 -4.83 3.55
N GLU A 31 8.61 -5.95 3.34
CA GLU A 31 8.29 -7.18 4.04
C GLU A 31 9.18 -7.33 5.27
N GLU A 32 8.62 -7.84 6.35
CA GLU A 32 9.41 -8.17 7.52
C GLU A 32 9.12 -9.59 7.97
N LYS A 33 10.03 -10.48 7.64
CA LYS A 33 9.94 -11.86 8.11
C LYS A 33 10.76 -11.97 9.40
N PRO A 34 10.14 -12.45 10.49
CA PRO A 34 10.77 -12.51 11.82
C PRO A 34 12.20 -13.05 11.78
N GLY A 35 13.14 -12.21 12.20
CA GLY A 35 14.54 -12.58 12.23
C GLY A 35 15.31 -12.08 11.03
N GLN A 36 14.59 -11.89 9.94
CA GLN A 36 15.18 -11.46 8.68
C GLN A 36 15.01 -9.96 8.48
N PRO A 37 15.98 -9.32 7.81
CA PRO A 37 15.94 -7.88 7.53
C PRO A 37 14.80 -7.50 6.60
N LYS A 38 14.33 -6.29 6.76
CA LYS A 38 13.18 -5.79 6.01
C LYS A 38 13.57 -5.45 4.57
N ARG A 39 12.72 -5.86 3.65
CA ARG A 39 13.00 -5.76 2.23
C ARG A 39 11.91 -4.98 1.52
N LEU A 40 12.31 -4.07 0.63
CA LEU A 40 11.36 -3.28 -0.13
C LEU A 40 10.62 -4.16 -1.13
N VAL A 41 9.31 -4.23 -0.98
CA VAL A 41 8.50 -5.10 -1.82
C VAL A 41 7.75 -4.29 -2.87
N ALA A 42 7.60 -2.99 -2.63
CA ALA A 42 6.95 -2.11 -3.59
C ALA A 42 7.03 -0.65 -3.18
N ILE A 43 7.32 0.17 -4.16
CA ILE A 43 7.17 1.61 -4.03
C ILE A 43 5.99 2.01 -4.89
N CYS A 44 4.91 2.45 -4.26
CA CYS A 44 3.66 2.62 -4.97
C CYS A 44 3.04 3.98 -4.68
N LYS A 45 2.30 4.51 -5.64
CA LYS A 45 1.59 5.77 -5.45
C LYS A 45 0.33 5.78 -6.30
N ASN A 46 -0.58 6.69 -5.99
CA ASN A 46 -1.86 6.76 -6.67
C ASN A 46 -1.70 7.31 -8.09
N ALA A 47 -2.58 6.88 -8.99
CA ALA A 47 -2.56 7.32 -10.38
C ALA A 47 -2.45 8.83 -10.49
N SER A 48 -3.35 9.53 -9.81
CA SER A 48 -3.40 10.97 -9.88
C SER A 48 -2.92 11.57 -8.55
N PRO A 49 -2.13 12.64 -8.62
CA PRO A 49 -1.62 13.33 -7.43
C PRO A 49 -2.68 14.17 -6.71
N VAL A 50 -3.95 13.98 -7.08
CA VAL A 50 -5.04 14.72 -6.45
C VAL A 50 -6.12 13.76 -5.96
N HIS A 51 -6.97 13.28 -6.88
CA HIS A 51 -8.01 12.34 -6.51
C HIS A 51 -7.48 10.92 -6.66
N CYS A 52 -8.08 9.98 -5.96
CA CYS A 52 -7.56 8.62 -5.90
C CYS A 52 -8.27 7.73 -6.89
N ASN A 53 -7.50 6.89 -7.58
CA ASN A 53 -8.06 5.97 -8.56
C ASN A 53 -7.47 4.59 -8.38
N TYR A 54 -6.24 4.43 -8.83
CA TYR A 54 -5.55 3.15 -8.77
C TYR A 54 -4.14 3.35 -8.26
N LEU A 55 -3.50 2.27 -7.87
CA LEU A 55 -2.14 2.33 -7.37
C LEU A 55 -1.16 1.83 -8.42
N LYS A 56 -0.20 2.66 -8.76
CA LYS A 56 0.87 2.28 -9.66
C LYS A 56 2.12 1.99 -8.85
N CYS A 57 2.44 0.71 -8.73
CA CYS A 57 3.54 0.29 -7.91
C CYS A 57 4.74 -0.07 -8.75
N THR A 58 5.93 0.02 -8.17
CA THR A 58 7.13 -0.39 -8.87
C THR A 58 8.03 -1.19 -7.93
N ASN A 59 8.87 -2.05 -8.53
CA ASN A 59 9.82 -2.88 -7.78
C ASN A 59 9.10 -3.90 -6.91
N LEU A 60 8.10 -4.58 -7.49
CA LEU A 60 7.33 -5.58 -6.76
C LEU A 60 8.21 -6.77 -6.34
N ALA A 61 7.78 -7.46 -5.29
CA ALA A 61 8.54 -8.58 -4.76
C ALA A 61 7.84 -9.91 -5.05
N ALA A 62 7.66 -10.19 -6.34
CA ALA A 62 7.03 -11.44 -6.80
C ALA A 62 5.62 -11.62 -6.23
N GLY A 63 5.52 -12.26 -5.08
CA GLY A 63 4.22 -12.50 -4.46
C GLY A 63 3.71 -11.28 -3.73
N PHE A 64 4.60 -10.33 -3.48
CA PHE A 64 4.22 -9.09 -2.82
C PHE A 64 3.81 -8.05 -3.85
N SER A 65 2.57 -7.60 -3.73
CA SER A 65 2.03 -6.58 -4.63
C SER A 65 1.05 -5.73 -3.83
N ALA A 66 0.54 -4.65 -4.40
CA ALA A 66 -0.36 -3.78 -3.66
C ALA A 66 -1.78 -3.88 -4.21
N GLY A 67 -2.71 -3.21 -3.53
CA GLY A 67 -4.11 -3.26 -3.92
C GLY A 67 -4.79 -1.93 -3.76
N THR A 68 -6.09 -1.92 -3.99
CA THR A 68 -6.88 -0.70 -3.95
C THR A 68 -6.96 -0.12 -2.53
N SER A 69 -7.52 1.07 -2.42
CA SER A 69 -7.60 1.77 -1.15
C SER A 69 -9.05 1.82 -0.65
N THR A 70 -9.22 1.72 0.66
CA THR A 70 -10.55 1.64 1.26
C THR A 70 -10.63 2.45 2.55
N ASP A 71 -11.56 2.05 3.42
CA ASP A 71 -11.67 2.54 4.79
C ASP A 71 -12.12 3.99 4.85
N VAL A 72 -11.20 4.89 4.59
CA VAL A 72 -11.48 6.31 4.69
C VAL A 72 -12.37 6.79 3.54
N LEU A 73 -12.13 6.25 2.35
CA LEU A 73 -12.89 6.65 1.18
C LEU A 73 -14.16 5.81 0.97
N SER A 74 -14.12 4.56 1.40
CA SER A 74 -15.27 3.69 1.23
C SER A 74 -16.16 3.68 2.48
N SER A 75 -15.74 2.96 3.51
CA SER A 75 -16.53 2.86 4.73
C SER A 75 -15.64 2.46 5.91
N GLY A 76 -14.91 1.37 5.77
CA GLY A 76 -14.03 0.93 6.82
C GLY A 76 -13.41 -0.43 6.54
N THR A 77 -12.13 -0.55 6.85
CA THR A 77 -11.42 -1.81 6.70
C THR A 77 -10.48 -2.04 7.88
N VAL A 78 -10.76 -1.34 8.99
CA VAL A 78 -9.96 -1.38 10.21
C VAL A 78 -8.60 -0.72 10.00
N GLY A 79 -7.72 -1.39 9.26
CA GLY A 79 -6.40 -0.86 9.02
C GLY A 79 -5.35 -1.96 9.03
N SER A 80 -4.27 -1.73 9.76
CA SER A 80 -3.20 -2.72 9.90
C SER A 80 -2.39 -2.42 11.16
N SER A 1 -11.31 16.98 -2.34
CA SER A 1 -10.44 16.96 -3.53
C SER A 1 -9.23 16.05 -3.30
N PHE A 2 -8.26 16.54 -2.53
CA PHE A 2 -7.11 15.73 -2.15
C PHE A 2 -7.50 14.80 -1.02
N VAL A 3 -7.01 13.58 -1.09
CA VAL A 3 -7.39 12.56 -0.12
C VAL A 3 -6.22 11.63 0.18
N GLN A 4 -6.03 11.33 1.46
CA GLN A 4 -5.01 10.37 1.89
C GLN A 4 -5.67 9.03 2.20
N CYS A 5 -4.91 7.96 2.10
CA CYS A 5 -5.48 6.63 2.26
C CYS A 5 -4.42 5.62 2.72
N ASN A 6 -4.87 4.59 3.42
CA ASN A 6 -3.98 3.50 3.78
C ASN A 6 -3.71 2.64 2.57
N HIS A 7 -2.48 2.71 2.11
CA HIS A 7 -2.04 1.97 0.93
C HIS A 7 -1.94 0.49 1.24
N HIS A 8 -2.68 -0.31 0.51
CA HIS A 8 -2.76 -1.73 0.77
C HIS A 8 -1.63 -2.49 0.11
N LEU A 9 -1.05 -3.42 0.84
CA LEU A 9 -0.16 -4.39 0.25
C LEU A 9 -0.88 -5.74 0.30
N LEU A 10 -1.04 -6.35 -0.86
CA LEU A 10 -1.76 -7.59 -0.98
C LEU A 10 -0.81 -8.74 -1.21
N TYR A 11 -0.85 -9.71 -0.32
CA TYR A 11 -0.04 -10.91 -0.44
C TYR A 11 -0.86 -11.98 -1.12
N ASN A 12 -0.21 -12.78 -1.96
CA ASN A 12 -0.86 -13.89 -2.64
C ASN A 12 -1.63 -14.75 -1.64
N GLY A 13 -2.94 -14.56 -1.59
CA GLY A 13 -3.75 -15.27 -0.65
C GLY A 13 -4.67 -14.34 0.12
N ARG A 14 -4.09 -13.31 0.75
CA ARG A 14 -4.88 -12.42 1.60
C ARG A 14 -4.13 -11.12 1.92
N HIS A 15 -4.89 -10.12 2.32
CA HIS A 15 -4.38 -8.85 2.84
C HIS A 15 -3.21 -9.06 3.81
N TRP A 16 -2.10 -8.38 3.55
CA TRP A 16 -0.93 -8.48 4.40
C TRP A 16 -0.87 -7.29 5.37
N GLY A 17 -0.87 -6.08 4.81
CA GLY A 17 -0.80 -4.89 5.64
C GLY A 17 -1.18 -3.65 4.87
N THR A 18 -1.18 -2.50 5.53
CA THR A 18 -1.51 -1.25 4.88
C THR A 18 -0.85 -0.07 5.60
N ILE A 19 -0.31 0.87 4.83
CA ILE A 19 0.39 2.03 5.38
C ILE A 19 -0.33 3.31 5.01
N ARG A 20 -0.46 4.22 5.97
CA ARG A 20 -1.17 5.47 5.75
C ARG A 20 -0.32 6.41 4.90
N LYS A 21 -0.74 6.63 3.66
CA LYS A 21 0.00 7.50 2.76
C LYS A 21 -0.96 8.29 1.87
N LYS A 22 -0.77 9.59 1.83
CA LYS A 22 -1.60 10.47 1.02
C LYS A 22 -1.28 10.30 -0.46
N ALA A 23 -2.26 10.59 -1.30
CA ALA A 23 -2.13 10.45 -2.75
C ALA A 23 -1.06 11.38 -3.29
N GLY A 24 -0.32 10.89 -4.29
CA GLY A 24 0.73 11.68 -4.89
C GLY A 24 2.08 11.43 -4.27
N TRP A 25 2.09 10.83 -3.09
CA TRP A 25 3.31 10.55 -2.37
C TRP A 25 3.65 9.06 -2.44
N ALA A 26 4.93 8.77 -2.54
CA ALA A 26 5.40 7.39 -2.61
C ALA A 26 5.45 6.77 -1.22
N VAL A 27 5.05 5.51 -1.12
CA VAL A 27 5.04 4.81 0.15
C VAL A 27 5.82 3.50 0.06
N ARG A 28 6.44 3.11 1.16
CA ARG A 28 7.22 1.89 1.21
C ARG A 28 6.33 0.69 1.54
N PHE A 29 6.64 -0.43 0.92
CA PHE A 29 6.02 -1.70 1.29
C PHE A 29 7.11 -2.72 1.54
N TYR A 30 6.98 -3.50 2.60
CA TYR A 30 8.04 -4.40 3.00
C TYR A 30 7.51 -5.62 3.73
N GLU A 31 8.29 -6.69 3.71
CA GLU A 31 8.04 -7.86 4.53
C GLU A 31 9.06 -7.90 5.65
N GLU A 32 8.61 -8.16 6.86
CA GLU A 32 9.52 -8.28 7.98
C GLU A 32 9.57 -9.72 8.47
N LYS A 33 10.62 -10.41 8.09
CA LYS A 33 10.87 -11.75 8.57
C LYS A 33 11.59 -11.66 9.91
N PRO A 34 11.04 -12.31 10.95
CA PRO A 34 11.55 -12.21 12.32
C PRO A 34 13.06 -12.40 12.43
N GLY A 35 13.74 -11.36 12.90
CA GLY A 35 15.17 -11.41 13.08
C GLY A 35 15.92 -10.78 11.92
N GLN A 36 15.23 -10.55 10.82
CA GLN A 36 15.85 -10.03 9.61
C GLN A 36 15.35 -8.62 9.32
N PRO A 37 16.11 -7.84 8.54
CA PRO A 37 15.67 -6.52 8.09
C PRO A 37 14.51 -6.62 7.11
N LYS A 38 13.79 -5.53 6.91
CA LYS A 38 12.62 -5.54 6.07
C LYS A 38 13.01 -5.60 4.59
N ARG A 39 12.29 -6.41 3.83
CA ARG A 39 12.54 -6.53 2.41
C ARG A 39 11.54 -5.68 1.64
N LEU A 40 12.05 -4.76 0.82
CA LEU A 40 11.20 -3.95 -0.04
C LEU A 40 10.42 -4.82 -1.01
N VAL A 41 9.13 -4.94 -0.76
CA VAL A 41 8.28 -5.78 -1.59
C VAL A 41 7.59 -4.95 -2.66
N ALA A 42 7.55 -3.63 -2.46
CA ALA A 42 7.00 -2.71 -3.43
C ALA A 42 7.20 -1.26 -3.03
N ILE A 43 7.55 -0.44 -4.00
CA ILE A 43 7.53 1.00 -3.84
C ILE A 43 6.36 1.52 -4.66
N CYS A 44 5.33 2.03 -3.99
CA CYS A 44 4.09 2.33 -4.68
C CYS A 44 3.53 3.69 -4.29
N LYS A 45 2.76 4.28 -5.19
CA LYS A 45 2.09 5.54 -4.94
C LYS A 45 0.80 5.59 -5.72
N ASN A 46 -0.11 6.48 -5.35
CA ASN A 46 -1.42 6.54 -6.00
C ASN A 46 -1.35 7.38 -7.27
N ALA A 47 -1.97 6.88 -8.33
CA ALA A 47 -1.89 7.48 -9.67
C ALA A 47 -2.02 9.00 -9.64
N SER A 48 -3.07 9.48 -8.99
CA SER A 48 -3.32 10.91 -8.90
C SER A 48 -2.74 11.47 -7.61
N PRO A 49 -2.13 12.66 -7.69
CA PRO A 49 -1.65 13.38 -6.51
C PRO A 49 -2.79 14.10 -5.79
N VAL A 50 -4.01 13.92 -6.30
CA VAL A 50 -5.19 14.55 -5.74
C VAL A 50 -6.15 13.50 -5.17
N HIS A 51 -6.91 12.87 -6.06
CA HIS A 51 -7.85 11.83 -5.67
C HIS A 51 -7.18 10.47 -5.68
N CYS A 52 -7.83 9.50 -5.07
CA CYS A 52 -7.30 8.14 -5.04
C CYS A 52 -7.97 7.28 -6.11
N ASN A 53 -7.15 6.66 -6.95
CA ASN A 53 -7.66 5.88 -8.07
C ASN A 53 -7.10 4.47 -8.01
N TYR A 54 -5.93 4.30 -8.58
CA TYR A 54 -5.21 3.04 -8.55
C TYR A 54 -3.79 3.28 -8.09
N LEU A 55 -3.05 2.20 -7.90
CA LEU A 55 -1.70 2.31 -7.38
C LEU A 55 -0.67 1.98 -8.44
N LYS A 56 0.33 2.85 -8.55
CA LYS A 56 1.48 2.60 -9.39
C LYS A 56 2.63 2.13 -8.51
N CYS A 57 2.91 0.84 -8.54
CA CYS A 57 3.97 0.28 -7.74
C CYS A 57 5.07 -0.30 -8.61
N THR A 58 6.30 -0.18 -8.15
CA THR A 58 7.44 -0.74 -8.84
C THR A 58 8.22 -1.63 -7.88
N ASN A 59 9.03 -2.53 -8.43
CA ASN A 59 9.77 -3.51 -7.62
C ASN A 59 8.79 -4.37 -6.82
N LEU A 60 8.09 -5.25 -7.52
CA LEU A 60 7.13 -6.15 -6.90
C LEU A 60 7.81 -7.46 -6.53
N ALA A 61 7.65 -7.88 -5.29
CA ALA A 61 8.34 -9.05 -4.77
C ALA A 61 7.49 -10.31 -4.93
N ALA A 62 7.41 -10.78 -6.17
CA ALA A 62 6.73 -12.04 -6.51
C ALA A 62 5.25 -12.02 -6.11
N GLY A 63 4.95 -12.53 -4.92
CA GLY A 63 3.58 -12.61 -4.46
C GLY A 63 3.18 -11.39 -3.67
N PHE A 64 4.11 -10.45 -3.54
CA PHE A 64 3.85 -9.21 -2.85
C PHE A 64 3.61 -8.09 -3.85
N SER A 65 2.35 -7.66 -3.92
CA SER A 65 1.97 -6.54 -4.76
C SER A 65 0.98 -5.68 -3.97
N ALA A 66 0.65 -4.51 -4.46
CA ALA A 66 -0.18 -3.61 -3.67
C ALA A 66 -1.62 -3.63 -4.16
N GLY A 67 -2.53 -3.12 -3.35
CA GLY A 67 -3.95 -3.15 -3.68
C GLY A 67 -4.67 -1.87 -3.28
N THR A 68 -5.99 -1.87 -3.47
CA THR A 68 -6.81 -0.69 -3.19
C THR A 68 -6.74 -0.31 -1.71
N SER A 69 -7.08 0.93 -1.45
CA SER A 69 -6.84 1.53 -0.15
C SER A 69 -8.05 1.35 0.78
N THR A 70 -7.78 1.16 2.06
CA THR A 70 -8.84 0.92 3.03
C THR A 70 -8.69 1.81 4.27
N ASP A 71 -9.32 1.36 5.37
CA ASP A 71 -9.26 2.01 6.67
C ASP A 71 -10.02 3.31 6.70
N VAL A 72 -9.37 4.39 6.27
CA VAL A 72 -9.94 5.71 6.37
C VAL A 72 -11.15 5.89 5.46
N LEU A 73 -11.02 5.48 4.20
CA LEU A 73 -12.11 5.60 3.26
C LEU A 73 -13.04 4.38 3.28
N SER A 74 -12.48 3.22 3.65
CA SER A 74 -13.25 1.98 3.60
C SER A 74 -14.22 1.90 4.78
N SER A 75 -13.70 2.04 6.00
CA SER A 75 -14.50 1.89 7.23
C SER A 75 -14.92 0.43 7.41
N GLY A 76 -14.42 -0.20 8.46
CA GLY A 76 -14.62 -1.62 8.66
C GLY A 76 -13.43 -2.41 8.17
N THR A 77 -12.26 -1.81 8.36
CA THR A 77 -11.02 -2.32 7.83
C THR A 77 -9.87 -2.06 8.81
N VAL A 78 -8.88 -2.94 8.82
CA VAL A 78 -7.73 -2.78 9.70
C VAL A 78 -6.65 -1.95 9.01
N GLY A 79 -6.39 -0.76 9.54
CA GLY A 79 -5.41 0.11 8.93
C GLY A 79 -4.48 0.76 9.94
N SER A 80 -3.54 1.55 9.43
CA SER A 80 -2.60 2.26 10.28
C SER A 80 -3.04 3.71 10.43
N SER A 1 -10.45 17.75 -2.99
CA SER A 1 -9.78 17.44 -4.27
C SER A 1 -8.61 16.48 -4.03
N PHE A 2 -7.62 16.94 -3.28
CA PHE A 2 -6.50 16.09 -2.90
C PHE A 2 -6.93 15.19 -1.74
N VAL A 3 -6.50 13.94 -1.77
CA VAL A 3 -6.95 12.97 -0.80
C VAL A 3 -5.81 12.04 -0.36
N GLN A 4 -5.77 11.77 0.93
CA GLN A 4 -4.79 10.84 1.50
C GLN A 4 -5.50 9.54 1.88
N CYS A 5 -4.81 8.41 1.75
CA CYS A 5 -5.44 7.13 1.96
C CYS A 5 -4.45 6.08 2.51
N ASN A 6 -4.99 5.14 3.29
CA ASN A 6 -4.20 4.04 3.78
C ASN A 6 -3.91 3.06 2.65
N HIS A 7 -2.65 2.99 2.30
CA HIS A 7 -2.19 2.16 1.19
C HIS A 7 -2.06 0.71 1.64
N HIS A 8 -2.98 -0.14 1.16
CA HIS A 8 -2.97 -1.55 1.53
C HIS A 8 -2.00 -2.33 0.65
N LEU A 9 -1.08 -3.04 1.30
CA LEU A 9 -0.12 -3.87 0.59
C LEU A 9 -0.63 -5.30 0.62
N LEU A 10 -0.58 -5.97 -0.52
CA LEU A 10 -1.09 -7.32 -0.63
C LEU A 10 0.06 -8.32 -0.69
N TYR A 11 0.09 -9.18 0.32
CA TYR A 11 1.07 -10.24 0.41
C TYR A 11 0.44 -11.50 -0.15
N ASN A 12 1.24 -12.33 -0.80
CA ASN A 12 0.74 -13.56 -1.40
C ASN A 12 0.08 -14.43 -0.35
N GLY A 13 -1.24 -14.38 -0.30
CA GLY A 13 -1.99 -15.12 0.70
C GLY A 13 -3.06 -14.28 1.37
N ARG A 14 -2.73 -13.04 1.73
CA ARG A 14 -3.66 -12.18 2.47
C ARG A 14 -3.09 -10.77 2.66
N HIS A 15 -3.95 -9.83 3.06
CA HIS A 15 -3.57 -8.47 3.44
C HIS A 15 -2.30 -8.47 4.31
N TRP A 16 -1.32 -7.68 3.89
CA TRP A 16 -0.03 -7.64 4.56
C TRP A 16 0.08 -6.45 5.50
N GLY A 17 -0.08 -5.24 4.95
CA GLY A 17 0.08 -4.05 5.76
C GLY A 17 -0.51 -2.82 5.10
N THR A 18 -0.46 -1.68 5.78
CA THR A 18 -1.04 -0.46 5.27
C THR A 18 -0.32 0.77 5.84
N ILE A 19 0.01 1.70 4.96
CA ILE A 19 0.63 2.96 5.35
C ILE A 19 -0.26 4.13 4.92
N ARG A 20 -0.46 5.09 5.80
CA ARG A 20 -1.29 6.25 5.49
C ARG A 20 -0.49 7.27 4.68
N LYS A 21 -0.76 7.33 3.38
CA LYS A 21 -0.04 8.24 2.49
C LYS A 21 -1.00 8.90 1.51
N LYS A 22 -0.71 10.15 1.17
CA LYS A 22 -1.51 10.91 0.22
C LYS A 22 -1.36 10.33 -1.18
N ALA A 23 -2.42 10.45 -1.97
CA ALA A 23 -2.42 9.95 -3.33
C ALA A 23 -1.44 10.72 -4.19
N GLY A 24 -0.69 9.99 -5.00
CA GLY A 24 0.29 10.60 -5.87
C GLY A 24 1.68 10.55 -5.28
N TRP A 25 1.74 10.48 -3.96
CA TRP A 25 3.01 10.41 -3.26
C TRP A 25 3.45 8.96 -3.08
N ALA A 26 4.69 8.68 -3.44
CA ALA A 26 5.24 7.34 -3.38
C ALA A 26 5.44 6.89 -1.94
N VAL A 27 4.88 5.73 -1.61
CA VAL A 27 4.96 5.20 -0.27
C VAL A 27 5.73 3.88 -0.26
N ARG A 28 6.47 3.64 0.81
CA ARG A 28 7.30 2.45 0.92
C ARG A 28 6.47 1.26 1.38
N PHE A 29 6.82 0.09 0.89
CA PHE A 29 6.26 -1.16 1.37
C PHE A 29 7.38 -2.16 1.55
N TYR A 30 7.27 -3.01 2.55
CA TYR A 30 8.37 -3.92 2.89
C TYR A 30 7.85 -5.23 3.46
N GLU A 31 8.73 -6.23 3.46
CA GLU A 31 8.45 -7.51 4.07
C GLU A 31 9.27 -7.65 5.35
N GLU A 32 8.64 -8.12 6.41
CA GLU A 32 9.34 -8.34 7.65
C GLU A 32 9.46 -9.83 7.93
N LYS A 33 10.69 -10.33 7.90
CA LYS A 33 10.96 -11.72 8.15
C LYS A 33 11.63 -11.88 9.51
N PRO A 34 11.07 -12.71 10.39
CA PRO A 34 11.60 -12.91 11.74
C PRO A 34 13.06 -13.34 11.73
N GLY A 35 13.89 -12.61 12.48
CA GLY A 35 15.30 -12.91 12.54
C GLY A 35 16.08 -12.27 11.39
N GLN A 36 15.35 -11.74 10.43
CA GLN A 36 15.94 -11.20 9.22
C GLN A 36 15.55 -9.72 9.04
N PRO A 37 16.33 -8.97 8.25
CA PRO A 37 16.03 -7.57 7.96
C PRO A 37 14.82 -7.42 7.05
N LYS A 38 14.19 -6.26 7.10
CA LYS A 38 13.02 -5.99 6.29
C LYS A 38 13.43 -5.43 4.93
N ARG A 39 12.76 -5.88 3.90
CA ARG A 39 13.14 -5.56 2.52
C ARG A 39 12.02 -4.79 1.84
N LEU A 40 12.35 -3.60 1.34
CA LEU A 40 11.40 -2.77 0.62
C LEU A 40 10.92 -3.52 -0.63
N VAL A 41 9.68 -4.00 -0.59
CA VAL A 41 9.17 -4.88 -1.63
C VAL A 41 8.72 -4.12 -2.85
N ALA A 42 8.26 -2.89 -2.66
CA ALA A 42 7.77 -2.08 -3.76
C ALA A 42 7.44 -0.66 -3.31
N ILE A 43 7.70 0.28 -4.18
CA ILE A 43 7.32 1.66 -3.93
C ILE A 43 6.07 1.95 -4.73
N CYS A 44 4.96 2.19 -4.05
CA CYS A 44 3.69 2.32 -4.73
C CYS A 44 3.08 3.69 -4.51
N LYS A 45 2.35 4.16 -5.51
CA LYS A 45 1.67 5.43 -5.43
C LYS A 45 0.49 5.48 -6.39
N ASN A 46 -0.38 6.44 -6.18
CA ASN A 46 -1.59 6.57 -6.97
C ASN A 46 -1.29 7.27 -8.29
N ALA A 47 -2.07 6.97 -9.32
CA ALA A 47 -1.90 7.56 -10.64
C ALA A 47 -1.88 9.09 -10.56
N SER A 48 -2.86 9.64 -9.86
CA SER A 48 -2.99 11.08 -9.74
C SER A 48 -2.56 11.55 -8.36
N PRO A 49 -1.82 12.66 -8.29
CA PRO A 49 -1.42 13.28 -7.01
C PRO A 49 -2.53 14.14 -6.41
N VAL A 50 -3.73 14.04 -6.97
CA VAL A 50 -4.88 14.78 -6.48
C VAL A 50 -5.92 13.83 -5.92
N HIS A 51 -6.76 13.26 -6.79
CA HIS A 51 -7.76 12.29 -6.36
C HIS A 51 -7.19 10.90 -6.43
N CYS A 52 -7.78 9.98 -5.68
CA CYS A 52 -7.26 8.63 -5.57
C CYS A 52 -8.00 7.69 -6.50
N ASN A 53 -7.25 6.96 -7.32
CA ASN A 53 -7.85 6.01 -8.26
C ASN A 53 -7.39 4.61 -7.91
N TYR A 54 -6.26 4.20 -8.46
CA TYR A 54 -5.68 2.88 -8.20
C TYR A 54 -4.19 3.03 -7.92
N LEU A 55 -3.56 1.94 -7.50
CA LEU A 55 -2.17 2.00 -7.07
C LEU A 55 -1.23 1.45 -8.12
N LYS A 56 -0.31 2.29 -8.56
CA LYS A 56 0.76 1.89 -9.46
C LYS A 56 2.05 1.75 -8.67
N CYS A 57 2.50 0.52 -8.49
CA CYS A 57 3.71 0.28 -7.71
C CYS A 57 4.88 -0.01 -8.62
N THR A 58 6.06 0.40 -8.21
CA THR A 58 7.26 0.17 -8.99
C THR A 58 8.27 -0.64 -8.18
N ASN A 59 9.15 -1.33 -8.88
CA ASN A 59 10.16 -2.21 -8.26
C ASN A 59 9.48 -3.24 -7.37
N LEU A 60 8.56 -3.99 -7.97
CA LEU A 60 7.82 -5.03 -7.26
C LEU A 60 8.73 -6.18 -6.87
N ALA A 61 8.41 -6.83 -5.76
CA ALA A 61 9.22 -7.96 -5.29
C ALA A 61 8.54 -9.27 -5.62
N ALA A 62 8.92 -9.86 -6.75
CA ALA A 62 8.35 -11.12 -7.22
C ALA A 62 6.84 -10.99 -7.48
N GLY A 63 6.05 -11.16 -6.43
CA GLY A 63 4.61 -11.03 -6.55
C GLY A 63 4.04 -10.12 -5.49
N PHE A 64 4.91 -9.50 -4.69
CA PHE A 64 4.47 -8.60 -3.65
C PHE A 64 4.16 -7.23 -4.22
N SER A 65 2.93 -6.80 -4.04
CA SER A 65 2.45 -5.55 -4.61
C SER A 65 1.33 -4.99 -3.74
N ALA A 66 0.82 -3.84 -4.11
CA ALA A 66 -0.20 -3.17 -3.33
C ALA A 66 -1.57 -3.39 -3.96
N GLY A 67 -2.62 -3.22 -3.17
CA GLY A 67 -3.96 -3.59 -3.60
C GLY A 67 -4.90 -2.41 -3.74
N THR A 68 -5.21 -1.75 -2.64
CA THR A 68 -6.22 -0.70 -2.64
C THR A 68 -6.12 0.15 -1.36
N SER A 69 -7.12 1.00 -1.15
CA SER A 69 -7.14 1.87 0.02
C SER A 69 -8.59 2.02 0.52
N THR A 70 -8.74 2.12 1.83
CA THR A 70 -10.06 2.18 2.46
C THR A 70 -10.08 3.18 3.60
N ASP A 71 -11.00 2.98 4.55
CA ASP A 71 -11.09 3.78 5.78
C ASP A 71 -11.44 5.23 5.50
N VAL A 72 -10.47 6.00 5.03
CA VAL A 72 -10.65 7.42 4.80
C VAL A 72 -11.57 7.69 3.61
N LEU A 73 -11.36 6.96 2.52
CA LEU A 73 -12.19 7.11 1.33
C LEU A 73 -13.39 6.18 1.40
N SER A 74 -13.28 5.11 2.17
CA SER A 74 -14.37 4.16 2.31
C SER A 74 -15.36 4.61 3.37
N SER A 75 -14.98 4.42 4.64
CA SER A 75 -15.79 4.81 5.80
C SER A 75 -15.09 4.32 7.06
N GLY A 76 -14.91 3.01 7.15
CA GLY A 76 -14.20 2.42 8.26
C GLY A 76 -13.76 1.01 7.95
N THR A 77 -12.49 0.71 8.22
CA THR A 77 -11.95 -0.62 7.97
C THR A 77 -10.92 -0.98 9.04
N VAL A 78 -11.12 -2.11 9.71
CA VAL A 78 -10.17 -2.58 10.71
C VAL A 78 -8.97 -3.25 10.04
N GLY A 79 -7.98 -2.45 9.69
CA GLY A 79 -6.84 -2.95 8.95
C GLY A 79 -5.56 -2.93 9.77
N SER A 80 -4.44 -2.84 9.07
CA SER A 80 -3.12 -2.87 9.68
C SER A 80 -2.08 -2.78 8.58
N SER A 1 -12.92 15.49 -2.59
CA SER A 1 -11.73 16.30 -2.90
C SER A 1 -10.50 15.40 -2.96
N PHE A 2 -9.34 15.92 -2.57
CA PHE A 2 -8.15 15.09 -2.44
C PHE A 2 -8.40 14.08 -1.34
N VAL A 3 -7.80 12.92 -1.45
CA VAL A 3 -8.07 11.84 -0.53
C VAL A 3 -6.79 11.17 -0.06
N GLN A 4 -6.71 10.92 1.24
CA GLN A 4 -5.58 10.22 1.83
C GLN A 4 -6.04 8.84 2.28
N CYS A 5 -5.18 7.84 2.09
CA CYS A 5 -5.60 6.45 2.26
C CYS A 5 -4.49 5.59 2.83
N ASN A 6 -4.87 4.48 3.44
CA ASN A 6 -3.91 3.43 3.77
C ASN A 6 -3.71 2.57 2.54
N HIS A 7 -2.52 2.64 1.97
CA HIS A 7 -2.23 1.85 0.78
C HIS A 7 -1.96 0.42 1.18
N HIS A 8 -2.71 -0.49 0.61
CA HIS A 8 -2.64 -1.89 1.00
C HIS A 8 -1.61 -2.64 0.17
N LEU A 9 -0.84 -3.48 0.85
CA LEU A 9 -0.03 -4.46 0.17
C LEU A 9 -0.80 -5.77 0.23
N LEU A 10 -1.17 -6.27 -0.92
CA LEU A 10 -2.00 -7.45 -1.02
C LEU A 10 -1.17 -8.68 -1.27
N TYR A 11 -1.32 -9.64 -0.39
CA TYR A 11 -0.64 -10.92 -0.52
C TYR A 11 -1.69 -11.97 -0.85
N ASN A 12 -1.28 -13.00 -1.57
CA ASN A 12 -2.18 -14.09 -1.93
C ASN A 12 -2.88 -14.64 -0.71
N GLY A 13 -4.13 -14.24 -0.52
CA GLY A 13 -4.89 -14.66 0.62
C GLY A 13 -5.60 -13.51 1.30
N ARG A 14 -4.85 -12.52 1.75
CA ARG A 14 -5.41 -11.45 2.56
C ARG A 14 -4.49 -10.23 2.59
N HIS A 15 -5.04 -9.10 3.07
CA HIS A 15 -4.27 -7.91 3.37
C HIS A 15 -3.05 -8.24 4.23
N TRP A 16 -1.86 -7.95 3.72
CA TRP A 16 -0.63 -8.25 4.42
C TRP A 16 -0.18 -7.05 5.25
N GLY A 17 -0.02 -5.91 4.60
CA GLY A 17 0.38 -4.70 5.29
C GLY A 17 -0.23 -3.47 4.66
N THR A 18 -0.23 -2.36 5.37
CA THR A 18 -0.77 -1.12 4.84
C THR A 18 -0.11 0.08 5.51
N ILE A 19 0.17 1.11 4.73
CA ILE A 19 0.72 2.36 5.25
C ILE A 19 -0.19 3.52 4.83
N ARG A 20 -0.62 4.32 5.79
CA ARG A 20 -1.48 5.46 5.48
C ARG A 20 -0.68 6.63 4.94
N LYS A 21 -0.88 6.90 3.65
CA LYS A 21 -0.27 8.03 2.97
C LYS A 21 -1.24 8.54 1.90
N LYS A 22 -1.37 9.86 1.81
CA LYS A 22 -2.25 10.46 0.82
C LYS A 22 -1.81 10.14 -0.60
N ALA A 23 -2.76 10.22 -1.53
CA ALA A 23 -2.51 9.89 -2.92
C ALA A 23 -1.39 10.72 -3.52
N GLY A 24 -0.58 10.09 -4.36
CA GLY A 24 0.52 10.77 -5.02
C GLY A 24 1.85 10.48 -4.37
N TRP A 25 1.86 10.44 -3.04
CA TRP A 25 3.08 10.25 -2.29
C TRP A 25 3.54 8.79 -2.34
N ALA A 26 4.85 8.62 -2.42
CA ALA A 26 5.44 7.30 -2.52
C ALA A 26 5.38 6.59 -1.17
N VAL A 27 4.92 5.36 -1.19
CA VAL A 27 4.80 4.56 0.01
C VAL A 27 5.62 3.28 -0.12
N ARG A 28 6.29 2.89 0.95
CA ARG A 28 7.12 1.70 0.94
C ARG A 28 6.41 0.54 1.59
N PHE A 29 6.56 -0.63 0.99
CA PHE A 29 6.04 -1.86 1.57
C PHE A 29 7.18 -2.83 1.80
N TYR A 30 7.16 -3.52 2.93
CA TYR A 30 8.26 -4.38 3.30
C TYR A 30 7.77 -5.59 4.08
N GLU A 31 8.56 -6.67 4.02
CA GLU A 31 8.21 -7.91 4.69
C GLU A 31 9.05 -8.08 5.95
N GLU A 32 8.45 -8.62 6.99
CA GLU A 32 9.14 -8.86 8.25
C GLU A 32 9.70 -10.29 8.30
N LYS A 33 11.00 -10.41 8.10
CA LYS A 33 11.65 -11.71 8.17
C LYS A 33 12.70 -11.70 9.27
N PRO A 34 12.74 -12.78 10.08
CA PRO A 34 13.63 -12.87 11.24
C PRO A 34 15.11 -12.87 10.86
N GLY A 35 15.82 -11.85 11.32
CA GLY A 35 17.25 -11.76 11.07
C GLY A 35 17.56 -10.87 9.89
N GLN A 36 16.54 -10.56 9.12
CA GLN A 36 16.70 -9.73 7.94
C GLN A 36 16.12 -8.34 8.18
N PRO A 37 16.70 -7.33 7.51
CA PRO A 37 16.08 -6.01 7.45
C PRO A 37 14.79 -6.09 6.66
N LYS A 38 13.87 -5.20 6.94
CA LYS A 38 12.55 -5.26 6.34
C LYS A 38 12.64 -5.00 4.84
N ARG A 39 12.43 -6.05 4.07
CA ARG A 39 12.75 -6.04 2.65
C ARG A 39 11.66 -5.36 1.86
N LEU A 40 12.04 -4.36 1.07
CA LEU A 40 11.11 -3.67 0.19
C LEU A 40 10.46 -4.64 -0.78
N VAL A 41 9.19 -4.89 -0.56
CA VAL A 41 8.43 -5.79 -1.41
C VAL A 41 7.73 -4.98 -2.50
N ALA A 42 7.66 -3.67 -2.29
CA ALA A 42 7.09 -2.77 -3.27
C ALA A 42 7.28 -1.31 -2.85
N ILE A 43 7.69 -0.51 -3.80
CA ILE A 43 7.63 0.93 -3.66
C ILE A 43 6.52 1.43 -4.56
N CYS A 44 5.47 1.95 -3.98
CA CYS A 44 4.27 2.23 -4.73
C CYS A 44 3.74 3.62 -4.43
N LYS A 45 2.94 4.14 -5.33
CA LYS A 45 2.27 5.42 -5.09
C LYS A 45 1.06 5.52 -6.01
N ASN A 46 0.17 6.43 -5.68
CA ASN A 46 -1.06 6.59 -6.45
C ASN A 46 -0.83 7.55 -7.61
N ALA A 47 -1.38 7.21 -8.78
CA ALA A 47 -1.16 7.96 -10.02
C ALA A 47 -1.24 9.46 -9.82
N SER A 48 -2.36 9.92 -9.27
CA SER A 48 -2.59 11.34 -9.04
C SER A 48 -2.31 11.71 -7.58
N PRO A 49 -1.80 12.92 -7.33
CA PRO A 49 -1.57 13.43 -5.99
C PRO A 49 -2.80 14.13 -5.39
N VAL A 50 -3.97 13.83 -5.94
CA VAL A 50 -5.21 14.42 -5.47
C VAL A 50 -6.21 13.31 -5.12
N HIS A 51 -6.81 12.72 -6.14
CA HIS A 51 -7.74 11.60 -5.93
C HIS A 51 -6.98 10.29 -6.02
N CYS A 52 -7.61 9.24 -5.53
CA CYS A 52 -7.02 7.92 -5.55
C CYS A 52 -7.63 7.10 -6.68
N ASN A 53 -6.78 6.62 -7.58
CA ASN A 53 -7.23 5.86 -8.74
C ASN A 53 -6.69 4.44 -8.66
N TYR A 54 -5.43 4.30 -9.02
CA TYR A 54 -4.73 3.02 -8.96
C TYR A 54 -3.36 3.23 -8.35
N LEU A 55 -2.73 2.14 -7.94
CA LEU A 55 -1.41 2.20 -7.37
C LEU A 55 -0.38 1.71 -8.37
N LYS A 56 0.62 2.55 -8.62
CA LYS A 56 1.71 2.19 -9.50
C LYS A 56 2.93 1.84 -8.67
N CYS A 57 3.23 0.55 -8.59
CA CYS A 57 4.29 0.07 -7.72
C CYS A 57 5.47 -0.47 -8.52
N THR A 58 6.66 -0.38 -7.94
CA THR A 58 7.85 -0.94 -8.53
C THR A 58 8.57 -1.82 -7.51
N ASN A 59 9.46 -2.69 -7.99
CA ASN A 59 10.23 -3.60 -7.13
C ASN A 59 9.33 -4.59 -6.41
N LEU A 60 8.34 -5.11 -7.12
CA LEU A 60 7.39 -6.07 -6.57
C LEU A 60 8.09 -7.37 -6.19
N ALA A 61 7.61 -8.02 -5.14
CA ALA A 61 8.21 -9.24 -4.65
C ALA A 61 7.31 -10.45 -4.90
N ALA A 62 7.13 -10.78 -6.18
CA ALA A 62 6.39 -11.98 -6.60
C ALA A 62 4.94 -11.97 -6.14
N GLY A 63 4.70 -12.53 -4.96
CA GLY A 63 3.35 -12.58 -4.42
C GLY A 63 2.96 -11.29 -3.74
N PHE A 64 3.96 -10.48 -3.44
CA PHE A 64 3.72 -9.18 -2.82
C PHE A 64 3.42 -8.14 -3.88
N SER A 65 2.17 -7.74 -3.95
CA SER A 65 1.73 -6.68 -4.82
C SER A 65 0.82 -5.76 -4.03
N ALA A 66 0.53 -4.58 -4.52
CA ALA A 66 -0.27 -3.64 -3.75
C ALA A 66 -1.71 -3.62 -4.25
N GLY A 67 -2.60 -3.10 -3.41
CA GLY A 67 -4.01 -3.12 -3.73
C GLY A 67 -4.71 -1.83 -3.33
N THR A 68 -6.05 -1.89 -3.29
CA THR A 68 -6.88 -0.73 -2.99
C THR A 68 -6.73 -0.29 -1.52
N SER A 69 -7.49 0.72 -1.13
CA SER A 69 -7.38 1.31 0.20
C SER A 69 -8.71 1.24 0.94
N THR A 70 -8.65 1.18 2.27
CA THR A 70 -9.84 1.05 3.09
C THR A 70 -9.74 1.92 4.34
N ASP A 71 -10.51 1.56 5.36
CA ASP A 71 -10.45 2.15 6.69
C ASP A 71 -10.89 3.61 6.68
N VAL A 72 -10.00 4.51 6.27
CA VAL A 72 -10.29 5.93 6.33
C VAL A 72 -11.38 6.32 5.34
N LEU A 73 -11.33 5.76 4.13
CA LEU A 73 -12.32 6.08 3.11
C LEU A 73 -13.53 5.13 3.18
N SER A 74 -13.26 3.85 3.41
CA SER A 74 -14.31 2.84 3.33
C SER A 74 -15.20 2.84 4.56
N SER A 75 -14.61 3.01 5.75
CA SER A 75 -15.37 3.01 7.01
C SER A 75 -16.06 1.65 7.23
N GLY A 76 -15.41 0.80 8.01
CA GLY A 76 -15.92 -0.55 8.24
C GLY A 76 -15.10 -1.59 7.52
N THR A 77 -13.80 -1.34 7.48
CA THR A 77 -12.87 -2.20 6.76
C THR A 77 -11.61 -2.40 7.59
N VAL A 78 -10.81 -3.40 7.24
CA VAL A 78 -9.58 -3.69 7.97
C VAL A 78 -8.39 -2.94 7.39
N GLY A 79 -7.81 -2.08 8.21
CA GLY A 79 -6.65 -1.31 7.80
C GLY A 79 -6.03 -0.57 8.97
N SER A 80 -5.16 -1.25 9.69
CA SER A 80 -4.53 -0.68 10.87
C SER A 80 -3.66 0.52 10.49
N SER A 1 -10.10 16.69 -3.93
CA SER A 1 -8.74 17.22 -3.80
C SER A 1 -7.79 16.11 -3.35
N PHE A 2 -6.57 16.47 -2.94
CA PHE A 2 -5.62 15.50 -2.46
C PHE A 2 -6.15 14.79 -1.22
N VAL A 3 -5.99 13.49 -1.20
CA VAL A 3 -6.57 12.64 -0.17
C VAL A 3 -5.53 11.63 0.35
N GLN A 4 -5.57 11.36 1.64
CA GLN A 4 -4.69 10.38 2.26
C GLN A 4 -5.40 9.03 2.35
N CYS A 5 -4.67 7.95 2.13
CA CYS A 5 -5.29 6.62 2.08
C CYS A 5 -4.36 5.57 2.70
N ASN A 6 -4.94 4.62 3.45
CA ASN A 6 -4.16 3.47 3.91
C ASN A 6 -3.90 2.56 2.72
N HIS A 7 -2.66 2.47 2.32
CA HIS A 7 -2.30 1.67 1.17
C HIS A 7 -2.20 0.21 1.56
N HIS A 8 -2.96 -0.62 0.90
CA HIS A 8 -3.00 -2.04 1.21
C HIS A 8 -1.97 -2.79 0.38
N LEU A 9 -1.09 -3.51 1.06
CA LEU A 9 -0.14 -4.38 0.40
C LEU A 9 -0.71 -5.79 0.45
N LEU A 10 -0.80 -6.41 -0.71
CA LEU A 10 -1.44 -7.70 -0.85
C LEU A 10 -0.42 -8.81 -1.01
N TYR A 11 -0.56 -9.83 -0.19
CA TYR A 11 0.24 -11.03 -0.31
C TYR A 11 -0.62 -12.10 -0.93
N ASN A 12 -0.03 -12.96 -1.77
CA ASN A 12 -0.78 -14.04 -2.40
C ASN A 12 -1.46 -14.89 -1.33
N GLY A 13 -2.74 -14.64 -1.14
CA GLY A 13 -3.48 -15.28 -0.08
C GLY A 13 -4.44 -14.30 0.59
N ARG A 14 -3.90 -13.18 1.10
CA ARG A 14 -4.71 -12.19 1.80
C ARG A 14 -3.87 -10.93 2.10
N HIS A 15 -4.53 -9.89 2.59
CA HIS A 15 -3.86 -8.65 3.02
C HIS A 15 -2.66 -8.94 3.91
N TRP A 16 -1.55 -8.25 3.65
CA TRP A 16 -0.35 -8.43 4.45
C TRP A 16 -0.11 -7.23 5.38
N GLY A 17 -0.04 -6.03 4.80
CA GLY A 17 0.22 -4.85 5.59
C GLY A 17 -0.35 -3.60 4.95
N THR A 18 -0.45 -2.54 5.73
CA THR A 18 -1.02 -1.31 5.27
C THR A 18 -0.34 -0.10 5.92
N ILE A 19 0.05 0.86 5.10
CA ILE A 19 0.60 2.13 5.56
C ILE A 19 -0.25 3.27 5.01
N ARG A 20 -0.66 4.20 5.86
CA ARG A 20 -1.40 5.35 5.40
C ARG A 20 -0.47 6.36 4.74
N LYS A 21 -0.82 6.76 3.55
CA LYS A 21 -0.03 7.71 2.79
C LYS A 21 -0.94 8.55 1.92
N LYS A 22 -0.50 9.76 1.62
CA LYS A 22 -1.28 10.73 0.89
C LYS A 22 -1.09 10.55 -0.61
N ALA A 23 -2.13 10.83 -1.38
CA ALA A 23 -2.07 10.72 -2.83
C ALA A 23 -0.98 11.62 -3.41
N GLY A 24 -0.23 11.07 -4.35
CA GLY A 24 0.88 11.79 -4.93
C GLY A 24 2.19 11.46 -4.26
N TRP A 25 2.10 10.94 -3.04
CA TRP A 25 3.28 10.57 -2.27
C TRP A 25 3.48 9.07 -2.33
N ALA A 26 4.74 8.66 -2.49
CA ALA A 26 5.10 7.25 -2.56
C ALA A 26 5.19 6.66 -1.16
N VAL A 27 4.81 5.39 -1.03
CA VAL A 27 4.91 4.69 0.24
C VAL A 27 5.94 3.58 0.14
N ARG A 28 6.49 3.17 1.28
CA ARG A 28 7.43 2.08 1.30
C ARG A 28 6.75 0.82 1.81
N PHE A 29 6.91 -0.27 1.07
CA PHE A 29 6.39 -1.56 1.49
C PHE A 29 7.52 -2.56 1.57
N TYR A 30 7.62 -3.20 2.71
CA TYR A 30 8.71 -4.13 2.98
C TYR A 30 8.19 -5.26 3.85
N GLU A 31 8.88 -6.38 3.79
CA GLU A 31 8.53 -7.51 4.64
C GLU A 31 9.52 -7.63 5.78
N GLU A 32 9.02 -7.61 7.00
CA GLU A 32 9.88 -7.81 8.15
C GLU A 32 9.57 -9.16 8.79
N LYS A 33 10.45 -10.10 8.52
CA LYS A 33 10.33 -11.44 9.06
C LYS A 33 11.28 -11.57 10.25
N PRO A 34 10.75 -11.89 11.45
CA PRO A 34 11.54 -11.96 12.68
C PRO A 34 12.82 -12.77 12.50
N GLY A 35 13.95 -12.11 12.65
CA GLY A 35 15.24 -12.77 12.49
C GLY A 35 15.92 -12.37 11.19
N GLN A 36 15.13 -12.02 10.20
CA GLN A 36 15.65 -11.63 8.90
C GLN A 36 15.48 -10.13 8.69
N PRO A 37 16.40 -9.51 7.94
CA PRO A 37 16.30 -8.10 7.58
C PRO A 37 15.13 -7.83 6.66
N LYS A 38 14.58 -6.62 6.71
CA LYS A 38 13.40 -6.29 5.93
C LYS A 38 13.78 -6.04 4.47
N ARG A 39 12.96 -6.57 3.58
CA ARG A 39 13.21 -6.43 2.15
C ARG A 39 12.14 -5.57 1.53
N LEU A 40 12.55 -4.68 0.63
CA LEU A 40 11.62 -3.79 -0.05
C LEU A 40 10.82 -4.58 -1.07
N VAL A 41 9.54 -4.76 -0.77
CA VAL A 41 8.69 -5.58 -1.61
C VAL A 41 7.95 -4.70 -2.62
N ALA A 42 7.86 -3.41 -2.34
CA ALA A 42 7.22 -2.47 -3.24
C ALA A 42 7.35 -1.03 -2.76
N ILE A 43 7.54 -0.15 -3.70
CA ILE A 43 7.39 1.27 -3.47
C ILE A 43 6.19 1.74 -4.28
N CYS A 44 5.11 2.11 -3.64
CA CYS A 44 3.85 2.30 -4.34
C CYS A 44 3.23 3.63 -4.01
N LYS A 45 2.50 4.19 -4.94
CA LYS A 45 1.80 5.44 -4.72
C LYS A 45 0.48 5.43 -5.47
N ASN A 46 -0.42 6.32 -5.10
CA ASN A 46 -1.72 6.37 -5.75
C ASN A 46 -1.62 7.04 -7.12
N ALA A 47 -2.33 6.46 -8.09
CA ALA A 47 -2.29 6.90 -9.49
C ALA A 47 -2.27 8.42 -9.63
N SER A 48 -3.29 9.06 -9.09
CA SER A 48 -3.41 10.50 -9.15
C SER A 48 -2.83 11.13 -7.89
N PRO A 49 -2.10 12.24 -8.05
CA PRO A 49 -1.62 13.04 -6.92
C PRO A 49 -2.74 13.84 -6.27
N VAL A 50 -3.94 13.71 -6.85
CA VAL A 50 -5.11 14.39 -6.34
C VAL A 50 -6.00 13.41 -5.58
N HIS A 51 -6.80 12.65 -6.31
CA HIS A 51 -7.76 11.75 -5.67
C HIS A 51 -7.31 10.30 -5.82
N CYS A 52 -7.95 9.44 -5.04
CA CYS A 52 -7.50 8.07 -4.88
C CYS A 52 -8.20 7.11 -5.84
N ASN A 53 -7.40 6.40 -6.62
CA ASN A 53 -7.92 5.50 -7.64
C ASN A 53 -7.31 4.11 -7.49
N TYR A 54 -6.11 3.96 -8.06
CA TYR A 54 -5.39 2.69 -8.02
C TYR A 54 -3.96 2.94 -7.56
N LEU A 55 -3.22 1.88 -7.35
CA LEU A 55 -1.86 2.01 -6.84
C LEU A 55 -0.82 1.65 -7.89
N LYS A 56 0.13 2.56 -8.08
CA LYS A 56 1.26 2.35 -8.98
C LYS A 56 2.50 2.05 -8.16
N CYS A 57 2.94 0.80 -8.19
CA CYS A 57 4.05 0.36 -7.38
C CYS A 57 5.25 -0.02 -8.25
N THR A 58 6.44 0.12 -7.70
CA THR A 58 7.66 -0.31 -8.36
C THR A 58 8.45 -1.25 -7.45
N ASN A 59 9.33 -2.05 -8.06
CA ASN A 59 10.15 -3.02 -7.32
C ASN A 59 9.28 -4.07 -6.64
N LEU A 60 8.25 -4.51 -7.35
CA LEU A 60 7.34 -5.53 -6.83
C LEU A 60 8.07 -6.84 -6.57
N ALA A 61 7.81 -7.44 -5.42
CA ALA A 61 8.46 -8.68 -5.03
C ALA A 61 7.64 -9.89 -5.46
N ALA A 62 7.11 -9.83 -6.68
CA ALA A 62 6.34 -10.92 -7.29
C ALA A 62 5.07 -11.23 -6.52
N GLY A 63 5.19 -12.06 -5.48
CA GLY A 63 4.05 -12.39 -4.65
C GLY A 63 3.62 -11.21 -3.80
N PHE A 64 4.53 -10.25 -3.65
CA PHE A 64 4.23 -9.04 -2.92
C PHE A 64 3.84 -7.93 -3.90
N SER A 65 2.57 -7.57 -3.89
CA SER A 65 2.06 -6.51 -4.72
C SER A 65 1.06 -5.71 -3.90
N ALA A 66 0.67 -4.54 -4.38
CA ALA A 66 -0.26 -3.72 -3.64
C ALA A 66 -1.66 -3.80 -4.24
N GLY A 67 -2.66 -3.46 -3.45
CA GLY A 67 -4.03 -3.62 -3.87
C GLY A 67 -4.78 -2.30 -3.99
N THR A 68 -5.49 -1.94 -2.93
CA THR A 68 -6.33 -0.76 -2.94
C THR A 68 -6.20 -0.02 -1.61
N SER A 69 -7.10 0.93 -1.36
CA SER A 69 -7.11 1.68 -0.11
C SER A 69 -8.53 1.78 0.43
N THR A 70 -8.67 1.74 1.75
CA THR A 70 -9.98 1.70 2.39
C THR A 70 -10.02 2.60 3.62
N ASP A 71 -10.95 2.30 4.53
CA ASP A 71 -11.07 2.95 5.84
C ASP A 71 -11.34 4.44 5.72
N VAL A 72 -10.31 5.21 5.45
CA VAL A 72 -10.46 6.65 5.34
C VAL A 72 -11.23 7.04 4.08
N LEU A 73 -11.26 6.13 3.10
CA LEU A 73 -11.94 6.39 1.84
C LEU A 73 -13.40 5.99 1.90
N SER A 74 -13.61 4.72 2.23
CA SER A 74 -14.95 4.15 2.22
C SER A 74 -15.66 4.27 3.56
N SER A 75 -14.88 4.24 4.64
CA SER A 75 -15.39 4.38 6.01
C SER A 75 -16.23 3.16 6.45
N GLY A 76 -16.36 2.20 5.54
CA GLY A 76 -17.07 0.97 5.86
C GLY A 76 -16.11 -0.20 5.93
N THR A 77 -14.86 0.10 6.18
CA THR A 77 -13.81 -0.89 6.26
C THR A 77 -13.00 -0.70 7.55
N VAL A 78 -12.25 -1.71 7.95
CA VAL A 78 -11.46 -1.62 9.17
C VAL A 78 -10.02 -1.27 8.87
N GLY A 79 -9.65 -0.01 9.14
CA GLY A 79 -8.29 0.43 8.96
C GLY A 79 -7.35 -0.22 9.96
N SER A 80 -6.13 -0.50 9.52
CA SER A 80 -5.17 -1.21 10.35
C SER A 80 -4.32 -0.21 11.13
N SER A 1 -11.67 16.28 -2.96
CA SER A 1 -10.69 16.53 -4.03
C SER A 1 -9.40 15.76 -3.76
N PHE A 2 -8.65 16.19 -2.76
CA PHE A 2 -7.45 15.46 -2.35
C PHE A 2 -7.84 14.42 -1.31
N VAL A 3 -7.18 13.28 -1.37
CA VAL A 3 -7.56 12.16 -0.54
C VAL A 3 -6.34 11.34 -0.10
N GLN A 4 -6.34 10.95 1.17
CA GLN A 4 -5.31 10.08 1.70
C GLN A 4 -5.86 8.67 1.83
N CYS A 5 -5.00 7.68 1.72
CA CYS A 5 -5.44 6.30 1.77
C CYS A 5 -4.35 5.38 2.31
N ASN A 6 -4.75 4.47 3.19
CA ASN A 6 -3.85 3.43 3.66
C ASN A 6 -3.72 2.37 2.59
N HIS A 7 -2.57 2.37 1.93
CA HIS A 7 -2.33 1.49 0.80
C HIS A 7 -2.16 0.07 1.26
N HIS A 8 -3.00 -0.81 0.75
CA HIS A 8 -2.93 -2.21 1.12
C HIS A 8 -1.87 -2.93 0.31
N LEU A 9 -0.97 -3.61 1.01
CA LEU A 9 -0.02 -4.49 0.36
C LEU A 9 -0.58 -5.90 0.50
N LEU A 10 -0.82 -6.52 -0.63
CA LEU A 10 -1.51 -7.80 -0.66
C LEU A 10 -0.53 -8.94 -0.85
N TYR A 11 -0.57 -9.86 0.10
CA TYR A 11 0.23 -11.06 0.03
C TYR A 11 -0.67 -12.19 -0.41
N ASN A 12 -0.11 -13.16 -1.13
CA ASN A 12 -0.88 -14.31 -1.60
C ASN A 12 -1.52 -15.02 -0.43
N GLY A 13 -2.80 -14.75 -0.22
CA GLY A 13 -3.50 -15.28 0.92
C GLY A 13 -4.45 -14.29 1.55
N ARG A 14 -3.92 -13.13 1.96
CA ARG A 14 -4.74 -12.15 2.68
C ARG A 14 -4.00 -10.81 2.81
N HIS A 15 -4.75 -9.81 3.27
CA HIS A 15 -4.19 -8.50 3.67
C HIS A 15 -2.96 -8.71 4.54
N TRP A 16 -1.80 -8.30 4.04
CA TRP A 16 -0.55 -8.48 4.77
C TRP A 16 -0.26 -7.28 5.66
N GLY A 17 -0.22 -6.10 5.04
CA GLY A 17 0.07 -4.89 5.79
C GLY A 17 -0.38 -3.66 5.02
N THR A 18 -0.37 -2.51 5.69
CA THR A 18 -0.80 -1.28 5.07
C THR A 18 -0.14 -0.05 5.72
N ILE A 19 0.08 0.98 4.91
CA ILE A 19 0.61 2.24 5.40
C ILE A 19 -0.32 3.37 4.92
N ARG A 20 -0.75 4.21 5.84
CA ARG A 20 -1.68 5.28 5.51
C ARG A 20 -0.94 6.53 5.07
N LYS A 21 -1.14 6.90 3.81
CA LYS A 21 -0.47 8.07 3.24
C LYS A 21 -1.35 8.71 2.16
N LYS A 22 -1.22 10.02 2.01
CA LYS A 22 -1.98 10.77 1.02
C LYS A 22 -1.56 10.39 -0.39
N ALA A 23 -2.52 10.39 -1.31
CA ALA A 23 -2.26 10.00 -2.70
C ALA A 23 -1.25 10.94 -3.36
N GLY A 24 -0.37 10.36 -4.18
CA GLY A 24 0.63 11.14 -4.86
C GLY A 24 2.02 10.89 -4.29
N TRP A 25 2.06 10.53 -3.03
CA TRP A 25 3.32 10.25 -2.36
C TRP A 25 3.60 8.75 -2.37
N ALA A 26 4.87 8.41 -2.47
CA ALA A 26 5.29 7.02 -2.53
C ALA A 26 5.21 6.36 -1.16
N VAL A 27 4.61 5.19 -1.11
CA VAL A 27 4.52 4.45 0.13
C VAL A 27 5.48 3.27 0.10
N ARG A 28 6.25 3.11 1.16
CA ARG A 28 7.22 2.03 1.22
C ARG A 28 6.55 0.76 1.75
N PHE A 29 6.74 -0.32 1.03
CA PHE A 29 6.25 -1.61 1.47
C PHE A 29 7.42 -2.57 1.59
N TYR A 30 7.59 -3.14 2.77
CA TYR A 30 8.70 -4.03 3.04
C TYR A 30 8.27 -5.14 3.97
N GLU A 31 8.91 -6.29 3.83
CA GLU A 31 8.55 -7.45 4.63
C GLU A 31 9.44 -7.55 5.85
N GLU A 32 8.86 -7.96 6.96
CA GLU A 32 9.64 -8.25 8.15
C GLU A 32 9.48 -9.71 8.55
N LYS A 33 10.50 -10.49 8.24
CA LYS A 33 10.54 -11.89 8.58
C LYS A 33 11.59 -12.09 9.66
N PRO A 34 11.20 -12.65 10.82
CA PRO A 34 12.10 -12.81 11.97
C PRO A 34 13.43 -13.44 11.58
N GLY A 35 14.51 -12.68 11.76
CA GLY A 35 15.83 -13.16 11.41
C GLY A 35 16.36 -12.47 10.17
N GLN A 36 15.46 -12.05 9.30
CA GLN A 36 15.83 -11.38 8.06
C GLN A 36 15.60 -9.88 8.17
N PRO A 37 16.52 -9.07 7.62
CA PRO A 37 16.35 -7.61 7.56
C PRO A 37 15.14 -7.23 6.74
N LYS A 38 14.66 -6.01 6.94
CA LYS A 38 13.46 -5.54 6.28
C LYS A 38 13.73 -5.30 4.81
N ARG A 39 13.01 -6.01 3.96
CA ARG A 39 13.28 -6.01 2.53
C ARG A 39 12.13 -5.35 1.77
N LEU A 40 12.45 -4.39 0.91
CA LEU A 40 11.44 -3.72 0.11
C LEU A 40 10.73 -4.70 -0.81
N VAL A 41 9.41 -4.70 -0.72
CA VAL A 41 8.61 -5.62 -1.52
C VAL A 41 7.78 -4.85 -2.54
N ALA A 42 7.64 -3.55 -2.32
CA ALA A 42 6.91 -2.69 -3.23
C ALA A 42 7.05 -1.23 -2.88
N ILE A 43 7.19 -0.41 -3.90
CA ILE A 43 7.08 1.01 -3.74
C ILE A 43 5.90 1.46 -4.58
N CYS A 44 4.84 1.90 -3.95
CA CYS A 44 3.63 2.17 -4.69
C CYS A 44 3.11 3.56 -4.39
N LYS A 45 2.49 4.18 -5.37
CA LYS A 45 1.89 5.47 -5.20
C LYS A 45 0.67 5.58 -6.09
N ASN A 46 -0.16 6.56 -5.81
CA ASN A 46 -1.40 6.71 -6.55
C ASN A 46 -1.19 7.62 -7.74
N ALA A 47 -1.78 7.24 -8.88
CA ALA A 47 -1.55 7.92 -10.17
C ALA A 47 -1.58 9.45 -10.03
N SER A 48 -2.61 9.96 -9.37
CA SER A 48 -2.75 11.38 -9.15
C SER A 48 -2.24 11.78 -7.77
N PRO A 49 -1.56 12.93 -7.67
CA PRO A 49 -1.09 13.47 -6.39
C PRO A 49 -2.18 14.23 -5.63
N VAL A 50 -3.40 14.18 -6.18
CA VAL A 50 -4.54 14.82 -5.54
C VAL A 50 -5.65 13.81 -5.32
N HIS A 51 -6.17 13.26 -6.40
CA HIS A 51 -7.29 12.33 -6.33
C HIS A 51 -6.79 10.91 -6.31
N CYS A 52 -7.60 10.01 -5.78
CA CYS A 52 -7.23 8.60 -5.72
C CYS A 52 -7.90 7.85 -6.86
N ASN A 53 -7.09 7.21 -7.70
CA ASN A 53 -7.60 6.49 -8.86
C ASN A 53 -7.22 5.01 -8.75
N TYR A 54 -5.98 4.72 -9.08
CA TYR A 54 -5.45 3.37 -8.97
C TYR A 54 -4.07 3.43 -8.33
N LEU A 55 -3.50 2.27 -8.02
CA LEU A 55 -2.19 2.22 -7.40
C LEU A 55 -1.14 1.83 -8.42
N LYS A 56 -0.17 2.71 -8.60
CA LYS A 56 0.95 2.44 -9.48
C LYS A 56 2.14 2.02 -8.64
N CYS A 57 2.42 0.73 -8.64
CA CYS A 57 3.48 0.18 -7.81
C CYS A 57 4.68 -0.22 -8.66
N THR A 58 5.86 -0.23 -8.06
CA THR A 58 7.04 -0.70 -8.74
C THR A 58 7.93 -1.49 -7.78
N ASN A 59 8.90 -2.22 -8.35
CA ASN A 59 9.81 -3.07 -7.58
C ASN A 59 9.05 -4.07 -6.71
N LEU A 60 8.04 -4.70 -7.30
CA LEU A 60 7.27 -5.73 -6.60
C LEU A 60 8.14 -6.96 -6.34
N ALA A 61 7.92 -7.61 -5.19
CA ALA A 61 8.70 -8.77 -4.82
C ALA A 61 7.95 -10.06 -5.14
N ALA A 62 7.62 -10.23 -6.43
CA ALA A 62 6.98 -11.43 -6.95
C ALA A 62 5.60 -11.66 -6.34
N GLY A 63 5.56 -12.33 -5.19
CA GLY A 63 4.30 -12.61 -4.53
C GLY A 63 3.77 -11.40 -3.81
N PHE A 64 4.66 -10.48 -3.48
CA PHE A 64 4.28 -9.26 -2.79
C PHE A 64 3.85 -8.19 -3.80
N SER A 65 2.57 -7.86 -3.79
CA SER A 65 2.02 -6.83 -4.65
C SER A 65 1.06 -5.98 -3.83
N ALA A 66 0.62 -4.86 -4.38
CA ALA A 66 -0.29 -3.99 -3.66
C ALA A 66 -1.71 -4.16 -4.19
N GLY A 67 -2.68 -3.63 -3.47
CA GLY A 67 -4.06 -3.82 -3.83
C GLY A 67 -4.88 -2.55 -3.81
N THR A 68 -5.75 -2.44 -2.82
CA THR A 68 -6.69 -1.32 -2.74
C THR A 68 -6.40 -0.47 -1.50
N SER A 69 -7.31 0.44 -1.18
CA SER A 69 -7.19 1.27 0.01
C SER A 69 -8.54 1.33 0.71
N THR A 70 -8.53 1.35 2.03
CA THR A 70 -9.75 1.25 2.82
C THR A 70 -9.72 2.18 4.03
N ASP A 71 -10.30 1.72 5.14
CA ASP A 71 -10.28 2.39 6.44
C ASP A 71 -10.76 3.84 6.39
N VAL A 72 -9.89 4.75 5.96
CA VAL A 72 -10.21 6.17 5.94
C VAL A 72 -11.26 6.50 4.87
N LEU A 73 -11.07 5.95 3.67
CA LEU A 73 -12.00 6.20 2.57
C LEU A 73 -13.13 5.16 2.56
N SER A 74 -12.81 3.92 2.87
CA SER A 74 -13.77 2.84 2.78
C SER A 74 -14.51 2.67 4.10
N SER A 75 -13.76 2.46 5.18
CA SER A 75 -14.32 2.24 6.51
C SER A 75 -15.01 0.87 6.60
N GLY A 76 -15.06 0.33 7.81
CA GLY A 76 -15.60 -1.00 8.01
C GLY A 76 -14.57 -2.07 7.69
N THR A 77 -13.32 -1.64 7.69
CA THR A 77 -12.22 -2.52 7.36
C THR A 77 -11.57 -3.07 8.62
N VAL A 78 -11.23 -4.36 8.61
CA VAL A 78 -10.51 -4.97 9.73
C VAL A 78 -9.06 -4.45 9.76
N GLY A 79 -8.73 -3.74 10.82
CA GLY A 79 -7.45 -3.06 10.86
C GLY A 79 -7.47 -1.82 9.98
N SER A 80 -6.44 -1.65 9.16
CA SER A 80 -6.45 -0.59 8.18
C SER A 80 -6.46 -1.21 6.78
N SER A 1 -10.63 17.54 -3.23
CA SER A 1 -9.35 17.86 -3.88
C SER A 1 -8.30 16.80 -3.55
N PHE A 2 -7.57 16.99 -2.46
CA PHE A 2 -6.57 16.04 -2.01
C PHE A 2 -7.21 15.00 -1.10
N VAL A 3 -6.67 13.80 -1.15
CA VAL A 3 -7.19 12.70 -0.36
C VAL A 3 -6.06 11.79 0.12
N GLN A 4 -6.15 11.36 1.37
CA GLN A 4 -5.18 10.46 1.96
C GLN A 4 -5.84 9.13 2.27
N CYS A 5 -5.10 8.03 2.10
CA CYS A 5 -5.70 6.71 2.24
C CYS A 5 -4.67 5.67 2.66
N ASN A 6 -5.15 4.60 3.28
CA ASN A 6 -4.30 3.48 3.65
C ASN A 6 -4.06 2.58 2.45
N HIS A 7 -2.83 2.54 1.98
CA HIS A 7 -2.47 1.75 0.80
C HIS A 7 -2.32 0.29 1.20
N HIS A 8 -3.11 -0.57 0.57
CA HIS A 8 -3.13 -1.98 0.94
C HIS A 8 -2.13 -2.78 0.14
N LEU A 9 -1.36 -3.61 0.83
CA LEU A 9 -0.47 -4.56 0.18
C LEU A 9 -1.16 -5.92 0.20
N LEU A 10 -1.22 -6.57 -0.95
CA LEU A 10 -1.89 -7.86 -1.08
C LEU A 10 -0.86 -8.96 -1.28
N TYR A 11 -0.89 -9.95 -0.41
CA TYR A 11 -0.02 -11.09 -0.54
C TYR A 11 -0.81 -12.25 -1.11
N ASN A 12 -0.13 -13.12 -1.84
CA ASN A 12 -0.76 -14.33 -2.38
C ASN A 12 -1.37 -15.13 -1.24
N GLY A 13 -2.68 -15.00 -1.08
CA GLY A 13 -3.37 -15.67 0.00
C GLY A 13 -4.32 -14.75 0.73
N ARG A 14 -3.80 -13.64 1.25
CA ARG A 14 -4.59 -12.74 2.08
C ARG A 14 -3.97 -11.34 2.15
N HIS A 15 -4.65 -10.44 2.86
CA HIS A 15 -4.15 -9.09 3.10
C HIS A 15 -2.83 -9.13 3.87
N TRP A 16 -1.83 -8.41 3.37
CA TRP A 16 -0.52 -8.41 4.01
C TRP A 16 -0.42 -7.28 5.02
N GLY A 17 -0.68 -6.05 4.58
CA GLY A 17 -0.59 -4.91 5.46
C GLY A 17 -1.06 -3.64 4.78
N THR A 18 -1.01 -2.52 5.49
CA THR A 18 -1.41 -1.25 4.90
C THR A 18 -0.71 -0.08 5.60
N ILE A 19 -0.40 0.96 4.83
CA ILE A 19 0.17 2.19 5.37
C ILE A 19 -0.65 3.37 4.86
N ARG A 20 -1.11 4.23 5.78
CA ARG A 20 -1.98 5.34 5.39
C ARG A 20 -1.13 6.54 4.98
N LYS A 21 -1.18 6.86 3.70
CA LYS A 21 -0.41 7.96 3.13
C LYS A 21 -1.25 8.70 2.09
N LYS A 22 -0.93 9.97 1.89
CA LYS A 22 -1.70 10.80 0.97
C LYS A 22 -1.44 10.37 -0.47
N ALA A 23 -2.39 10.68 -1.35
CA ALA A 23 -2.28 10.35 -2.76
C ALA A 23 -1.10 11.08 -3.39
N GLY A 24 -0.40 10.41 -4.29
CA GLY A 24 0.74 11.01 -4.96
C GLY A 24 2.04 10.79 -4.22
N TRP A 25 1.95 10.53 -2.93
CA TRP A 25 3.14 10.32 -2.12
C TRP A 25 3.50 8.85 -2.07
N ALA A 26 4.76 8.56 -2.33
CA ALA A 26 5.26 7.20 -2.34
C ALA A 26 5.26 6.58 -0.95
N VAL A 27 4.70 5.39 -0.86
CA VAL A 27 4.69 4.65 0.39
C VAL A 27 5.56 3.40 0.24
N ARG A 28 6.14 2.94 1.34
CA ARG A 28 7.06 1.81 1.27
C ARG A 28 6.41 0.54 1.80
N PHE A 29 6.63 -0.56 1.09
CA PHE A 29 6.22 -1.86 1.56
C PHE A 29 7.45 -2.78 1.56
N TYR A 30 7.78 -3.31 2.72
CA TYR A 30 8.93 -4.20 2.84
C TYR A 30 8.71 -5.18 3.98
N GLU A 31 9.21 -6.39 3.82
CA GLU A 31 9.00 -7.43 4.81
C GLU A 31 10.09 -7.34 5.87
N GLU A 32 9.66 -7.31 7.12
CA GLU A 32 10.58 -7.29 8.23
C GLU A 32 10.58 -8.66 8.91
N LYS A 33 11.76 -9.17 9.17
CA LYS A 33 11.90 -10.43 9.86
C LYS A 33 12.93 -10.26 10.98
N PRO A 34 12.48 -10.35 12.24
CA PRO A 34 13.33 -10.08 13.41
C PRO A 34 14.66 -10.82 13.36
N GLY A 35 15.74 -10.05 13.32
CA GLY A 35 17.07 -10.64 13.29
C GLY A 35 17.53 -10.94 11.88
N GLN A 36 16.65 -10.72 10.92
CA GLN A 36 16.92 -10.99 9.52
C GLN A 36 16.83 -9.69 8.71
N PRO A 37 17.46 -9.64 7.53
CA PRO A 37 17.40 -8.48 6.65
C PRO A 37 16.02 -8.31 6.02
N LYS A 38 15.70 -7.07 5.67
CA LYS A 38 14.40 -6.72 5.15
C LYS A 38 14.48 -6.47 3.65
N ARG A 39 13.40 -6.72 2.94
CA ARG A 39 13.36 -6.49 1.51
C ARG A 39 12.13 -5.70 1.12
N LEU A 40 12.32 -4.74 0.23
CA LEU A 40 11.22 -3.96 -0.30
C LEU A 40 10.38 -4.83 -1.21
N VAL A 41 9.15 -5.06 -0.81
CA VAL A 41 8.25 -5.89 -1.58
C VAL A 41 7.57 -5.05 -2.66
N ALA A 42 7.53 -3.73 -2.44
CA ALA A 42 7.10 -2.78 -3.47
C ALA A 42 7.08 -1.35 -2.94
N ILE A 43 7.50 -0.43 -3.78
CA ILE A 43 7.34 0.99 -3.53
C ILE A 43 6.18 1.48 -4.36
N CYS A 44 5.12 1.92 -3.71
CA CYS A 44 3.88 2.20 -4.42
C CYS A 44 3.31 3.56 -4.03
N LYS A 45 2.58 4.16 -4.94
CA LYS A 45 1.92 5.42 -4.67
C LYS A 45 0.69 5.55 -5.54
N ASN A 46 -0.19 6.45 -5.18
CA ASN A 46 -1.42 6.67 -5.92
C ASN A 46 -1.15 7.54 -7.14
N ALA A 47 -1.70 7.16 -8.28
CA ALA A 47 -1.44 7.83 -9.56
C ALA A 47 -1.46 9.35 -9.44
N SER A 48 -2.58 9.89 -9.00
CA SER A 48 -2.73 11.33 -8.84
C SER A 48 -2.23 11.77 -7.47
N PRO A 49 -1.45 12.85 -7.42
CA PRO A 49 -0.98 13.44 -6.16
C PRO A 49 -2.06 14.29 -5.49
N VAL A 50 -3.23 14.32 -6.10
CA VAL A 50 -4.35 15.06 -5.55
C VAL A 50 -5.51 14.12 -5.25
N HIS A 51 -6.05 13.51 -6.29
CA HIS A 51 -7.20 12.61 -6.14
C HIS A 51 -6.71 11.17 -6.04
N CYS A 52 -7.58 10.29 -5.56
CA CYS A 52 -7.23 8.89 -5.42
C CYS A 52 -7.79 8.09 -6.59
N ASN A 53 -6.94 7.31 -7.24
CA ASN A 53 -7.35 6.51 -8.39
C ASN A 53 -7.03 5.05 -8.13
N TYR A 54 -5.78 4.68 -8.37
CA TYR A 54 -5.29 3.34 -8.12
C TYR A 54 -3.84 3.41 -7.67
N LEU A 55 -3.26 2.27 -7.36
CA LEU A 55 -1.89 2.22 -6.89
C LEU A 55 -0.95 1.75 -7.99
N LYS A 56 0.06 2.57 -8.25
CA LYS A 56 1.10 2.22 -9.21
C LYS A 56 2.39 1.94 -8.47
N CYS A 57 2.74 0.67 -8.41
CA CYS A 57 3.88 0.25 -7.60
C CYS A 57 5.04 -0.19 -8.47
N THR A 58 6.24 0.00 -7.95
CA THR A 58 7.44 -0.45 -8.63
C THR A 58 8.24 -1.36 -7.70
N ASN A 59 9.05 -2.24 -8.29
CA ASN A 59 9.83 -3.21 -7.53
C ASN A 59 8.90 -4.13 -6.74
N LEU A 60 7.97 -4.73 -7.45
CA LEU A 60 7.03 -5.68 -6.85
C LEU A 60 7.74 -7.00 -6.54
N ALA A 61 7.42 -7.59 -5.40
CA ALA A 61 8.05 -8.83 -4.98
C ALA A 61 7.24 -10.04 -5.45
N ALA A 62 6.82 -9.99 -6.72
CA ALA A 62 6.05 -11.05 -7.36
C ALA A 62 4.75 -11.36 -6.60
N GLY A 63 4.83 -12.29 -5.64
CA GLY A 63 3.69 -12.63 -4.83
C GLY A 63 3.23 -11.48 -3.95
N PHE A 64 4.10 -10.49 -3.81
CA PHE A 64 3.77 -9.28 -3.09
C PHE A 64 3.41 -8.17 -4.07
N SER A 65 2.11 -7.87 -4.13
CA SER A 65 1.62 -6.78 -4.95
C SER A 65 0.73 -5.88 -4.10
N ALA A 66 0.38 -4.71 -4.58
CA ALA A 66 -0.44 -3.81 -3.79
C ALA A 66 -1.84 -3.73 -4.39
N GLY A 67 -2.80 -3.39 -3.55
CA GLY A 67 -4.19 -3.43 -3.95
C GLY A 67 -4.88 -2.09 -3.86
N THR A 68 -6.00 -2.06 -3.16
CA THR A 68 -6.82 -0.87 -3.07
C THR A 68 -6.54 -0.07 -1.81
N SER A 69 -7.40 0.88 -1.53
CA SER A 69 -7.36 1.63 -0.29
C SER A 69 -8.79 1.77 0.25
N THR A 70 -8.94 1.67 1.57
CA THR A 70 -10.25 1.67 2.19
C THR A 70 -10.25 2.46 3.50
N ASP A 71 -11.21 2.12 4.38
CA ASP A 71 -11.33 2.73 5.71
C ASP A 71 -11.62 4.22 5.63
N VAL A 72 -10.60 5.02 5.38
CA VAL A 72 -10.73 6.46 5.38
C VAL A 72 -11.62 6.96 4.24
N LEU A 73 -11.46 6.38 3.07
CA LEU A 73 -12.31 6.71 1.93
C LEU A 73 -13.55 5.81 1.89
N SER A 74 -13.44 4.61 2.46
CA SER A 74 -14.51 3.64 2.41
C SER A 74 -15.50 3.86 3.54
N SER A 75 -15.13 3.44 4.74
CA SER A 75 -15.99 3.57 5.92
C SER A 75 -15.23 3.13 7.17
N GLY A 76 -14.98 1.83 7.26
CA GLY A 76 -14.23 1.27 8.37
C GLY A 76 -13.83 -0.15 8.07
N THR A 77 -12.61 -0.34 7.59
CA THR A 77 -12.16 -1.64 7.13
C THR A 77 -10.96 -2.13 7.91
N VAL A 78 -10.90 -1.78 9.20
CA VAL A 78 -9.72 -2.07 10.01
C VAL A 78 -8.50 -1.35 9.42
N GLY A 79 -8.51 -0.04 9.55
CA GLY A 79 -7.44 0.76 8.98
C GLY A 79 -6.36 1.09 9.99
N SER A 80 -5.13 1.17 9.53
CA SER A 80 -4.01 1.49 10.40
C SER A 80 -3.71 2.98 10.34
N SER A 1 -10.38 17.57 -2.57
CA SER A 1 -9.52 17.49 -3.77
C SER A 1 -8.39 16.51 -3.52
N PHE A 2 -7.52 16.82 -2.56
CA PHE A 2 -6.47 15.88 -2.18
C PHE A 2 -6.97 14.97 -1.09
N VAL A 3 -6.50 13.74 -1.10
CA VAL A 3 -6.97 12.74 -0.16
C VAL A 3 -5.85 11.77 0.23
N GLN A 4 -5.81 11.41 1.50
CA GLN A 4 -4.87 10.41 1.99
C GLN A 4 -5.61 9.09 2.23
N CYS A 5 -4.91 7.98 2.07
CA CYS A 5 -5.54 6.68 2.21
C CYS A 5 -4.54 5.61 2.62
N ASN A 6 -5.03 4.55 3.24
CA ASN A 6 -4.19 3.43 3.59
C ASN A 6 -3.91 2.59 2.35
N HIS A 7 -2.67 2.65 1.88
CA HIS A 7 -2.28 1.90 0.69
C HIS A 7 -2.10 0.44 1.08
N HIS A 8 -2.87 -0.44 0.47
CA HIS A 8 -2.85 -1.84 0.83
C HIS A 8 -1.81 -2.61 0.04
N LEU A 9 -0.94 -3.31 0.75
CA LEU A 9 -0.03 -4.26 0.15
C LEU A 9 -0.64 -5.65 0.36
N LEU A 10 -0.89 -6.35 -0.74
CA LEU A 10 -1.56 -7.63 -0.68
C LEU A 10 -0.60 -8.78 -0.94
N TYR A 11 -0.64 -9.76 -0.05
CA TYR A 11 0.18 -10.94 -0.18
C TYR A 11 -0.69 -12.10 -0.60
N ASN A 12 -0.10 -13.06 -1.32
CA ASN A 12 -0.82 -14.27 -1.71
C ASN A 12 -1.39 -14.96 -0.47
N GLY A 13 -2.68 -14.76 -0.24
CA GLY A 13 -3.31 -15.30 0.93
C GLY A 13 -4.28 -14.31 1.56
N ARG A 14 -3.80 -13.08 1.81
CA ARG A 14 -4.61 -12.03 2.42
C ARG A 14 -3.76 -10.77 2.65
N HIS A 15 -4.39 -9.73 3.21
CA HIS A 15 -3.71 -8.51 3.62
C HIS A 15 -2.38 -8.79 4.30
N TRP A 16 -1.34 -8.09 3.87
CA TRP A 16 -0.05 -8.17 4.53
C TRP A 16 0.19 -6.93 5.37
N GLY A 17 0.09 -5.76 4.74
CA GLY A 17 0.30 -4.52 5.44
C GLY A 17 -0.33 -3.34 4.73
N THR A 18 -0.47 -2.22 5.43
CA THR A 18 -0.99 -1.01 4.82
C THR A 18 -0.47 0.23 5.55
N ILE A 19 -0.09 1.25 4.79
CA ILE A 19 0.41 2.49 5.38
C ILE A 19 -0.54 3.63 5.03
N ARG A 20 -0.88 4.41 6.04
CA ARG A 20 -1.72 5.58 5.86
C ARG A 20 -0.91 6.71 5.23
N LYS A 21 -1.04 6.88 3.92
CA LYS A 21 -0.27 7.88 3.21
C LYS A 21 -1.13 8.58 2.17
N LYS A 22 -0.84 9.84 1.92
CA LYS A 22 -1.58 10.64 0.95
C LYS A 22 -1.43 10.09 -0.47
N ALA A 23 -2.43 10.37 -1.30
CA ALA A 23 -2.40 9.93 -2.69
C ALA A 23 -1.31 10.67 -3.46
N GLY A 24 -0.62 9.94 -4.32
CA GLY A 24 0.49 10.52 -5.07
C GLY A 24 1.80 10.32 -4.37
N TRP A 25 1.78 10.44 -3.04
CA TRP A 25 2.98 10.20 -2.24
C TRP A 25 3.38 8.74 -2.31
N ALA A 26 4.63 8.50 -2.69
CA ALA A 26 5.14 7.15 -2.79
C ALA A 26 5.38 6.56 -1.41
N VAL A 27 4.75 5.44 -1.14
CA VAL A 27 4.85 4.80 0.15
C VAL A 27 5.66 3.52 0.04
N ARG A 28 6.39 3.20 1.10
CA ARG A 28 7.29 2.06 1.08
C ARG A 28 6.64 0.83 1.70
N PHE A 29 6.77 -0.30 1.03
CA PHE A 29 6.36 -1.57 1.58
C PHE A 29 7.55 -2.50 1.62
N TYR A 30 7.81 -3.08 2.77
CA TYR A 30 8.94 -3.98 2.92
C TYR A 30 8.61 -5.04 3.94
N GLU A 31 9.17 -6.22 3.74
CA GLU A 31 8.87 -7.36 4.59
C GLU A 31 9.76 -7.39 5.81
N GLU A 32 9.15 -7.54 6.96
CA GLU A 32 9.88 -7.70 8.21
C GLU A 32 9.76 -9.13 8.69
N LYS A 33 10.81 -9.89 8.46
CA LYS A 33 10.83 -11.28 8.86
C LYS A 33 11.57 -11.43 10.18
N PRO A 34 10.97 -12.12 11.15
CA PRO A 34 11.56 -12.28 12.48
C PRO A 34 12.92 -12.98 12.43
N GLY A 35 13.96 -12.26 12.83
CA GLY A 35 15.30 -12.81 12.82
C GLY A 35 15.95 -12.71 11.46
N GLN A 36 15.25 -12.10 10.54
CA GLN A 36 15.72 -11.97 9.16
C GLN A 36 15.71 -10.50 8.73
N PRO A 37 16.53 -10.14 7.72
CA PRO A 37 16.59 -8.77 7.21
C PRO A 37 15.34 -8.36 6.44
N LYS A 38 15.16 -7.07 6.31
CA LYS A 38 13.94 -6.51 5.73
C LYS A 38 14.20 -6.04 4.30
N ARG A 39 13.27 -6.35 3.41
CA ARG A 39 13.49 -6.08 2.01
C ARG A 39 12.26 -5.40 1.41
N LEU A 40 12.50 -4.37 0.60
CA LEU A 40 11.43 -3.67 -0.10
C LEU A 40 10.67 -4.61 -1.00
N VAL A 41 9.38 -4.75 -0.75
CA VAL A 41 8.55 -5.65 -1.53
C VAL A 41 7.91 -4.91 -2.69
N ALA A 42 7.70 -3.60 -2.51
CA ALA A 42 7.23 -2.74 -3.59
C ALA A 42 7.04 -1.31 -3.09
N ILE A 43 7.34 -0.35 -3.97
CA ILE A 43 7.07 1.05 -3.67
C ILE A 43 5.82 1.49 -4.44
N CYS A 44 4.76 1.78 -3.71
CA CYS A 44 3.48 2.02 -4.32
C CYS A 44 3.00 3.45 -4.04
N LYS A 45 2.30 4.03 -5.00
CA LYS A 45 1.69 5.33 -4.80
C LYS A 45 0.50 5.48 -5.72
N ASN A 46 -0.36 6.42 -5.41
CA ASN A 46 -1.60 6.58 -6.16
C ASN A 46 -1.34 7.34 -7.44
N ALA A 47 -2.04 6.95 -8.51
CA ALA A 47 -1.85 7.54 -9.85
C ALA A 47 -1.71 9.06 -9.78
N SER A 48 -2.72 9.70 -9.22
CA SER A 48 -2.72 11.15 -9.08
C SER A 48 -2.18 11.56 -7.71
N PRO A 49 -1.37 12.61 -7.65
CA PRO A 49 -0.86 13.15 -6.39
C PRO A 49 -1.85 14.11 -5.74
N VAL A 50 -3.12 13.94 -6.08
CA VAL A 50 -4.18 14.77 -5.51
C VAL A 50 -5.37 13.89 -5.14
N HIS A 51 -6.10 13.43 -6.15
CA HIS A 51 -7.25 12.56 -5.93
C HIS A 51 -6.78 11.12 -5.84
N CYS A 52 -7.60 10.28 -5.25
CA CYS A 52 -7.28 8.87 -5.11
C CYS A 52 -8.05 8.06 -6.15
N ASN A 53 -7.32 7.27 -6.92
CA ASN A 53 -7.92 6.46 -7.97
C ASN A 53 -7.54 5.00 -7.75
N TYR A 54 -6.32 4.65 -8.14
CA TYR A 54 -5.78 3.32 -7.93
C TYR A 54 -4.30 3.44 -7.59
N LEU A 55 -3.67 2.32 -7.25
CA LEU A 55 -2.28 2.35 -6.83
C LEU A 55 -1.35 1.94 -7.94
N LYS A 56 -0.43 2.84 -8.27
CA LYS A 56 0.65 2.58 -9.19
C LYS A 56 1.86 2.11 -8.41
N CYS A 57 2.16 0.84 -8.48
CA CYS A 57 3.28 0.31 -7.73
C CYS A 57 4.28 -0.32 -8.66
N THR A 58 5.46 -0.60 -8.15
CA THR A 58 6.52 -1.17 -8.94
C THR A 58 7.56 -1.83 -8.03
N ASN A 59 8.38 -2.70 -8.63
CA ASN A 59 9.38 -3.47 -7.88
C ASN A 59 8.70 -4.50 -6.99
N LEU A 60 7.56 -5.02 -7.47
CA LEU A 60 6.78 -6.01 -6.72
C LEU A 60 7.61 -7.26 -6.45
N ALA A 61 7.48 -7.80 -5.26
CA ALA A 61 8.27 -8.96 -4.84
C ALA A 61 7.50 -10.26 -5.02
N ALA A 62 7.21 -10.58 -6.28
CA ALA A 62 6.56 -11.84 -6.67
C ALA A 62 5.19 -12.01 -6.00
N GLY A 63 5.18 -12.61 -4.82
CA GLY A 63 3.95 -12.83 -4.10
C GLY A 63 3.42 -11.56 -3.47
N PHE A 64 4.32 -10.59 -3.27
CA PHE A 64 3.96 -9.31 -2.70
C PHE A 64 3.53 -8.35 -3.80
N SER A 65 2.25 -8.04 -3.82
CA SER A 65 1.69 -7.09 -4.76
C SER A 65 0.87 -6.07 -3.99
N ALA A 66 0.37 -5.03 -4.65
CA ALA A 66 -0.40 -4.02 -3.95
C ALA A 66 -1.85 -4.05 -4.40
N GLY A 67 -2.74 -3.53 -3.56
CA GLY A 67 -4.15 -3.56 -3.85
C GLY A 67 -4.76 -2.18 -3.88
N THR A 68 -6.04 -2.10 -3.55
CA THR A 68 -6.75 -0.83 -3.49
C THR A 68 -6.52 -0.15 -2.14
N SER A 69 -7.16 0.98 -1.93
CA SER A 69 -7.08 1.68 -0.66
C SER A 69 -8.49 1.81 -0.08
N THR A 70 -8.61 1.68 1.24
CA THR A 70 -9.92 1.60 1.87
C THR A 70 -9.99 2.41 3.17
N ASP A 71 -10.92 2.01 4.04
CA ASP A 71 -11.10 2.59 5.38
C ASP A 71 -11.49 4.06 5.33
N VAL A 72 -10.54 4.94 5.06
CA VAL A 72 -10.79 6.37 5.10
C VAL A 72 -11.73 6.81 3.98
N LEU A 73 -11.46 6.35 2.76
CA LEU A 73 -12.31 6.69 1.63
C LEU A 73 -13.43 5.67 1.45
N SER A 74 -13.11 4.39 1.59
CA SER A 74 -14.06 3.32 1.33
C SER A 74 -15.05 3.17 2.48
N SER A 75 -14.54 3.24 3.71
CA SER A 75 -15.36 3.07 4.90
C SER A 75 -16.01 1.68 4.93
N GLY A 76 -15.30 0.71 5.49
CA GLY A 76 -15.82 -0.64 5.54
C GLY A 76 -14.78 -1.70 5.31
N THR A 77 -13.69 -1.64 6.08
CA THR A 77 -12.62 -2.63 6.01
C THR A 77 -11.96 -2.82 7.37
N VAL A 78 -10.99 -3.71 7.47
CA VAL A 78 -10.23 -3.85 8.69
C VAL A 78 -9.34 -2.63 8.87
N GLY A 79 -8.29 -2.55 8.08
CA GLY A 79 -7.41 -1.40 8.11
C GLY A 79 -6.31 -1.54 9.15
N SER A 80 -5.44 -0.56 9.20
CA SER A 80 -4.33 -0.55 10.15
C SER A 80 -4.03 0.88 10.55
N SER A 1 -10.81 17.20 -1.92
CA SER A 1 -10.18 16.94 -3.23
C SER A 1 -8.97 16.03 -3.06
N PHE A 2 -7.96 16.53 -2.35
CA PHE A 2 -6.78 15.72 -2.02
C PHE A 2 -7.13 14.78 -0.89
N VAL A 3 -6.73 13.54 -1.03
CA VAL A 3 -7.11 12.50 -0.11
C VAL A 3 -5.93 11.61 0.26
N GLN A 4 -5.81 11.29 1.54
CA GLN A 4 -4.79 10.37 2.01
C GLN A 4 -5.45 9.02 2.26
N CYS A 5 -4.76 7.94 1.93
CA CYS A 5 -5.38 6.63 1.96
C CYS A 5 -4.41 5.54 2.42
N ASN A 6 -4.96 4.53 3.07
CA ASN A 6 -4.16 3.37 3.48
C ASN A 6 -3.86 2.50 2.29
N HIS A 7 -2.61 2.54 1.86
CA HIS A 7 -2.17 1.74 0.73
C HIS A 7 -2.07 0.29 1.18
N HIS A 8 -2.79 -0.59 0.51
CA HIS A 8 -2.86 -1.98 0.92
C HIS A 8 -1.82 -2.81 0.20
N LEU A 9 -1.07 -3.60 0.96
CA LEU A 9 -0.21 -4.59 0.38
C LEU A 9 -0.92 -5.94 0.47
N LEU A 10 -1.09 -6.60 -0.65
CA LEU A 10 -1.81 -7.85 -0.72
C LEU A 10 -0.84 -9.03 -0.82
N TYR A 11 -0.99 -9.97 0.09
CA TYR A 11 -0.14 -11.15 0.10
C TYR A 11 -0.99 -12.37 -0.20
N ASN A 12 -0.38 -13.38 -0.80
CA ASN A 12 -1.07 -14.61 -1.18
C ASN A 12 -1.80 -15.18 0.03
N GLY A 13 -3.11 -14.95 0.07
CA GLY A 13 -3.91 -15.43 1.18
C GLY A 13 -4.84 -14.37 1.71
N ARG A 14 -4.30 -13.19 2.02
CA ARG A 14 -5.09 -12.13 2.64
C ARG A 14 -4.27 -10.82 2.73
N HIS A 15 -4.95 -9.75 3.12
CA HIS A 15 -4.32 -8.46 3.42
C HIS A 15 -3.08 -8.65 4.30
N TRP A 16 -1.94 -8.21 3.81
CA TRP A 16 -0.68 -8.37 4.54
C TRP A 16 -0.43 -7.19 5.46
N GLY A 17 -0.41 -5.99 4.88
CA GLY A 17 -0.17 -4.79 5.66
C GLY A 17 -0.71 -3.56 4.96
N THR A 18 -0.72 -2.43 5.65
CA THR A 18 -1.16 -1.19 5.05
C THR A 18 -0.52 0.01 5.75
N ILE A 19 -0.21 1.04 4.97
CA ILE A 19 0.29 2.30 5.50
C ILE A 19 -0.57 3.43 4.95
N ARG A 20 -1.05 4.31 5.82
CA ARG A 20 -1.82 5.46 5.36
C ARG A 20 -0.92 6.57 4.89
N LYS A 21 -1.05 6.88 3.61
CA LYS A 21 -0.25 7.92 2.98
C LYS A 21 -1.10 8.68 1.97
N LYS A 22 -0.75 9.92 1.73
CA LYS A 22 -1.50 10.78 0.81
C LYS A 22 -1.32 10.31 -0.62
N ALA A 23 -2.28 10.67 -1.47
CA ALA A 23 -2.20 10.36 -2.89
C ALA A 23 -1.05 11.12 -3.52
N GLY A 24 -0.34 10.45 -4.43
CA GLY A 24 0.81 11.06 -5.07
C GLY A 24 2.09 10.79 -4.30
N TRP A 25 1.96 10.54 -3.00
CA TRP A 25 3.10 10.25 -2.16
C TRP A 25 3.48 8.78 -2.25
N ALA A 26 4.76 8.53 -2.47
CA ALA A 26 5.26 7.18 -2.61
C ALA A 26 5.44 6.53 -1.25
N VAL A 27 4.79 5.39 -1.05
CA VAL A 27 4.81 4.70 0.23
C VAL A 27 5.70 3.46 0.14
N ARG A 28 6.24 3.05 1.27
CA ARG A 28 7.12 1.90 1.31
C ARG A 28 6.36 0.63 1.66
N PHE A 29 6.72 -0.46 1.01
CA PHE A 29 6.29 -1.78 1.42
C PHE A 29 7.49 -2.69 1.47
N TYR A 30 7.73 -3.31 2.62
CA TYR A 30 8.89 -4.16 2.78
C TYR A 30 8.57 -5.39 3.61
N GLU A 31 9.28 -6.46 3.33
CA GLU A 31 9.11 -7.72 4.04
C GLU A 31 9.99 -7.74 5.28
N GLU A 32 9.41 -8.06 6.41
CA GLU A 32 10.17 -8.22 7.63
C GLU A 32 10.13 -9.67 8.08
N LYS A 33 11.22 -10.37 7.80
CA LYS A 33 11.36 -11.75 8.22
C LYS A 33 11.82 -11.80 9.67
N PRO A 34 11.21 -12.65 10.49
CA PRO A 34 11.54 -12.74 11.92
C PRO A 34 13.03 -12.99 12.15
N GLY A 35 13.69 -12.04 12.81
CA GLY A 35 15.10 -12.17 13.12
C GLY A 35 15.99 -11.71 11.97
N GLN A 36 15.37 -11.41 10.85
CA GLN A 36 16.08 -11.04 9.63
C GLN A 36 15.78 -9.60 9.25
N PRO A 37 16.63 -9.00 8.39
CA PRO A 37 16.46 -7.61 7.93
C PRO A 37 15.28 -7.44 6.98
N LYS A 38 14.79 -6.21 6.87
CA LYS A 38 13.64 -5.91 6.04
C LYS A 38 14.08 -5.54 4.62
N ARG A 39 13.26 -5.91 3.65
CA ARG A 39 13.58 -5.68 2.24
C ARG A 39 12.35 -5.19 1.49
N LEU A 40 12.53 -4.12 0.71
CA LEU A 40 11.43 -3.51 -0.05
C LEU A 40 10.79 -4.50 -1.02
N VAL A 41 9.49 -4.74 -0.82
CA VAL A 41 8.74 -5.62 -1.68
C VAL A 41 7.93 -4.83 -2.69
N ALA A 42 7.79 -3.53 -2.43
CA ALA A 42 7.12 -2.63 -3.36
C ALA A 42 7.23 -1.19 -2.92
N ILE A 43 7.52 -0.34 -3.87
CA ILE A 43 7.39 1.09 -3.68
C ILE A 43 6.18 1.55 -4.48
N CYS A 44 5.13 1.98 -3.80
CA CYS A 44 3.88 2.21 -4.47
C CYS A 44 3.28 3.56 -4.10
N LYS A 45 2.55 4.15 -5.04
CA LYS A 45 1.90 5.42 -4.81
C LYS A 45 0.69 5.55 -5.73
N ASN A 46 -0.18 6.48 -5.41
CA ASN A 46 -1.43 6.62 -6.13
C ASN A 46 -1.22 7.43 -7.40
N ALA A 47 -1.86 7.00 -8.48
CA ALA A 47 -1.68 7.61 -9.80
C ALA A 47 -1.70 9.14 -9.73
N SER A 48 -2.77 9.68 -9.17
CA SER A 48 -2.91 11.12 -9.01
C SER A 48 -2.47 11.53 -7.60
N PRO A 49 -1.89 12.74 -7.47
CA PRO A 49 -1.53 13.31 -6.18
C PRO A 49 -2.74 13.99 -5.51
N VAL A 50 -3.88 13.98 -6.19
CA VAL A 50 -5.08 14.62 -5.67
C VAL A 50 -6.05 13.57 -5.14
N HIS A 51 -6.79 12.93 -6.05
CA HIS A 51 -7.77 11.92 -5.66
C HIS A 51 -7.14 10.54 -5.75
N CYS A 52 -7.79 9.57 -5.14
CA CYS A 52 -7.28 8.20 -5.10
C CYS A 52 -7.93 7.36 -6.19
N ASN A 53 -7.11 6.79 -7.06
CA ASN A 53 -7.60 6.01 -8.19
C ASN A 53 -7.06 4.58 -8.09
N TYR A 54 -5.85 4.39 -8.60
CA TYR A 54 -5.19 3.11 -8.55
C TYR A 54 -3.82 3.28 -7.92
N LEU A 55 -3.19 2.18 -7.55
CA LEU A 55 -1.86 2.22 -6.98
C LEU A 55 -0.82 1.80 -7.99
N LYS A 56 0.13 2.69 -8.20
CA LYS A 56 1.24 2.43 -9.11
C LYS A 56 2.45 2.00 -8.29
N CYS A 57 2.75 0.70 -8.32
CA CYS A 57 3.83 0.18 -7.51
C CYS A 57 4.96 -0.32 -8.39
N THR A 58 6.18 -0.16 -7.91
CA THR A 58 7.35 -0.63 -8.63
C THR A 58 8.21 -1.48 -7.72
N ASN A 59 9.01 -2.35 -8.32
CA ASN A 59 9.90 -3.26 -7.58
C ASN A 59 9.08 -4.19 -6.69
N LEU A 60 8.23 -4.97 -7.34
CA LEU A 60 7.39 -5.94 -6.63
C LEU A 60 8.20 -7.17 -6.26
N ALA A 61 7.73 -7.91 -5.26
CA ALA A 61 8.43 -9.11 -4.82
C ALA A 61 7.60 -10.37 -5.06
N ALA A 62 7.48 -10.74 -6.34
CA ALA A 62 6.78 -11.96 -6.76
C ALA A 62 5.32 -11.96 -6.31
N GLY A 63 5.06 -12.55 -5.15
CA GLY A 63 3.71 -12.62 -4.63
C GLY A 63 3.28 -11.33 -3.96
N PHE A 64 4.27 -10.58 -3.47
CA PHE A 64 4.00 -9.31 -2.83
C PHE A 64 3.61 -8.27 -3.86
N SER A 65 2.35 -7.89 -3.84
CA SER A 65 1.84 -6.84 -4.69
C SER A 65 0.84 -6.01 -3.88
N ALA A 66 0.47 -4.86 -4.38
CA ALA A 66 -0.39 -3.97 -3.61
C ALA A 66 -1.82 -4.01 -4.13
N GLY A 67 -2.73 -3.44 -3.36
CA GLY A 67 -4.13 -3.45 -3.69
C GLY A 67 -4.80 -2.12 -3.42
N THR A 68 -6.11 -2.09 -3.52
CA THR A 68 -6.88 -0.86 -3.38
C THR A 68 -6.86 -0.36 -1.93
N SER A 69 -7.35 0.86 -1.75
CA SER A 69 -7.34 1.51 -0.44
C SER A 69 -8.74 1.52 0.16
N THR A 70 -8.81 1.58 1.48
CA THR A 70 -10.07 1.49 2.21
C THR A 70 -10.10 2.47 3.39
N ASP A 71 -10.93 2.16 4.39
CA ASP A 71 -10.98 2.89 5.66
C ASP A 71 -11.36 4.36 5.49
N VAL A 72 -10.41 5.18 5.10
CA VAL A 72 -10.63 6.61 4.99
C VAL A 72 -11.62 6.93 3.89
N LEU A 73 -11.50 6.24 2.76
CA LEU A 73 -12.45 6.41 1.68
C LEU A 73 -13.63 5.46 1.81
N SER A 74 -13.41 4.26 2.34
CA SER A 74 -14.45 3.25 2.40
C SER A 74 -15.19 3.24 3.74
N SER A 75 -14.57 2.67 4.77
CA SER A 75 -15.21 2.56 6.07
C SER A 75 -14.17 2.36 7.17
N GLY A 76 -13.41 1.28 7.05
CA GLY A 76 -12.39 0.97 8.03
C GLY A 76 -11.85 -0.43 7.85
N THR A 77 -10.54 -0.60 7.93
CA THR A 77 -9.92 -1.91 7.79
C THR A 77 -8.86 -2.13 8.86
N VAL A 78 -8.84 -3.33 9.43
CA VAL A 78 -7.85 -3.68 10.45
C VAL A 78 -6.55 -4.12 9.80
N GLY A 79 -5.49 -4.16 10.60
CA GLY A 79 -4.19 -4.54 10.09
C GLY A 79 -3.11 -3.61 10.59
N SER A 80 -3.42 -2.32 10.63
CA SER A 80 -2.51 -1.33 11.14
C SER A 80 -3.31 -0.17 11.72
N SER A 1 -10.52 17.41 -2.14
CA SER A 1 -9.24 17.75 -2.78
C SER A 1 -8.28 16.57 -2.68
N PHE A 2 -6.98 16.84 -2.62
CA PHE A 2 -5.99 15.80 -2.45
C PHE A 2 -6.25 15.01 -1.17
N VAL A 3 -6.24 13.70 -1.30
CA VAL A 3 -6.68 12.83 -0.23
C VAL A 3 -5.59 11.84 0.18
N GLN A 4 -5.48 11.61 1.48
CA GLN A 4 -4.56 10.63 2.03
C GLN A 4 -5.32 9.35 2.36
N CYS A 5 -4.70 8.21 2.15
CA CYS A 5 -5.38 6.93 2.34
C CYS A 5 -4.39 5.83 2.71
N ASN A 6 -4.90 4.77 3.32
CA ASN A 6 -4.07 3.63 3.66
C ASN A 6 -3.91 2.73 2.45
N HIS A 7 -2.68 2.59 1.99
CA HIS A 7 -2.37 1.77 0.82
C HIS A 7 -2.20 0.33 1.26
N HIS A 8 -3.03 -0.56 0.74
CA HIS A 8 -3.02 -1.95 1.17
C HIS A 8 -2.08 -2.79 0.32
N LEU A 9 -1.22 -3.54 0.99
CA LEU A 9 -0.30 -4.45 0.33
C LEU A 9 -0.91 -5.85 0.36
N LEU A 10 -1.02 -6.46 -0.81
CA LEU A 10 -1.67 -7.75 -0.96
C LEU A 10 -0.64 -8.83 -1.28
N TYR A 11 -0.51 -9.76 -0.38
CA TYR A 11 0.36 -10.89 -0.58
C TYR A 11 -0.47 -12.03 -1.14
N ASN A 12 0.05 -12.71 -2.17
CA ASN A 12 -0.66 -13.83 -2.77
C ASN A 12 -1.04 -14.85 -1.70
N GLY A 13 -2.31 -14.80 -1.32
CA GLY A 13 -2.79 -15.55 -0.19
C GLY A 13 -3.79 -14.73 0.60
N ARG A 14 -3.37 -13.55 1.04
CA ARG A 14 -4.21 -12.63 1.80
C ARG A 14 -3.49 -11.30 2.07
N HIS A 15 -4.27 -10.28 2.41
CA HIS A 15 -3.77 -8.99 2.89
C HIS A 15 -2.55 -9.15 3.80
N TRP A 16 -1.51 -8.37 3.52
CA TRP A 16 -0.31 -8.40 4.35
C TRP A 16 -0.29 -7.23 5.33
N GLY A 17 -0.42 -6.01 4.80
CA GLY A 17 -0.40 -4.84 5.66
C GLY A 17 -0.85 -3.58 4.93
N THR A 18 -0.85 -2.44 5.62
CA THR A 18 -1.24 -1.17 5.01
C THR A 18 -0.58 0.00 5.72
N ILE A 19 -0.28 1.06 4.96
CA ILE A 19 0.27 2.30 5.51
C ILE A 19 -0.48 3.48 4.91
N ARG A 20 -0.82 4.46 5.74
CA ARG A 20 -1.48 5.67 5.26
C ARG A 20 -0.49 6.62 4.61
N LYS A 21 -0.83 7.06 3.41
CA LYS A 21 0.00 8.01 2.68
C LYS A 21 -0.87 8.87 1.79
N LYS A 22 -0.46 10.11 1.58
CA LYS A 22 -1.21 11.04 0.74
C LYS A 22 -1.04 10.67 -0.73
N ALA A 23 -2.06 10.97 -1.53
CA ALA A 23 -2.02 10.70 -2.96
C ALA A 23 -0.90 11.49 -3.62
N GLY A 24 -0.20 10.85 -4.54
CA GLY A 24 0.94 11.46 -5.20
C GLY A 24 2.25 11.12 -4.52
N TRP A 25 2.17 10.77 -3.25
CA TRP A 25 3.35 10.41 -2.47
C TRP A 25 3.43 8.90 -2.34
N ALA A 26 4.63 8.36 -2.53
CA ALA A 26 4.83 6.93 -2.46
C ALA A 26 4.98 6.47 -1.02
N VAL A 27 4.66 5.22 -0.82
CA VAL A 27 4.69 4.61 0.51
C VAL A 27 5.54 3.33 0.46
N ARG A 28 6.17 3.01 1.57
CA ARG A 28 7.06 1.86 1.64
C ARG A 28 6.28 0.58 1.93
N PHE A 29 6.60 -0.48 1.20
CA PHE A 29 6.11 -1.80 1.53
C PHE A 29 7.29 -2.76 1.66
N TYR A 30 7.35 -3.47 2.77
CA TYR A 30 8.46 -4.35 3.05
C TYR A 30 8.00 -5.57 3.82
N GLU A 31 8.73 -6.66 3.69
CA GLU A 31 8.46 -7.86 4.46
C GLU A 31 9.41 -7.94 5.63
N GLU A 32 8.91 -8.29 6.80
CA GLU A 32 9.76 -8.42 7.96
C GLU A 32 9.81 -9.85 8.45
N LYS A 33 10.96 -10.46 8.28
CA LYS A 33 11.20 -11.80 8.79
C LYS A 33 12.38 -11.76 9.77
N PRO A 34 12.09 -11.86 11.07
CA PRO A 34 13.12 -11.80 12.12
C PRO A 34 14.34 -12.65 11.79
N GLY A 35 15.50 -11.99 11.75
CA GLY A 35 16.73 -12.66 11.37
C GLY A 35 17.23 -12.15 10.04
N GLN A 36 16.32 -11.62 9.25
CA GLN A 36 16.65 -11.03 7.96
C GLN A 36 16.21 -9.58 7.93
N PRO A 37 16.89 -8.73 7.14
CA PRO A 37 16.50 -7.34 6.97
C PRO A 37 15.25 -7.24 6.13
N LYS A 38 14.48 -6.21 6.41
CA LYS A 38 13.18 -6.04 5.81
C LYS A 38 13.30 -5.53 4.39
N ARG A 39 12.79 -6.34 3.47
CA ARG A 39 13.03 -6.15 2.05
C ARG A 39 11.90 -5.35 1.44
N LEU A 40 12.27 -4.35 0.63
CA LEU A 40 11.27 -3.58 -0.11
C LEU A 40 10.53 -4.49 -1.08
N VAL A 41 9.28 -4.77 -0.76
CA VAL A 41 8.47 -5.64 -1.58
C VAL A 41 7.70 -4.83 -2.61
N ALA A 42 7.51 -3.54 -2.33
CA ALA A 42 6.86 -2.64 -3.26
C ALA A 42 7.01 -1.20 -2.83
N ILE A 43 7.33 -0.34 -3.77
CA ILE A 43 7.23 1.08 -3.57
C ILE A 43 6.01 1.55 -4.35
N CYS A 44 4.97 1.97 -3.64
CA CYS A 44 3.70 2.20 -4.28
C CYS A 44 3.09 3.53 -3.88
N LYS A 45 2.39 4.14 -4.82
CA LYS A 45 1.70 5.40 -4.58
C LYS A 45 0.41 5.42 -5.37
N ASN A 46 -0.46 6.35 -5.01
CA ASN A 46 -1.76 6.44 -5.65
C ASN A 46 -1.61 7.13 -7.00
N ALA A 47 -2.32 6.56 -7.99
CA ALA A 47 -2.20 6.93 -9.40
C ALA A 47 -2.27 8.43 -9.64
N SER A 48 -3.12 9.10 -8.88
CA SER A 48 -3.26 10.54 -8.98
C SER A 48 -2.60 11.20 -7.77
N PRO A 49 -1.92 12.34 -7.99
CA PRO A 49 -1.34 13.14 -6.92
C PRO A 49 -2.38 13.98 -6.20
N VAL A 50 -3.64 13.80 -6.58
CA VAL A 50 -4.74 14.53 -5.97
C VAL A 50 -5.75 13.58 -5.35
N HIS A 51 -6.58 12.97 -6.19
CA HIS A 51 -7.65 12.10 -5.71
C HIS A 51 -7.17 10.66 -5.71
N CYS A 52 -7.88 9.80 -5.01
CA CYS A 52 -7.48 8.41 -4.87
C CYS A 52 -8.20 7.54 -5.88
N ASN A 53 -7.43 6.80 -6.66
CA ASN A 53 -7.97 5.93 -7.69
C ASN A 53 -7.51 4.49 -7.47
N TYR A 54 -6.34 4.19 -8.01
CA TYR A 54 -5.72 2.89 -7.85
C TYR A 54 -4.28 3.08 -7.39
N LEU A 55 -3.58 1.98 -7.14
CA LEU A 55 -2.21 2.04 -6.69
C LEU A 55 -1.24 1.73 -7.82
N LYS A 56 -0.31 2.64 -8.05
CA LYS A 56 0.74 2.45 -9.03
C LYS A 56 2.06 2.19 -8.32
N CYS A 57 2.50 0.95 -8.34
CA CYS A 57 3.68 0.55 -7.58
C CYS A 57 4.81 0.11 -8.51
N THR A 58 6.03 0.31 -8.06
CA THR A 58 7.20 -0.19 -8.76
C THR A 58 7.95 -1.15 -7.85
N ASN A 59 8.63 -2.12 -8.46
CA ASN A 59 9.30 -3.19 -7.71
C ASN A 59 8.28 -4.06 -6.98
N LEU A 60 8.01 -5.23 -7.51
CA LEU A 60 7.11 -6.18 -6.88
C LEU A 60 7.86 -7.45 -6.51
N ALA A 61 7.76 -7.87 -5.27
CA ALA A 61 8.52 -9.01 -4.77
C ALA A 61 7.76 -10.31 -4.94
N ALA A 62 7.72 -10.81 -6.17
CA ALA A 62 7.11 -12.09 -6.50
C ALA A 62 5.63 -12.15 -6.11
N GLY A 63 5.36 -12.57 -4.88
CA GLY A 63 4.00 -12.70 -4.42
C GLY A 63 3.51 -11.46 -3.69
N PHE A 64 4.42 -10.52 -3.48
CA PHE A 64 4.10 -9.27 -2.82
C PHE A 64 3.77 -8.19 -3.85
N SER A 65 2.53 -7.73 -3.83
CA SER A 65 2.08 -6.63 -4.67
C SER A 65 1.07 -5.81 -3.90
N ALA A 66 0.71 -4.64 -4.38
CA ALA A 66 -0.26 -3.83 -3.68
C ALA A 66 -1.64 -3.98 -4.31
N GLY A 67 -2.67 -3.74 -3.51
CA GLY A 67 -4.02 -4.05 -3.95
C GLY A 67 -4.86 -2.81 -4.21
N THR A 68 -5.04 -1.99 -3.17
CA THR A 68 -5.93 -0.84 -3.27
C THR A 68 -5.82 -0.02 -1.98
N SER A 69 -6.60 1.05 -1.89
CA SER A 69 -6.66 1.84 -0.67
C SER A 69 -8.12 1.99 -0.24
N THR A 70 -8.36 1.94 1.06
CA THR A 70 -9.72 1.91 1.57
C THR A 70 -9.87 2.72 2.85
N ASP A 71 -10.89 2.36 3.63
CA ASP A 71 -11.07 2.82 5.01
C ASP A 71 -11.36 4.31 5.08
N VAL A 72 -10.32 5.13 5.04
CA VAL A 72 -10.46 6.56 5.19
C VAL A 72 -11.11 7.18 3.95
N LEU A 73 -10.83 6.60 2.79
CA LEU A 73 -11.45 7.06 1.56
C LEU A 73 -12.78 6.35 1.29
N SER A 74 -12.88 5.09 1.72
CA SER A 74 -14.07 4.32 1.42
C SER A 74 -15.07 4.37 2.58
N SER A 75 -14.80 3.61 3.65
CA SER A 75 -15.66 3.62 4.84
C SER A 75 -14.88 3.09 6.04
N GLY A 76 -14.44 1.85 5.94
CA GLY A 76 -13.68 1.26 7.02
C GLY A 76 -13.16 -0.12 6.67
N THR A 77 -11.95 -0.42 7.10
CA THR A 77 -11.36 -1.73 6.92
C THR A 77 -10.65 -2.15 8.21
N VAL A 78 -10.29 -3.43 8.32
CA VAL A 78 -9.58 -3.92 9.49
C VAL A 78 -8.23 -3.21 9.63
N GLY A 79 -7.98 -2.69 10.82
CA GLY A 79 -6.79 -1.89 11.05
C GLY A 79 -5.55 -2.72 11.27
N SER A 80 -4.68 -2.74 10.27
CA SER A 80 -3.41 -3.44 10.37
C SER A 80 -2.27 -2.43 10.49
N SER A 1 -10.49 17.20 -1.28
CA SER A 1 -9.98 17.32 -2.66
C SER A 1 -8.83 16.34 -2.86
N PHE A 2 -7.69 16.64 -2.24
CA PHE A 2 -6.60 15.68 -2.16
C PHE A 2 -6.82 14.81 -0.94
N VAL A 3 -6.72 13.51 -1.14
CA VAL A 3 -7.13 12.55 -0.13
C VAL A 3 -5.98 11.64 0.30
N GLN A 4 -5.93 11.33 1.59
CA GLN A 4 -4.96 10.40 2.13
C GLN A 4 -5.62 9.04 2.31
N CYS A 5 -4.88 7.96 2.15
CA CYS A 5 -5.47 6.63 2.21
C CYS A 5 -4.49 5.58 2.74
N ASN A 6 -5.03 4.59 3.45
CA ASN A 6 -4.22 3.47 3.88
C ASN A 6 -3.89 2.60 2.67
N HIS A 7 -2.63 2.61 2.30
CA HIS A 7 -2.17 1.86 1.15
C HIS A 7 -2.08 0.38 1.50
N HIS A 8 -3.00 -0.42 0.98
CA HIS A 8 -3.05 -1.84 1.30
C HIS A 8 -2.01 -2.62 0.50
N LEU A 9 -1.20 -3.39 1.21
CA LEU A 9 -0.25 -4.28 0.57
C LEU A 9 -0.85 -5.69 0.60
N LEU A 10 -0.94 -6.29 -0.57
CA LEU A 10 -1.56 -7.60 -0.71
C LEU A 10 -0.52 -8.67 -0.97
N TYR A 11 -0.53 -9.69 -0.13
CA TYR A 11 0.34 -10.83 -0.33
C TYR A 11 -0.49 -11.93 -0.97
N ASN A 12 0.15 -12.79 -1.76
CA ASN A 12 -0.54 -13.86 -2.46
C ASN A 12 -1.47 -14.63 -1.51
N GLY A 13 -2.76 -14.32 -1.60
CA GLY A 13 -3.72 -14.99 -0.77
C GLY A 13 -4.47 -14.05 0.15
N ARG A 14 -3.74 -13.25 0.93
CA ARG A 14 -4.36 -12.44 1.98
C ARG A 14 -3.64 -11.11 2.20
N HIS A 15 -4.37 -10.20 2.84
CA HIS A 15 -3.83 -8.93 3.31
C HIS A 15 -2.53 -9.13 4.09
N TRP A 16 -1.51 -8.34 3.78
CA TRP A 16 -0.26 -8.41 4.53
C TRP A 16 -0.17 -7.23 5.51
N GLY A 17 -0.30 -6.01 4.98
CA GLY A 17 -0.24 -4.83 5.81
C GLY A 17 -0.75 -3.61 5.07
N THR A 18 -0.71 -2.45 5.71
CA THR A 18 -1.15 -1.22 5.08
C THR A 18 -0.43 -0.02 5.70
N ILE A 19 -0.07 0.95 4.88
CA ILE A 19 0.56 2.17 5.37
C ILE A 19 -0.35 3.38 5.08
N ARG A 20 -0.68 4.11 6.13
CA ARG A 20 -1.55 5.27 6.02
C ARG A 20 -0.79 6.47 5.43
N LYS A 21 -0.96 6.71 4.14
CA LYS A 21 -0.31 7.84 3.50
C LYS A 21 -1.19 8.46 2.41
N LYS A 22 -1.10 9.77 2.26
CA LYS A 22 -1.89 10.51 1.28
C LYS A 22 -1.54 10.12 -0.15
N ALA A 23 -2.53 10.26 -1.03
CA ALA A 23 -2.40 9.86 -2.42
C ALA A 23 -1.44 10.76 -3.19
N GLY A 24 -0.68 10.16 -4.09
CA GLY A 24 0.25 10.91 -4.90
C GLY A 24 1.67 10.80 -4.41
N TRP A 25 1.82 10.64 -3.11
CA TRP A 25 3.14 10.53 -2.51
C TRP A 25 3.58 9.07 -2.46
N ALA A 26 4.86 8.85 -2.75
CA ALA A 26 5.41 7.51 -2.80
C ALA A 26 5.57 6.93 -1.40
N VAL A 27 5.08 5.71 -1.22
CA VAL A 27 5.15 5.05 0.08
C VAL A 27 5.91 3.74 -0.04
N ARG A 28 6.53 3.31 1.06
CA ARG A 28 7.36 2.13 1.06
C ARG A 28 6.57 0.90 1.53
N PHE A 29 6.85 -0.23 0.91
CA PHE A 29 6.33 -1.51 1.38
C PHE A 29 7.48 -2.48 1.52
N TYR A 30 7.52 -3.18 2.64
CA TYR A 30 8.63 -4.08 2.93
C TYR A 30 8.16 -5.26 3.76
N GLU A 31 8.85 -6.38 3.60
CA GLU A 31 8.54 -7.60 4.35
C GLU A 31 9.45 -7.71 5.54
N GLU A 32 8.92 -8.21 6.64
CA GLU A 32 9.75 -8.49 7.78
C GLU A 32 9.59 -9.92 8.25
N LYS A 33 10.57 -10.73 7.89
CA LYS A 33 10.65 -12.09 8.37
C LYS A 33 11.54 -12.10 9.61
N PRO A 34 11.07 -12.69 10.71
CA PRO A 34 11.80 -12.67 11.99
C PRO A 34 13.25 -13.12 11.83
N GLY A 35 14.17 -12.22 12.12
CA GLY A 35 15.58 -12.52 11.98
C GLY A 35 16.20 -11.88 10.75
N GLN A 36 15.39 -11.68 9.73
CA GLN A 36 15.86 -11.12 8.47
C GLN A 36 15.61 -9.62 8.41
N PRO A 37 16.43 -8.88 7.64
CA PRO A 37 16.25 -7.45 7.45
C PRO A 37 14.99 -7.13 6.65
N LYS A 38 14.44 -5.95 6.87
CA LYS A 38 13.21 -5.54 6.21
C LYS A 38 13.49 -5.29 4.73
N ARG A 39 12.85 -6.07 3.88
CA ARG A 39 13.14 -6.05 2.45
C ARG A 39 12.04 -5.34 1.68
N LEU A 40 12.41 -4.33 0.89
CA LEU A 40 11.46 -3.61 0.04
C LEU A 40 10.74 -4.57 -0.90
N VAL A 41 9.43 -4.63 -0.80
CA VAL A 41 8.62 -5.52 -1.60
C VAL A 41 7.85 -4.74 -2.68
N ALA A 42 7.74 -3.43 -2.47
CA ALA A 42 7.07 -2.56 -3.42
C ALA A 42 7.22 -1.09 -3.05
N ILE A 43 7.47 -0.28 -4.06
CA ILE A 43 7.40 1.16 -3.90
C ILE A 43 6.16 1.64 -4.62
N CYS A 44 5.19 2.13 -3.89
CA CYS A 44 3.88 2.39 -4.49
C CYS A 44 3.37 3.78 -4.17
N LYS A 45 2.58 4.32 -5.08
CA LYS A 45 1.93 5.60 -4.89
C LYS A 45 0.64 5.60 -5.67
N ASN A 46 -0.25 6.53 -5.36
CA ASN A 46 -1.54 6.60 -6.03
C ASN A 46 -1.38 7.32 -7.37
N ALA A 47 -2.14 6.88 -8.37
CA ALA A 47 -2.03 7.42 -9.73
C ALA A 47 -1.97 8.95 -9.74
N SER A 48 -3.00 9.57 -9.17
CA SER A 48 -3.05 11.02 -9.10
C SER A 48 -2.56 11.51 -7.73
N PRO A 49 -1.85 12.64 -7.72
CA PRO A 49 -1.37 13.27 -6.47
C PRO A 49 -2.43 14.13 -5.80
N VAL A 50 -3.70 13.87 -6.12
CA VAL A 50 -4.81 14.61 -5.55
C VAL A 50 -5.92 13.65 -5.14
N HIS A 51 -6.67 13.17 -6.12
CA HIS A 51 -7.75 12.22 -5.86
C HIS A 51 -7.16 10.82 -5.72
N CYS A 52 -7.89 9.93 -5.09
CA CYS A 52 -7.44 8.57 -4.92
C CYS A 52 -8.07 7.67 -5.97
N ASN A 53 -7.23 7.01 -6.75
CA ASN A 53 -7.67 6.18 -7.86
C ASN A 53 -7.40 4.72 -7.56
N TYR A 54 -6.16 4.33 -7.83
CA TYR A 54 -5.65 3.00 -7.54
C TYR A 54 -4.19 3.13 -7.17
N LEU A 55 -3.53 2.02 -6.87
CA LEU A 55 -2.15 2.06 -6.45
C LEU A 55 -1.22 1.66 -7.58
N LYS A 56 -0.32 2.56 -7.92
CA LYS A 56 0.70 2.31 -8.93
C LYS A 56 2.01 1.97 -8.24
N CYS A 57 2.38 0.70 -8.25
CA CYS A 57 3.54 0.26 -7.51
C CYS A 57 4.60 -0.29 -8.45
N THR A 58 5.86 -0.14 -8.07
CA THR A 58 6.97 -0.65 -8.86
C THR A 58 7.87 -1.51 -7.98
N ASN A 59 8.62 -2.41 -8.62
CA ASN A 59 9.52 -3.33 -7.94
C ASN A 59 8.73 -4.27 -7.03
N LEU A 60 7.82 -5.02 -7.64
CA LEU A 60 6.99 -5.97 -6.91
C LEU A 60 7.77 -7.23 -6.60
N ALA A 61 7.72 -7.68 -5.36
CA ALA A 61 8.47 -8.85 -4.92
C ALA A 61 7.67 -10.13 -5.11
N ALA A 62 7.41 -10.47 -6.37
CA ALA A 62 6.73 -11.71 -6.74
C ALA A 62 5.33 -11.81 -6.13
N GLY A 63 5.26 -12.40 -4.94
CA GLY A 63 3.97 -12.56 -4.28
C GLY A 63 3.56 -11.31 -3.54
N PHE A 64 4.47 -10.35 -3.42
CA PHE A 64 4.18 -9.10 -2.76
C PHE A 64 3.81 -8.02 -3.77
N SER A 65 2.57 -7.58 -3.71
CA SER A 65 2.09 -6.49 -4.54
C SER A 65 1.11 -5.67 -3.72
N ALA A 66 0.66 -4.56 -4.22
CA ALA A 66 -0.28 -3.74 -3.47
C ALA A 66 -1.68 -3.85 -4.07
N GLY A 67 -2.66 -3.46 -3.29
CA GLY A 67 -4.04 -3.58 -3.72
C GLY A 67 -4.72 -2.24 -3.86
N THR A 68 -5.86 -2.09 -3.21
CA THR A 68 -6.60 -0.85 -3.23
C THR A 68 -6.42 -0.12 -1.89
N SER A 69 -7.09 1.01 -1.73
CA SER A 69 -7.04 1.75 -0.49
C SER A 69 -8.45 2.13 -0.04
N THR A 70 -8.70 2.06 1.26
CA THR A 70 -10.04 2.25 1.80
C THR A 70 -10.01 3.02 3.12
N ASP A 71 -11.09 2.84 3.89
CA ASP A 71 -11.19 3.27 5.29
C ASP A 71 -11.32 4.78 5.43
N VAL A 72 -10.32 5.51 5.00
CA VAL A 72 -10.38 6.96 5.10
C VAL A 72 -11.11 7.57 3.91
N LEU A 73 -10.99 6.93 2.75
CA LEU A 73 -11.67 7.42 1.55
C LEU A 73 -13.07 6.83 1.41
N SER A 74 -13.23 5.57 1.83
CA SER A 74 -14.52 4.90 1.72
C SER A 74 -15.28 4.92 3.05
N SER A 75 -14.53 5.23 4.11
CA SER A 75 -15.09 5.48 5.45
C SER A 75 -15.36 4.19 6.22
N GLY A 76 -14.32 3.70 6.91
CA GLY A 76 -14.46 2.56 7.79
C GLY A 76 -14.32 1.22 7.10
N THR A 77 -13.10 0.66 7.14
CA THR A 77 -12.85 -0.68 6.63
C THR A 77 -11.95 -1.46 7.57
N VAL A 78 -10.88 -2.01 7.01
CA VAL A 78 -9.89 -2.76 7.80
C VAL A 78 -8.50 -2.16 7.62
N GLY A 79 -7.67 -2.27 8.65
CA GLY A 79 -6.31 -1.77 8.57
C GLY A 79 -6.12 -0.52 9.40
N SER A 80 -4.87 -0.19 9.68
CA SER A 80 -4.54 1.00 10.44
C SER A 80 -3.32 1.67 9.82
N SER A 1 -9.27 18.26 -2.16
CA SER A 1 -8.78 17.94 -3.51
C SER A 1 -7.91 16.68 -3.48
N PHE A 2 -6.78 16.76 -2.80
CA PHE A 2 -5.91 15.60 -2.62
C PHE A 2 -6.33 14.84 -1.37
N VAL A 3 -6.31 13.53 -1.47
CA VAL A 3 -6.84 12.69 -0.41
C VAL A 3 -5.77 11.75 0.14
N GLN A 4 -5.75 11.59 1.46
CA GLN A 4 -4.85 10.66 2.12
C GLN A 4 -5.60 9.38 2.45
N CYS A 5 -4.93 8.25 2.32
CA CYS A 5 -5.58 6.96 2.51
C CYS A 5 -4.58 5.88 2.90
N ASN A 6 -5.09 4.81 3.49
CA ASN A 6 -4.26 3.68 3.88
C ASN A 6 -4.00 2.79 2.67
N HIS A 7 -2.76 2.77 2.23
CA HIS A 7 -2.38 1.98 1.06
C HIS A 7 -2.15 0.53 1.50
N HIS A 8 -2.97 -0.36 0.98
CA HIS A 8 -2.94 -1.77 1.39
C HIS A 8 -1.95 -2.56 0.56
N LEU A 9 -1.08 -3.29 1.24
CA LEU A 9 -0.17 -4.21 0.59
C LEU A 9 -0.77 -5.60 0.70
N LEU A 10 -0.88 -6.27 -0.43
CA LEU A 10 -1.51 -7.56 -0.51
C LEU A 10 -0.47 -8.67 -0.61
N TYR A 11 -0.51 -9.57 0.35
CA TYR A 11 0.34 -10.73 0.32
C TYR A 11 -0.44 -11.86 -0.31
N ASN A 12 0.24 -12.66 -1.12
CA ASN A 12 -0.41 -13.77 -1.82
C ASN A 12 -1.13 -14.68 -0.82
N GLY A 13 -2.44 -14.51 -0.75
CA GLY A 13 -3.24 -15.27 0.19
C GLY A 13 -4.11 -14.38 1.05
N ARG A 14 -3.55 -13.27 1.53
CA ARG A 14 -4.28 -12.40 2.47
C ARG A 14 -3.56 -11.06 2.67
N HIS A 15 -4.34 -10.04 3.02
CA HIS A 15 -3.85 -8.73 3.43
C HIS A 15 -2.59 -8.81 4.30
N TRP A 16 -1.54 -8.10 3.89
CA TRP A 16 -0.29 -8.09 4.63
C TRP A 16 -0.24 -6.90 5.59
N GLY A 17 -0.41 -5.69 5.05
CA GLY A 17 -0.36 -4.50 5.87
C GLY A 17 -0.86 -3.28 5.13
N THR A 18 -0.77 -2.11 5.76
CA THR A 18 -1.20 -0.87 5.12
C THR A 18 -0.45 0.33 5.70
N ILE A 19 -0.23 1.34 4.86
CA ILE A 19 0.43 2.56 5.29
C ILE A 19 -0.47 3.75 4.96
N ARG A 20 -0.75 4.57 5.96
CA ARG A 20 -1.61 5.73 5.78
C ARG A 20 -0.81 6.84 5.10
N LYS A 21 -0.89 6.92 3.79
CA LYS A 21 -0.12 7.90 3.04
C LYS A 21 -1.03 8.69 2.11
N LYS A 22 -0.71 9.97 1.94
CA LYS A 22 -1.48 10.86 1.08
C LYS A 22 -1.26 10.50 -0.38
N ALA A 23 -2.25 10.77 -1.23
CA ALA A 23 -2.13 10.54 -2.66
C ALA A 23 -1.00 11.40 -3.23
N GLY A 24 -0.27 10.84 -4.18
CA GLY A 24 0.86 11.53 -4.76
C GLY A 24 2.16 11.22 -4.04
N TRP A 25 2.04 10.91 -2.75
CA TRP A 25 3.20 10.62 -1.93
C TRP A 25 3.61 9.16 -2.09
N ALA A 26 4.89 8.94 -2.38
CA ALA A 26 5.40 7.60 -2.56
C ALA A 26 5.49 6.87 -1.22
N VAL A 27 5.04 5.63 -1.19
CA VAL A 27 5.00 4.86 0.03
C VAL A 27 5.83 3.58 -0.10
N ARG A 28 6.51 3.21 0.98
CA ARG A 28 7.39 2.05 0.96
C ARG A 28 6.62 0.80 1.38
N PHE A 29 6.92 -0.31 0.73
CA PHE A 29 6.39 -1.60 1.14
C PHE A 29 7.54 -2.60 1.22
N TYR A 30 7.56 -3.37 2.28
CA TYR A 30 8.68 -4.27 2.54
C TYR A 30 8.18 -5.59 3.12
N GLU A 31 9.06 -6.57 3.17
CA GLU A 31 8.76 -7.85 3.78
C GLU A 31 9.50 -7.97 5.09
N GLU A 32 8.78 -8.23 6.16
CA GLU A 32 9.39 -8.45 7.46
C GLU A 32 9.09 -9.87 7.92
N LYS A 33 10.15 -10.62 8.17
CA LYS A 33 10.01 -12.04 8.48
C LYS A 33 10.79 -12.37 9.74
N PRO A 34 10.33 -13.38 10.50
CA PRO A 34 10.96 -13.80 11.76
C PRO A 34 12.45 -14.07 11.62
N GLY A 35 13.24 -13.29 12.35
CA GLY A 35 14.68 -13.46 12.33
C GLY A 35 15.36 -12.76 11.17
N GLN A 36 14.56 -12.36 10.19
CA GLN A 36 15.07 -11.78 8.96
C GLN A 36 14.83 -10.28 8.90
N PRO A 37 15.79 -9.52 8.35
CA PRO A 37 15.66 -8.08 8.15
C PRO A 37 14.64 -7.75 7.07
N LYS A 38 14.07 -6.56 7.15
CA LYS A 38 13.02 -6.15 6.24
C LYS A 38 13.62 -5.63 4.94
N ARG A 39 13.02 -6.05 3.83
CA ARG A 39 13.52 -5.69 2.51
C ARG A 39 12.38 -5.18 1.64
N LEU A 40 12.69 -4.20 0.80
CA LEU A 40 11.69 -3.58 -0.07
C LEU A 40 11.05 -4.60 -1.00
N VAL A 41 9.73 -4.59 -1.05
CA VAL A 41 9.00 -5.51 -1.90
C VAL A 41 8.21 -4.76 -2.95
N ALA A 42 7.96 -3.49 -2.68
CA ALA A 42 7.26 -2.62 -3.61
C ALA A 42 7.40 -1.17 -3.22
N ILE A 43 7.63 -0.34 -4.21
CA ILE A 43 7.56 1.09 -4.02
C ILE A 43 6.33 1.59 -4.75
N CYS A 44 5.34 2.01 -4.01
CA CYS A 44 4.04 2.25 -4.60
C CYS A 44 3.52 3.61 -4.21
N LYS A 45 2.46 4.03 -4.88
CA LYS A 45 1.75 5.27 -4.54
C LYS A 45 0.52 5.39 -5.41
N ASN A 46 -0.38 6.25 -5.01
CA ASN A 46 -1.65 6.40 -5.70
C ASN A 46 -1.45 7.12 -7.02
N ALA A 47 -2.08 6.54 -8.04
CA ALA A 47 -1.92 6.95 -9.45
C ALA A 47 -1.98 8.46 -9.64
N SER A 48 -2.91 9.09 -8.96
CA SER A 48 -3.05 10.54 -9.05
C SER A 48 -2.43 11.21 -7.82
N PRO A 49 -1.71 12.31 -8.04
CA PRO A 49 -1.16 13.11 -6.94
C PRO A 49 -2.23 13.95 -6.27
N VAL A 50 -3.47 13.81 -6.74
CA VAL A 50 -4.59 14.54 -6.16
C VAL A 50 -5.63 13.58 -5.59
N HIS A 51 -6.44 13.01 -6.47
CA HIS A 51 -7.53 12.13 -6.03
C HIS A 51 -7.04 10.70 -5.94
N CYS A 52 -7.78 9.86 -5.24
CA CYS A 52 -7.36 8.48 -5.06
C CYS A 52 -8.06 7.58 -6.06
N ASN A 53 -7.27 6.77 -6.76
CA ASN A 53 -7.78 5.85 -7.78
C ASN A 53 -7.34 4.44 -7.48
N TYR A 54 -6.11 4.14 -7.88
CA TYR A 54 -5.52 2.81 -7.70
C TYR A 54 -4.06 2.97 -7.29
N LEU A 55 -3.41 1.87 -6.98
CA LEU A 55 -2.01 1.91 -6.57
C LEU A 55 -1.10 1.45 -7.70
N LYS A 56 -0.20 2.33 -8.12
CA LYS A 56 0.79 2.00 -9.14
C LYS A 56 2.15 1.83 -8.49
N CYS A 57 2.63 0.59 -8.47
CA CYS A 57 3.85 0.27 -7.74
C CYS A 57 4.97 -0.12 -8.69
N THR A 58 6.19 0.16 -8.29
CA THR A 58 7.36 -0.30 -9.01
C THR A 58 8.08 -1.33 -8.15
N ASN A 59 8.76 -2.27 -8.79
CA ASN A 59 9.42 -3.38 -8.11
C ASN A 59 8.39 -4.20 -7.34
N LEU A 60 7.84 -5.21 -7.99
CA LEU A 60 6.90 -6.11 -7.33
C LEU A 60 7.60 -7.41 -7.00
N ALA A 61 7.68 -7.73 -5.71
CA ALA A 61 8.42 -8.91 -5.26
C ALA A 61 7.56 -10.16 -5.34
N ALA A 62 7.13 -10.49 -6.56
CA ALA A 62 6.38 -11.70 -6.86
C ALA A 62 5.07 -11.78 -6.07
N GLY A 63 5.12 -12.40 -4.90
CA GLY A 63 3.93 -12.57 -4.10
C GLY A 63 3.66 -11.37 -3.20
N PHE A 64 4.47 -10.34 -3.37
CA PHE A 64 4.29 -9.09 -2.65
C PHE A 64 3.93 -7.97 -3.62
N SER A 65 2.69 -7.53 -3.56
CA SER A 65 2.21 -6.44 -4.39
C SER A 65 1.16 -5.66 -3.63
N ALA A 66 0.81 -4.48 -4.11
CA ALA A 66 -0.16 -3.66 -3.42
C ALA A 66 -1.53 -3.77 -4.07
N GLY A 67 -2.56 -3.53 -3.30
CA GLY A 67 -3.92 -3.81 -3.76
C GLY A 67 -4.73 -2.55 -4.01
N THR A 68 -4.97 -1.78 -2.97
CA THR A 68 -5.82 -0.60 -3.05
C THR A 68 -5.82 0.12 -1.70
N SER A 69 -6.70 1.11 -1.55
CA SER A 69 -6.81 1.84 -0.29
C SER A 69 -8.27 1.88 0.15
N THR A 70 -8.52 1.79 1.46
CA THR A 70 -9.88 1.70 1.98
C THR A 70 -10.01 2.53 3.26
N ASP A 71 -10.95 2.11 4.13
CA ASP A 71 -11.19 2.75 5.43
C ASP A 71 -11.64 4.20 5.29
N VAL A 72 -10.70 5.10 5.04
CA VAL A 72 -11.00 6.52 4.99
C VAL A 72 -11.85 6.88 3.77
N LEU A 73 -11.48 6.35 2.62
CA LEU A 73 -12.20 6.64 1.38
C LEU A 73 -13.35 5.67 1.16
N SER A 74 -13.23 4.48 1.74
CA SER A 74 -14.21 3.44 1.53
C SER A 74 -15.37 3.56 2.53
N SER A 75 -15.09 3.23 3.78
CA SER A 75 -16.11 3.20 4.83
C SER A 75 -15.48 2.78 6.15
N GLY A 76 -15.07 1.52 6.20
CA GLY A 76 -14.36 1.00 7.35
C GLY A 76 -13.45 -0.12 6.93
N THR A 77 -14.03 -1.11 6.24
CA THR A 77 -13.29 -2.25 5.67
C THR A 77 -12.40 -2.92 6.71
N VAL A 78 -11.39 -3.62 6.23
CA VAL A 78 -10.36 -4.16 7.09
C VAL A 78 -9.19 -3.17 7.14
N GLY A 79 -8.50 -3.12 8.26
CA GLY A 79 -7.42 -2.15 8.41
C GLY A 79 -6.22 -2.74 9.11
N SER A 80 -5.44 -1.87 9.73
CA SER A 80 -4.26 -2.30 10.46
C SER A 80 -3.99 -1.31 11.60
N SER A 1 -10.54 17.16 -2.59
CA SER A 1 -9.21 17.58 -3.05
C SER A 1 -8.16 16.55 -2.66
N PHE A 2 -6.90 16.97 -2.53
CA PHE A 2 -5.83 16.09 -2.09
C PHE A 2 -6.24 15.31 -0.84
N VAL A 3 -6.05 14.01 -0.88
CA VAL A 3 -6.51 13.13 0.17
C VAL A 3 -5.46 12.09 0.53
N GLN A 4 -5.39 11.76 1.82
CA GLN A 4 -4.48 10.75 2.31
C GLN A 4 -5.22 9.43 2.51
N CYS A 5 -4.56 8.32 2.20
CA CYS A 5 -5.22 7.01 2.21
C CYS A 5 -4.26 5.89 2.59
N ASN A 6 -4.77 4.88 3.28
CA ASN A 6 -3.95 3.73 3.66
C ASN A 6 -3.77 2.80 2.47
N HIS A 7 -2.54 2.67 2.04
CA HIS A 7 -2.22 1.83 0.89
C HIS A 7 -2.14 0.38 1.34
N HIS A 8 -2.91 -0.47 0.70
CA HIS A 8 -2.98 -1.87 1.09
C HIS A 8 -2.01 -2.72 0.29
N LEU A 9 -1.18 -3.47 1.00
CA LEU A 9 -0.26 -4.40 0.36
C LEU A 9 -0.88 -5.78 0.43
N LEU A 10 -0.95 -6.44 -0.71
CA LEU A 10 -1.61 -7.71 -0.84
C LEU A 10 -0.59 -8.83 -0.96
N TYR A 11 -0.76 -9.84 -0.13
CA TYR A 11 0.07 -11.03 -0.21
C TYR A 11 -0.76 -12.13 -0.84
N ASN A 12 -0.10 -13.02 -1.57
CA ASN A 12 -0.81 -14.13 -2.19
C ASN A 12 -1.50 -14.97 -1.11
N GLY A 13 -2.80 -14.74 -0.96
CA GLY A 13 -3.56 -15.36 0.10
C GLY A 13 -4.50 -14.37 0.78
N ARG A 14 -3.96 -13.22 1.16
CA ARG A 14 -4.76 -12.18 1.83
C ARG A 14 -3.93 -10.91 2.03
N HIS A 15 -4.57 -9.86 2.54
CA HIS A 15 -3.90 -8.60 2.86
C HIS A 15 -2.71 -8.84 3.81
N TRP A 16 -1.61 -8.15 3.55
CA TRP A 16 -0.40 -8.32 4.35
C TRP A 16 -0.14 -7.13 5.27
N GLY A 17 -0.07 -5.93 4.71
CA GLY A 17 0.22 -4.75 5.52
C GLY A 17 -0.29 -3.49 4.86
N THR A 18 -0.31 -2.40 5.61
CA THR A 18 -0.85 -1.16 5.11
C THR A 18 -0.20 0.06 5.76
N ILE A 19 0.11 1.05 4.95
CA ILE A 19 0.63 2.33 5.42
C ILE A 19 -0.24 3.46 4.86
N ARG A 20 -0.63 4.40 5.71
CA ARG A 20 -1.52 5.48 5.27
C ARG A 20 -0.72 6.71 4.85
N LYS A 21 -0.79 7.02 3.57
CA LYS A 21 -0.03 8.13 2.97
C LYS A 21 -0.90 8.91 2.00
N LYS A 22 -0.58 10.18 1.80
CA LYS A 22 -1.32 11.04 0.88
C LYS A 22 -1.13 10.60 -0.56
N ALA A 23 -2.08 10.98 -1.41
CA ALA A 23 -2.04 10.62 -2.83
C ALA A 23 -0.93 11.36 -3.56
N GLY A 24 -0.30 10.67 -4.50
CA GLY A 24 0.80 11.24 -5.25
C GLY A 24 2.12 11.14 -4.51
N TRP A 25 2.13 10.37 -3.44
CA TRP A 25 3.32 10.20 -2.63
C TRP A 25 3.78 8.76 -2.66
N ALA A 26 5.06 8.54 -2.39
CA ALA A 26 5.65 7.22 -2.44
C ALA A 26 5.57 6.53 -1.09
N VAL A 27 4.90 5.39 -1.06
CA VAL A 27 4.80 4.60 0.15
C VAL A 27 5.70 3.38 0.04
N ARG A 28 6.34 3.03 1.13
CA ARG A 28 7.27 1.92 1.13
C ARG A 28 6.59 0.63 1.59
N PHE A 29 6.82 -0.43 0.85
CA PHE A 29 6.36 -1.75 1.26
C PHE A 29 7.55 -2.68 1.26
N TYR A 30 7.77 -3.33 2.37
CA TYR A 30 8.90 -4.22 2.53
C TYR A 30 8.55 -5.37 3.46
N GLU A 31 9.14 -6.52 3.21
CA GLU A 31 8.84 -7.70 3.99
C GLU A 31 9.74 -7.75 5.21
N GLU A 32 9.13 -7.85 6.37
CA GLU A 32 9.88 -8.01 7.60
C GLU A 32 9.35 -9.21 8.37
N LYS A 33 10.09 -10.29 8.29
CA LYS A 33 9.75 -11.51 8.97
C LYS A 33 10.65 -11.66 10.17
N PRO A 34 10.06 -11.70 11.39
CA PRO A 34 10.79 -11.69 12.66
C PRO A 34 12.01 -12.60 12.64
N GLY A 35 13.19 -12.00 12.81
CA GLY A 35 14.43 -12.74 12.78
C GLY A 35 15.21 -12.50 11.51
N GLN A 36 14.52 -12.04 10.47
CA GLN A 36 15.12 -11.79 9.18
C GLN A 36 15.06 -10.30 8.83
N PRO A 37 16.12 -9.79 8.17
CA PRO A 37 16.19 -8.40 7.73
C PRO A 37 15.15 -8.08 6.68
N LYS A 38 14.90 -6.79 6.52
CA LYS A 38 13.78 -6.31 5.73
C LYS A 38 14.18 -6.11 4.27
N ARG A 39 13.27 -6.40 3.36
CA ARG A 39 13.56 -6.26 1.95
C ARG A 39 12.40 -5.58 1.26
N LEU A 40 12.69 -4.59 0.42
CA LEU A 40 11.66 -3.85 -0.29
C LEU A 40 10.90 -4.76 -1.25
N VAL A 41 9.59 -4.77 -1.13
CA VAL A 41 8.75 -5.62 -1.94
C VAL A 41 7.89 -4.80 -2.89
N ALA A 42 7.76 -3.50 -2.58
CA ALA A 42 7.05 -2.58 -3.45
C ALA A 42 7.22 -1.15 -3.01
N ILE A 43 7.47 -0.29 -3.97
CA ILE A 43 7.40 1.14 -3.76
C ILE A 43 6.23 1.65 -4.57
N CYS A 44 5.20 2.10 -3.90
CA CYS A 44 3.94 2.33 -4.57
C CYS A 44 3.47 3.77 -4.47
N LYS A 45 2.82 4.22 -5.52
CA LYS A 45 2.20 5.53 -5.56
C LYS A 45 0.72 5.35 -5.80
N ASN A 46 -0.02 6.39 -5.55
CA ASN A 46 -1.45 6.37 -5.82
C ASN A 46 -1.69 6.94 -7.20
N ALA A 47 -2.59 6.29 -7.97
CA ALA A 47 -2.86 6.66 -9.36
C ALA A 47 -2.89 8.16 -9.59
N SER A 48 -3.73 8.84 -8.82
CA SER A 48 -3.85 10.29 -8.91
C SER A 48 -3.11 10.94 -7.74
N PRO A 49 -2.44 12.07 -7.99
CA PRO A 49 -1.80 12.85 -6.92
C PRO A 49 -2.81 13.73 -6.20
N VAL A 50 -4.02 13.82 -6.76
CA VAL A 50 -5.07 14.63 -6.19
C VAL A 50 -6.06 13.77 -5.42
N HIS A 51 -6.67 12.81 -6.11
CA HIS A 51 -7.64 11.92 -5.48
C HIS A 51 -7.03 10.54 -5.26
N CYS A 52 -7.67 9.76 -4.42
CA CYS A 52 -7.22 8.42 -4.10
C CYS A 52 -8.01 7.39 -4.89
N ASN A 53 -7.31 6.57 -5.68
CA ASN A 53 -7.99 5.59 -6.52
C ASN A 53 -7.43 4.20 -6.29
N TYR A 54 -6.41 3.85 -7.06
CA TYR A 54 -5.77 2.56 -6.96
C TYR A 54 -4.27 2.74 -6.88
N LEU A 55 -3.55 1.64 -6.72
CA LEU A 55 -2.13 1.70 -6.44
C LEU A 55 -1.27 1.32 -7.64
N LYS A 56 -0.33 2.20 -7.96
CA LYS A 56 0.67 1.95 -8.99
C LYS A 56 2.02 1.75 -8.31
N CYS A 57 2.47 0.51 -8.26
CA CYS A 57 3.65 0.17 -7.49
C CYS A 57 4.74 -0.43 -8.37
N THR A 58 5.98 -0.26 -7.96
CA THR A 58 7.10 -0.84 -8.68
C THR A 58 7.92 -1.72 -7.73
N ASN A 59 8.91 -2.41 -8.28
CA ASN A 59 9.76 -3.32 -7.52
C ASN A 59 8.96 -4.44 -6.87
N LEU A 60 7.90 -4.89 -7.54
CA LEU A 60 7.01 -5.91 -7.00
C LEU A 60 7.74 -7.24 -6.84
N ALA A 61 7.62 -7.84 -5.67
CA ALA A 61 8.34 -9.06 -5.36
C ALA A 61 7.45 -10.30 -5.49
N ALA A 62 7.08 -10.60 -6.73
CA ALA A 62 6.31 -11.81 -7.07
C ALA A 62 4.99 -11.91 -6.30
N GLY A 63 5.02 -12.55 -5.14
CA GLY A 63 3.82 -12.69 -4.34
C GLY A 63 3.49 -11.42 -3.59
N PHE A 64 4.44 -10.51 -3.55
CA PHE A 64 4.24 -9.23 -2.89
C PHE A 64 3.86 -8.15 -3.90
N SER A 65 2.62 -7.69 -3.81
CA SER A 65 2.13 -6.60 -4.64
C SER A 65 1.10 -5.82 -3.86
N ALA A 66 0.70 -4.66 -4.34
CA ALA A 66 -0.23 -3.83 -3.60
C ALA A 66 -1.57 -3.76 -4.31
N GLY A 67 -2.62 -3.51 -3.54
CA GLY A 67 -3.96 -3.59 -4.05
C GLY A 67 -4.60 -2.22 -4.27
N THR A 68 -5.08 -1.62 -3.18
CA THR A 68 -5.78 -0.35 -3.26
C THR A 68 -5.79 0.32 -1.89
N SER A 69 -6.48 1.44 -1.78
CA SER A 69 -6.59 2.15 -0.53
C SER A 69 -8.04 2.16 -0.05
N THR A 70 -8.25 2.06 1.26
CA THR A 70 -9.60 1.99 1.83
C THR A 70 -9.69 2.82 3.10
N ASP A 71 -10.65 2.46 3.96
CA ASP A 71 -10.83 3.08 5.27
C ASP A 71 -11.28 4.53 5.15
N VAL A 72 -10.33 5.42 4.94
CA VAL A 72 -10.61 6.84 4.90
C VAL A 72 -11.51 7.21 3.73
N LEU A 73 -11.26 6.60 2.58
CA LEU A 73 -12.05 6.86 1.39
C LEU A 73 -13.27 5.93 1.30
N SER A 74 -13.15 4.72 1.84
CA SER A 74 -14.23 3.76 1.79
C SER A 74 -15.19 3.96 2.95
N SER A 75 -14.76 3.53 4.13
CA SER A 75 -15.58 3.62 5.33
C SER A 75 -14.72 3.36 6.56
N GLY A 76 -14.10 2.16 6.60
CA GLY A 76 -13.22 1.84 7.69
C GLY A 76 -12.56 0.48 7.51
N THR A 77 -11.30 0.38 7.91
CA THR A 77 -10.59 -0.88 7.90
C THR A 77 -9.79 -1.02 9.20
N VAL A 78 -8.93 -2.04 9.28
CA VAL A 78 -8.18 -2.29 10.50
C VAL A 78 -6.68 -2.08 10.28
N GLY A 79 -6.34 -1.23 9.32
CA GLY A 79 -4.95 -0.97 9.01
C GLY A 79 -4.27 -2.18 8.39
N SER A 80 -3.30 -2.73 9.09
CA SER A 80 -2.60 -3.92 8.63
C SER A 80 -3.32 -5.18 9.12
N SER A 1 -11.35 16.53 -2.23
CA SER A 1 -10.44 16.82 -3.35
C SER A 1 -9.13 16.07 -3.18
N PHE A 2 -8.18 16.66 -2.47
CA PHE A 2 -6.92 16.00 -2.18
C PHE A 2 -7.09 15.12 -0.94
N VAL A 3 -6.76 13.86 -1.08
CA VAL A 3 -7.02 12.88 -0.03
C VAL A 3 -5.80 12.01 0.24
N GLN A 4 -5.57 11.75 1.51
CA GLN A 4 -4.55 10.81 1.94
C GLN A 4 -5.20 9.48 2.31
N CYS A 5 -4.55 8.37 1.98
CA CYS A 5 -5.19 7.07 2.15
C CYS A 5 -4.23 6.00 2.59
N ASN A 6 -4.73 5.02 3.33
CA ASN A 6 -3.94 3.88 3.73
C ASN A 6 -3.71 2.95 2.55
N HIS A 7 -2.47 2.83 2.13
CA HIS A 7 -2.12 2.00 0.99
C HIS A 7 -1.96 0.56 1.44
N HIS A 8 -2.85 -0.30 0.97
CA HIS A 8 -2.86 -1.70 1.39
C HIS A 8 -1.90 -2.53 0.55
N LEU A 9 -1.03 -3.26 1.21
CA LEU A 9 -0.14 -4.19 0.54
C LEU A 9 -0.71 -5.60 0.68
N LEU A 10 -0.75 -6.31 -0.44
CA LEU A 10 -1.28 -7.66 -0.47
C LEU A 10 -0.16 -8.69 -0.43
N TYR A 11 -0.24 -9.57 0.55
CA TYR A 11 0.74 -10.62 0.73
C TYR A 11 0.22 -11.84 0.00
N ASN A 12 1.13 -12.69 -0.49
CA ASN A 12 0.72 -13.89 -1.23
C ASN A 12 -0.26 -14.70 -0.40
N GLY A 13 -1.54 -14.55 -0.69
CA GLY A 13 -2.58 -15.16 0.10
C GLY A 13 -3.56 -14.14 0.64
N ARG A 14 -3.11 -13.29 1.56
CA ARG A 14 -4.02 -12.37 2.27
C ARG A 14 -3.40 -11.01 2.52
N HIS A 15 -4.17 -10.13 3.15
CA HIS A 15 -3.70 -8.82 3.62
C HIS A 15 -2.39 -8.94 4.39
N TRP A 16 -1.44 -8.07 4.08
CA TRP A 16 -0.20 -8.00 4.84
C TRP A 16 -0.24 -6.80 5.78
N GLY A 17 -0.44 -5.62 5.21
CA GLY A 17 -0.44 -4.41 6.00
C GLY A 17 -0.87 -3.20 5.20
N THR A 18 -0.87 -2.04 5.83
CA THR A 18 -1.27 -0.81 5.17
C THR A 18 -0.60 0.40 5.81
N ILE A 19 -0.15 1.33 4.97
CA ILE A 19 0.54 2.53 5.44
C ILE A 19 -0.29 3.77 5.09
N ARG A 20 -0.51 4.62 6.07
CA ARG A 20 -1.31 5.82 5.88
C ARG A 20 -0.48 6.92 5.23
N LYS A 21 -0.64 7.09 3.92
CA LYS A 21 0.13 8.09 3.18
C LYS A 21 -0.73 8.78 2.13
N LYS A 22 -0.36 10.01 1.81
CA LYS A 22 -1.12 10.83 0.88
C LYS A 22 -1.06 10.27 -0.54
N ALA A 23 -2.08 10.61 -1.33
CA ALA A 23 -2.13 10.20 -2.72
C ALA A 23 -1.07 10.94 -3.53
N GLY A 24 -0.45 10.24 -4.47
CA GLY A 24 0.62 10.83 -5.25
C GLY A 24 1.98 10.57 -4.64
N TRP A 25 2.00 10.38 -3.32
CA TRP A 25 3.24 10.10 -2.61
C TRP A 25 3.61 8.63 -2.72
N ALA A 26 4.88 8.38 -3.00
CA ALA A 26 5.39 7.03 -3.10
C ALA A 26 5.61 6.46 -1.70
N VAL A 27 4.95 5.35 -1.39
CA VAL A 27 5.08 4.73 -0.09
C VAL A 27 5.81 3.40 -0.20
N ARG A 28 6.57 3.06 0.83
CA ARG A 28 7.37 1.85 0.81
C ARG A 28 6.56 0.65 1.29
N PHE A 29 6.78 -0.48 0.66
CA PHE A 29 6.20 -1.73 1.11
C PHE A 29 7.30 -2.76 1.26
N TYR A 30 7.23 -3.53 2.32
CA TYR A 30 8.29 -4.46 2.68
C TYR A 30 7.72 -5.61 3.49
N GLU A 31 8.45 -6.72 3.52
CA GLU A 31 8.05 -7.85 4.35
C GLU A 31 8.95 -7.95 5.56
N GLU A 32 8.37 -8.21 6.71
CA GLU A 32 9.13 -8.44 7.91
C GLU A 32 8.98 -9.89 8.35
N LYS A 33 10.00 -10.68 8.05
CA LYS A 33 10.08 -12.04 8.57
C LYS A 33 10.83 -11.99 9.89
N PRO A 34 10.44 -12.82 10.86
CA PRO A 34 11.08 -12.85 12.17
C PRO A 34 12.57 -13.18 12.08
N GLY A 35 13.40 -12.23 12.49
CA GLY A 35 14.83 -12.43 12.45
C GLY A 35 15.47 -11.77 11.23
N GLN A 36 14.65 -11.47 10.24
CA GLN A 36 15.14 -10.92 8.99
C GLN A 36 14.90 -9.41 8.93
N PRO A 37 15.80 -8.68 8.25
CA PRO A 37 15.59 -7.28 7.93
C PRO A 37 14.52 -7.12 6.86
N LYS A 38 13.85 -5.98 6.86
CA LYS A 38 12.71 -5.73 5.98
C LYS A 38 13.13 -5.79 4.52
N ARG A 39 12.41 -6.58 3.74
CA ARG A 39 12.71 -6.73 2.33
C ARG A 39 11.69 -5.93 1.52
N LEU A 40 12.17 -4.97 0.75
CA LEU A 40 11.29 -4.17 -0.10
C LEU A 40 10.56 -5.04 -1.10
N VAL A 41 9.24 -5.08 -0.96
CA VAL A 41 8.42 -5.90 -1.84
C VAL A 41 7.86 -5.07 -2.97
N ALA A 42 7.77 -3.75 -2.75
CA ALA A 42 7.34 -2.83 -3.80
C ALA A 42 7.24 -1.41 -3.26
N ILE A 43 7.58 -0.46 -4.11
CA ILE A 43 7.34 0.94 -3.82
C ILE A 43 6.11 1.36 -4.62
N CYS A 44 5.06 1.75 -3.92
CA CYS A 44 3.79 2.00 -4.59
C CYS A 44 3.23 3.36 -4.23
N LYS A 45 2.50 3.95 -5.16
CA LYS A 45 1.91 5.26 -4.96
C LYS A 45 0.55 5.33 -5.63
N ASN A 46 -0.27 6.29 -5.25
CA ASN A 46 -1.60 6.43 -5.82
C ASN A 46 -1.54 7.21 -7.12
N ALA A 47 -2.21 6.71 -8.15
CA ALA A 47 -2.16 7.28 -9.50
C ALA A 47 -2.24 8.81 -9.51
N SER A 48 -3.26 9.34 -8.87
CA SER A 48 -3.45 10.78 -8.78
C SER A 48 -2.83 11.32 -7.50
N PRO A 49 -2.17 12.48 -7.58
CA PRO A 49 -1.65 13.17 -6.40
C PRO A 49 -2.75 13.93 -5.66
N VAL A 50 -3.96 13.91 -6.22
CA VAL A 50 -5.09 14.61 -5.64
C VAL A 50 -6.12 13.62 -5.10
N HIS A 51 -6.78 12.91 -6.01
CA HIS A 51 -7.82 11.95 -5.62
C HIS A 51 -7.21 10.55 -5.52
N CYS A 52 -7.90 9.67 -4.82
CA CYS A 52 -7.46 8.30 -4.66
C CYS A 52 -8.15 7.38 -5.66
N ASN A 53 -7.35 6.72 -6.48
CA ASN A 53 -7.88 5.83 -7.51
C ASN A 53 -7.34 4.43 -7.31
N TYR A 54 -6.20 4.16 -7.91
CA TYR A 54 -5.55 2.87 -7.79
C TYR A 54 -4.10 3.07 -7.38
N LEU A 55 -3.42 1.97 -7.06
CA LEU A 55 -2.04 2.03 -6.61
C LEU A 55 -1.10 1.60 -7.71
N LYS A 56 -0.21 2.50 -8.10
CA LYS A 56 0.78 2.24 -9.12
C LYS A 56 2.08 1.82 -8.43
N CYS A 57 2.38 0.54 -8.47
CA CYS A 57 3.54 0.02 -7.75
C CYS A 57 4.71 -0.22 -8.69
N THR A 58 5.91 -0.14 -8.14
CA THR A 58 7.11 -0.48 -8.88
C THR A 58 7.99 -1.38 -8.02
N ASN A 59 8.87 -2.14 -8.68
CA ASN A 59 9.77 -3.06 -7.99
C ASN A 59 8.99 -4.11 -7.21
N LEU A 60 8.02 -4.73 -7.86
CA LEU A 60 7.22 -5.77 -7.24
C LEU A 60 8.09 -6.99 -6.94
N ALA A 61 7.85 -7.61 -5.80
CA ALA A 61 8.64 -8.76 -5.38
C ALA A 61 7.93 -10.06 -5.74
N ALA A 62 8.04 -10.44 -7.02
CA ALA A 62 7.49 -11.68 -7.54
C ALA A 62 5.96 -11.68 -7.53
N GLY A 63 5.38 -11.89 -6.36
CA GLY A 63 3.94 -11.87 -6.23
C GLY A 63 3.47 -10.81 -5.26
N PHE A 64 4.41 -10.27 -4.50
CA PHE A 64 4.09 -9.24 -3.53
C PHE A 64 3.75 -7.94 -4.24
N SER A 65 2.51 -7.49 -4.05
CA SER A 65 2.01 -6.30 -4.70
C SER A 65 0.97 -5.63 -3.82
N ALA A 66 0.54 -4.45 -4.20
CA ALA A 66 -0.43 -3.71 -3.42
C ALA A 66 -1.84 -4.01 -3.90
N GLY A 67 -2.82 -3.69 -3.07
CA GLY A 67 -4.20 -4.03 -3.37
C GLY A 67 -5.07 -2.84 -3.69
N THR A 68 -5.23 -1.94 -2.72
CA THR A 68 -6.11 -0.79 -2.86
C THR A 68 -6.00 0.11 -1.62
N SER A 69 -6.88 1.11 -1.52
CA SER A 69 -6.90 2.00 -0.37
C SER A 69 -8.33 2.10 0.17
N THR A 70 -8.47 2.19 1.49
CA THR A 70 -9.79 2.21 2.13
C THR A 70 -9.83 3.17 3.31
N ASP A 71 -10.83 2.97 4.17
CA ASP A 71 -10.96 3.65 5.46
C ASP A 71 -11.16 5.16 5.30
N VAL A 72 -10.08 5.89 5.08
CA VAL A 72 -10.14 7.33 4.99
C VAL A 72 -11.01 7.77 3.83
N LEU A 73 -10.93 7.05 2.73
CA LEU A 73 -11.72 7.39 1.56
C LEU A 73 -13.09 6.71 1.59
N SER A 74 -13.16 5.47 2.07
CA SER A 74 -14.44 4.77 2.12
C SER A 74 -15.18 5.05 3.43
N SER A 75 -14.75 4.42 4.51
CA SER A 75 -15.37 4.62 5.82
C SER A 75 -14.44 4.13 6.92
N GLY A 76 -14.19 2.83 6.95
CA GLY A 76 -13.31 2.27 7.97
C GLY A 76 -12.99 0.81 7.70
N THR A 77 -11.73 0.45 7.88
CA THR A 77 -11.29 -0.93 7.66
C THR A 77 -10.37 -1.40 8.77
N VAL A 78 -10.74 -2.50 9.42
CA VAL A 78 -9.88 -3.09 10.43
C VAL A 78 -8.88 -4.03 9.78
N GLY A 79 -7.62 -3.87 10.11
CA GLY A 79 -6.59 -4.70 9.51
C GLY A 79 -5.19 -4.23 9.85
N SER A 80 -4.88 -2.98 9.52
CA SER A 80 -3.56 -2.42 9.78
C SER A 80 -2.51 -3.19 8.97
N SER A 1 -11.30 16.90 -2.85
CA SER A 1 -9.93 17.45 -3.06
C SER A 1 -8.90 16.36 -2.80
N PHE A 2 -7.68 16.77 -2.44
CA PHE A 2 -6.64 15.84 -2.02
C PHE A 2 -7.15 14.94 -0.91
N VAL A 3 -6.76 13.68 -0.96
CA VAL A 3 -7.21 12.71 0.02
C VAL A 3 -6.08 11.74 0.35
N GLN A 4 -5.90 11.49 1.65
CA GLN A 4 -4.87 10.57 2.12
C GLN A 4 -5.48 9.20 2.37
N CYS A 5 -4.71 8.14 2.12
CA CYS A 5 -5.24 6.79 2.19
C CYS A 5 -4.16 5.79 2.58
N ASN A 6 -4.57 4.73 3.27
CA ASN A 6 -3.66 3.64 3.58
C ASN A 6 -3.43 2.79 2.34
N HIS A 7 -2.20 2.80 1.86
CA HIS A 7 -1.84 2.01 0.69
C HIS A 7 -1.61 0.57 1.11
N HIS A 8 -2.42 -0.34 0.59
CA HIS A 8 -2.36 -1.74 1.01
C HIS A 8 -1.33 -2.53 0.23
N LEU A 9 -0.54 -3.31 0.95
CA LEU A 9 0.33 -4.29 0.32
C LEU A 9 -0.36 -5.64 0.43
N LEU A 10 -0.56 -6.28 -0.72
CA LEU A 10 -1.26 -7.53 -0.76
C LEU A 10 -0.31 -8.68 -0.99
N TYR A 11 -0.32 -9.62 -0.08
CA TYR A 11 0.46 -10.83 -0.23
C TYR A 11 -0.44 -11.90 -0.82
N ASN A 12 0.13 -12.78 -1.63
CA ASN A 12 -0.65 -13.85 -2.22
C ASN A 12 -1.23 -14.72 -1.12
N GLY A 13 -2.50 -14.49 -0.81
CA GLY A 13 -3.13 -15.17 0.29
C GLY A 13 -4.07 -14.24 1.05
N ARG A 14 -3.56 -13.08 1.46
CA ARG A 14 -4.35 -12.14 2.24
C ARG A 14 -3.58 -10.82 2.48
N HIS A 15 -4.24 -9.88 3.15
CA HIS A 15 -3.64 -8.61 3.56
C HIS A 15 -2.32 -8.84 4.32
N TRP A 16 -1.27 -8.16 3.87
CA TRP A 16 0.00 -8.20 4.57
C TRP A 16 0.11 -6.99 5.50
N GLY A 17 -0.02 -5.80 4.94
CA GLY A 17 0.08 -4.59 5.73
C GLY A 17 -0.31 -3.37 4.93
N THR A 18 -0.38 -2.22 5.57
CA THR A 18 -0.71 -0.99 4.87
C THR A 18 -0.17 0.23 5.62
N ILE A 19 0.22 1.26 4.85
CA ILE A 19 0.79 2.47 5.41
C ILE A 19 -0.08 3.67 4.99
N ARG A 20 -0.38 4.54 5.95
CA ARG A 20 -1.18 5.72 5.68
C ARG A 20 -0.33 6.78 4.97
N LYS A 21 -0.67 7.06 3.72
CA LYS A 21 0.05 8.05 2.94
C LYS A 21 -0.92 8.81 2.03
N LYS A 22 -0.62 10.06 1.72
CA LYS A 22 -1.51 10.86 0.92
C LYS A 22 -1.27 10.57 -0.56
N ALA A 23 -2.35 10.67 -1.34
CA ALA A 23 -2.32 10.36 -2.77
C ALA A 23 -1.22 11.14 -3.49
N GLY A 24 -0.55 10.47 -4.42
CA GLY A 24 0.52 11.10 -5.16
C GLY A 24 1.88 10.78 -4.60
N TRP A 25 1.98 10.74 -3.28
CA TRP A 25 3.25 10.50 -2.62
C TRP A 25 3.55 9.01 -2.59
N ALA A 26 4.81 8.67 -2.87
CA ALA A 26 5.25 7.29 -2.90
C ALA A 26 5.41 6.74 -1.48
N VAL A 27 4.96 5.53 -1.27
CA VAL A 27 5.05 4.90 0.03
C VAL A 27 5.89 3.62 -0.07
N ARG A 28 6.61 3.29 1.00
CA ARG A 28 7.48 2.13 0.99
C ARG A 28 6.72 0.87 1.42
N PHE A 29 7.06 -0.24 0.79
CA PHE A 29 6.52 -1.54 1.19
C PHE A 29 7.66 -2.52 1.39
N TYR A 30 7.53 -3.38 2.38
CA TYR A 30 8.61 -4.28 2.75
C TYR A 30 8.05 -5.55 3.37
N GLU A 31 8.83 -6.62 3.30
CA GLU A 31 8.49 -7.85 3.99
C GLU A 31 9.29 -7.93 5.28
N GLU A 32 8.62 -8.20 6.38
CA GLU A 32 9.33 -8.39 7.62
C GLU A 32 9.06 -9.77 8.18
N LYS A 33 10.02 -10.64 7.97
CA LYS A 33 9.98 -11.98 8.52
C LYS A 33 10.54 -11.91 9.93
N PRO A 34 9.96 -12.68 10.88
CA PRO A 34 10.34 -12.62 12.29
C PRO A 34 11.86 -12.71 12.50
N GLY A 35 12.43 -11.64 13.04
CA GLY A 35 13.85 -11.62 13.33
C GLY A 35 14.68 -11.06 12.20
N GLN A 36 14.20 -11.26 10.98
CA GLN A 36 14.95 -10.89 9.78
C GLN A 36 14.77 -9.41 9.45
N PRO A 37 15.77 -8.82 8.77
CA PRO A 37 15.66 -7.46 8.24
C PRO A 37 14.61 -7.39 7.14
N LYS A 38 14.05 -6.21 6.97
CA LYS A 38 12.87 -6.04 6.14
C LYS A 38 13.25 -5.65 4.72
N ARG A 39 12.75 -6.40 3.75
CA ARG A 39 13.12 -6.23 2.36
C ARG A 39 12.11 -5.33 1.65
N LEU A 40 12.59 -4.24 1.07
CA LEU A 40 11.74 -3.35 0.30
C LEU A 40 11.14 -4.11 -0.89
N VAL A 41 9.88 -4.48 -0.76
CA VAL A 41 9.24 -5.36 -1.74
C VAL A 41 8.64 -4.58 -2.91
N ALA A 42 8.41 -3.29 -2.71
CA ALA A 42 7.84 -2.45 -3.75
C ALA A 42 7.69 -1.00 -3.29
N ILE A 43 7.86 -0.09 -4.23
CA ILE A 43 7.58 1.31 -3.98
C ILE A 43 6.31 1.66 -4.75
N CYS A 44 5.27 2.08 -4.05
CA CYS A 44 3.98 2.28 -4.69
C CYS A 44 3.36 3.59 -4.26
N LYS A 45 2.56 4.17 -5.15
CA LYS A 45 1.89 5.43 -4.88
C LYS A 45 0.53 5.43 -5.57
N ASN A 46 -0.34 6.31 -5.16
CA ASN A 46 -1.68 6.36 -5.73
C ASN A 46 -1.67 7.08 -7.06
N ALA A 47 -2.42 6.53 -8.02
CA ALA A 47 -2.46 7.03 -9.40
C ALA A 47 -2.49 8.56 -9.47
N SER A 48 -3.49 9.15 -8.85
CA SER A 48 -3.64 10.59 -8.85
C SER A 48 -2.98 11.19 -7.61
N PRO A 49 -2.26 12.31 -7.78
CA PRO A 49 -1.69 13.06 -6.66
C PRO A 49 -2.75 13.86 -5.92
N VAL A 50 -3.98 13.78 -6.40
CA VAL A 50 -5.10 14.51 -5.79
C VAL A 50 -6.12 13.54 -5.21
N HIS A 51 -6.78 12.79 -6.07
CA HIS A 51 -7.83 11.86 -5.64
C HIS A 51 -7.26 10.45 -5.52
N CYS A 52 -7.97 9.58 -4.83
CA CYS A 52 -7.55 8.20 -4.65
C CYS A 52 -8.26 7.29 -5.65
N ASN A 53 -7.49 6.58 -6.46
CA ASN A 53 -8.04 5.73 -7.50
C ASN A 53 -7.51 4.31 -7.35
N TYR A 54 -6.30 4.11 -7.83
CA TYR A 54 -5.62 2.83 -7.75
C TYR A 54 -4.16 3.07 -7.39
N LEU A 55 -3.43 1.99 -7.16
CA LEU A 55 -2.03 2.11 -6.77
C LEU A 55 -1.11 1.75 -7.93
N LYS A 56 -0.18 2.66 -8.22
CA LYS A 56 0.83 2.44 -9.24
C LYS A 56 2.16 2.13 -8.56
N CYS A 57 2.55 0.88 -8.60
CA CYS A 57 3.72 0.42 -7.87
C CYS A 57 4.88 0.14 -8.82
N THR A 58 6.08 0.05 -8.25
CA THR A 58 7.24 -0.34 -9.00
C THR A 58 8.16 -1.20 -8.13
N ASN A 59 9.02 -1.98 -8.77
CA ASN A 59 9.96 -2.85 -8.07
C ASN A 59 9.24 -3.89 -7.21
N LEU A 60 8.24 -4.54 -7.80
CA LEU A 60 7.46 -5.56 -7.07
C LEU A 60 8.33 -6.78 -6.78
N ALA A 61 8.05 -7.45 -5.67
CA ALA A 61 8.83 -8.61 -5.26
C ALA A 61 8.03 -9.90 -5.44
N ALA A 62 7.81 -10.26 -6.71
CA ALA A 62 7.14 -11.52 -7.08
C ALA A 62 5.75 -11.66 -6.46
N GLY A 63 5.67 -12.31 -5.31
CA GLY A 63 4.39 -12.54 -4.67
C GLY A 63 3.94 -11.34 -3.85
N PHE A 64 4.81 -10.34 -3.76
CA PHE A 64 4.49 -9.12 -3.05
C PHE A 64 4.08 -8.04 -4.03
N SER A 65 2.83 -7.65 -3.96
CA SER A 65 2.28 -6.58 -4.79
C SER A 65 1.35 -5.75 -3.95
N ALA A 66 0.93 -4.60 -4.45
CA ALA A 66 0.06 -3.73 -3.67
C ALA A 66 -1.36 -3.75 -4.22
N GLY A 67 -2.30 -3.41 -3.38
CA GLY A 67 -3.70 -3.51 -3.75
C GLY A 67 -4.41 -2.16 -3.79
N THR A 68 -5.44 -2.03 -2.99
CA THR A 68 -6.25 -0.81 -2.97
C THR A 68 -6.03 -0.05 -1.66
N SER A 69 -6.86 0.95 -1.40
CA SER A 69 -6.81 1.70 -0.17
C SER A 69 -8.18 1.70 0.50
N THR A 70 -8.22 1.62 1.83
CA THR A 70 -9.48 1.49 2.55
C THR A 70 -9.48 2.32 3.82
N ASP A 71 -10.31 1.92 4.78
CA ASP A 71 -10.31 2.46 6.14
C ASP A 71 -10.77 3.92 6.18
N VAL A 72 -9.92 4.83 5.73
CA VAL A 72 -10.23 6.25 5.79
C VAL A 72 -11.19 6.66 4.66
N LEU A 73 -10.96 6.16 3.46
CA LEU A 73 -11.81 6.51 2.33
C LEU A 73 -12.99 5.55 2.20
N SER A 74 -12.73 4.25 2.31
CA SER A 74 -13.76 3.25 2.10
C SER A 74 -14.57 3.04 3.38
N SER A 75 -14.01 3.50 4.50
CA SER A 75 -14.66 3.41 5.81
C SER A 75 -14.89 1.96 6.26
N GLY A 76 -15.96 1.35 5.78
CA GLY A 76 -16.30 -0.01 6.20
C GLY A 76 -15.36 -1.05 5.61
N THR A 77 -14.16 -1.11 6.17
CA THR A 77 -13.13 -2.01 5.71
C THR A 77 -12.15 -2.33 6.82
N VAL A 78 -11.53 -3.50 6.77
CA VAL A 78 -10.50 -3.87 7.73
C VAL A 78 -9.14 -3.89 7.05
N GLY A 79 -8.35 -2.84 7.28
CA GLY A 79 -7.06 -2.74 6.64
C GLY A 79 -6.12 -1.82 7.37
N SER A 80 -5.20 -2.40 8.12
CA SER A 80 -4.20 -1.65 8.86
C SER A 80 -3.05 -2.59 9.20
N SER A 1 -11.77 16.27 -3.29
CA SER A 1 -10.52 17.03 -3.42
C SER A 1 -9.32 16.13 -3.17
N PHE A 2 -8.18 16.73 -2.81
CA PHE A 2 -7.00 15.95 -2.44
C PHE A 2 -7.32 15.02 -1.28
N VAL A 3 -6.85 13.79 -1.39
CA VAL A 3 -7.20 12.75 -0.44
C VAL A 3 -5.98 11.92 -0.06
N GLN A 4 -5.89 11.59 1.22
CA GLN A 4 -4.85 10.71 1.71
C GLN A 4 -5.49 9.45 2.27
N CYS A 5 -4.86 8.32 2.05
CA CYS A 5 -5.48 7.04 2.39
C CYS A 5 -4.45 6.02 2.81
N ASN A 6 -4.91 4.95 3.44
CA ASN A 6 -4.04 3.86 3.83
C ASN A 6 -3.77 2.98 2.62
N HIS A 7 -2.51 2.93 2.21
CA HIS A 7 -2.11 2.14 1.06
C HIS A 7 -1.89 0.70 1.49
N HIS A 8 -2.64 -0.22 0.88
CA HIS A 8 -2.61 -1.62 1.29
C HIS A 8 -1.54 -2.40 0.55
N LEU A 9 -0.84 -3.26 1.27
CA LEU A 9 0.07 -4.21 0.65
C LEU A 9 -0.53 -5.60 0.79
N LEU A 10 -0.58 -6.32 -0.32
CA LEU A 10 -1.17 -7.64 -0.35
C LEU A 10 -0.10 -8.72 -0.31
N TYR A 11 -0.20 -9.57 0.68
CA TYR A 11 0.73 -10.68 0.85
C TYR A 11 0.11 -11.90 0.20
N ASN A 12 0.95 -12.82 -0.27
CA ASN A 12 0.44 -14.03 -0.91
C ASN A 12 -0.47 -14.81 0.02
N GLY A 13 -1.78 -14.64 -0.19
CA GLY A 13 -2.76 -15.27 0.65
C GLY A 13 -3.75 -14.28 1.24
N ARG A 14 -3.24 -13.27 1.96
CA ARG A 14 -4.11 -12.37 2.72
C ARG A 14 -3.53 -10.96 2.78
N HIS A 15 -4.28 -10.07 3.43
CA HIS A 15 -3.83 -8.71 3.70
C HIS A 15 -2.59 -8.73 4.59
N TRP A 16 -1.58 -7.95 4.23
CA TRP A 16 -0.36 -7.90 5.03
C TRP A 16 -0.33 -6.66 5.91
N GLY A 17 -0.42 -5.50 5.30
CA GLY A 17 -0.32 -4.26 6.05
C GLY A 17 -0.75 -3.06 5.24
N THR A 18 -0.69 -1.89 5.84
CA THR A 18 -1.09 -0.67 5.17
C THR A 18 -0.37 0.55 5.77
N ILE A 19 -0.12 1.56 4.94
CA ILE A 19 0.52 2.78 5.39
C ILE A 19 -0.30 4.00 4.96
N ARG A 20 -0.65 4.85 5.92
CA ARG A 20 -1.47 6.03 5.67
C ARG A 20 -0.65 7.13 5.00
N LYS A 21 -0.77 7.25 3.69
CA LYS A 21 -0.03 8.26 2.95
C LYS A 21 -0.93 8.98 1.94
N LYS A 22 -0.58 10.21 1.63
CA LYS A 22 -1.36 11.03 0.70
C LYS A 22 -1.21 10.53 -0.72
N ALA A 23 -2.22 10.76 -1.55
CA ALA A 23 -2.19 10.36 -2.95
C ALA A 23 -1.09 11.10 -3.69
N GLY A 24 -0.44 10.40 -4.61
CA GLY A 24 0.66 10.99 -5.37
C GLY A 24 1.99 10.79 -4.71
N TRP A 25 1.99 10.63 -3.40
CA TRP A 25 3.22 10.45 -2.65
C TRP A 25 3.62 8.98 -2.62
N ALA A 26 4.90 8.74 -2.87
CA ALA A 26 5.43 7.39 -2.91
C ALA A 26 5.48 6.81 -1.49
N VAL A 27 5.06 5.56 -1.36
CA VAL A 27 5.07 4.89 -0.07
C VAL A 27 5.89 3.60 -0.16
N ARG A 28 6.52 3.23 0.95
CA ARG A 28 7.37 2.05 0.99
C ARG A 28 6.55 0.83 1.39
N PHE A 29 6.95 -0.32 0.87
CA PHE A 29 6.38 -1.59 1.28
C PHE A 29 7.49 -2.61 1.46
N TYR A 30 7.42 -3.40 2.52
CA TYR A 30 8.46 -4.38 2.82
C TYR A 30 7.86 -5.62 3.45
N GLU A 31 8.54 -6.75 3.29
CA GLU A 31 8.06 -8.01 3.83
C GLU A 31 8.71 -8.28 5.19
N GLU A 32 7.88 -8.72 6.13
CA GLU A 32 8.33 -9.06 7.47
C GLU A 32 8.61 -10.56 7.56
N LYS A 33 9.88 -10.91 7.59
CA LYS A 33 10.29 -12.29 7.73
C LYS A 33 10.83 -12.51 9.14
N PRO A 34 10.24 -13.48 9.87
CA PRO A 34 10.62 -13.76 11.27
C PRO A 34 12.11 -14.09 11.40
N GLY A 35 12.82 -13.25 12.14
CA GLY A 35 14.25 -13.46 12.37
C GLY A 35 15.10 -12.90 11.25
N GLN A 36 14.46 -12.45 10.20
CA GLN A 36 15.12 -11.98 9.00
C GLN A 36 14.91 -10.47 8.82
N PRO A 37 15.79 -9.80 8.05
CA PRO A 37 15.66 -8.36 7.77
C PRO A 37 14.49 -8.07 6.84
N LYS A 38 13.96 -6.86 6.92
CA LYS A 38 12.81 -6.47 6.11
C LYS A 38 13.25 -6.11 4.70
N ARG A 39 12.58 -6.68 3.72
CA ARG A 39 12.94 -6.46 2.33
C ARG A 39 11.89 -5.59 1.64
N LEU A 40 12.33 -4.48 1.07
CA LEU A 40 11.47 -3.59 0.31
C LEU A 40 10.86 -4.34 -0.88
N VAL A 41 9.57 -4.64 -0.79
CA VAL A 41 8.90 -5.48 -1.77
C VAL A 41 8.21 -4.65 -2.84
N ALA A 42 8.00 -3.38 -2.57
CA ALA A 42 7.34 -2.51 -3.53
C ALA A 42 7.45 -1.04 -3.15
N ILE A 43 7.71 -0.23 -4.15
CA ILE A 43 7.60 1.20 -4.01
C ILE A 43 6.38 1.65 -4.79
N CYS A 44 5.36 2.09 -4.09
CA CYS A 44 4.07 2.29 -4.71
C CYS A 44 3.51 3.66 -4.39
N LYS A 45 2.65 4.16 -5.26
CA LYS A 45 1.98 5.43 -5.04
C LYS A 45 0.70 5.49 -5.86
N ASN A 46 -0.21 6.34 -5.44
CA ASN A 46 -1.45 6.51 -6.17
C ASN A 46 -1.20 7.37 -7.40
N ALA A 47 -1.69 6.90 -8.55
CA ALA A 47 -1.39 7.50 -9.85
C ALA A 47 -1.74 8.99 -9.91
N SER A 48 -2.72 9.39 -9.12
CA SER A 48 -3.10 10.79 -9.06
C SER A 48 -2.58 11.40 -7.75
N PRO A 49 -1.94 12.57 -7.83
CA PRO A 49 -1.43 13.28 -6.66
C PRO A 49 -2.52 14.06 -5.94
N VAL A 50 -3.75 13.95 -6.44
CA VAL A 50 -4.88 14.66 -5.86
C VAL A 50 -5.95 13.68 -5.41
N HIS A 51 -6.56 12.99 -6.37
CA HIS A 51 -7.64 12.06 -6.09
C HIS A 51 -7.11 10.64 -6.03
N CYS A 52 -7.86 9.79 -5.41
CA CYS A 52 -7.45 8.40 -5.19
C CYS A 52 -8.09 7.47 -6.21
N ASN A 53 -7.28 6.66 -6.87
CA ASN A 53 -7.77 5.72 -7.88
C ASN A 53 -7.22 4.32 -7.59
N TYR A 54 -6.02 4.06 -8.11
CA TYR A 54 -5.35 2.78 -7.91
C TYR A 54 -3.91 3.02 -7.50
N LEU A 55 -3.24 1.97 -7.07
CA LEU A 55 -1.85 2.05 -6.64
C LEU A 55 -0.92 1.54 -7.71
N LYS A 56 -0.04 2.40 -8.18
CA LYS A 56 0.95 2.06 -9.18
C LYS A 56 2.29 1.81 -8.51
N CYS A 57 2.66 0.54 -8.42
CA CYS A 57 3.86 0.15 -7.69
C CYS A 57 4.97 -0.28 -8.64
N THR A 58 6.20 -0.11 -8.21
CA THR A 58 7.35 -0.56 -8.98
C THR A 58 8.22 -1.48 -8.12
N ASN A 59 8.98 -2.34 -8.78
CA ASN A 59 9.90 -3.26 -8.10
C ASN A 59 9.16 -4.23 -7.19
N LEU A 60 8.09 -4.83 -7.72
CA LEU A 60 7.29 -5.80 -6.96
C LEU A 60 8.09 -7.06 -6.66
N ALA A 61 7.83 -7.65 -5.51
CA ALA A 61 8.50 -8.87 -5.10
C ALA A 61 7.74 -10.10 -5.60
N ALA A 62 7.83 -10.33 -6.91
CA ALA A 62 7.16 -11.44 -7.57
C ALA A 62 5.64 -11.34 -7.43
N GLY A 63 5.09 -11.98 -6.41
CA GLY A 63 3.66 -11.96 -6.20
C GLY A 63 3.27 -10.92 -5.17
N PHE A 64 4.24 -10.48 -4.38
CA PHE A 64 3.99 -9.48 -3.36
C PHE A 64 3.74 -8.12 -4.00
N SER A 65 2.50 -7.69 -3.93
CA SER A 65 2.08 -6.46 -4.58
C SER A 65 1.14 -5.70 -3.66
N ALA A 66 0.74 -4.52 -4.08
CA ALA A 66 -0.12 -3.69 -3.27
C ALA A 66 -1.58 -3.82 -3.71
N GLY A 67 -2.49 -3.29 -2.90
CA GLY A 67 -3.90 -3.38 -3.21
C GLY A 67 -4.57 -2.02 -3.15
N THR A 68 -5.88 -2.02 -2.99
CA THR A 68 -6.66 -0.78 -2.96
C THR A 68 -6.51 -0.08 -1.61
N SER A 69 -7.21 1.04 -1.44
CA SER A 69 -7.18 1.79 -0.20
C SER A 69 -8.56 1.80 0.43
N THR A 70 -8.63 1.77 1.76
CA THR A 70 -9.89 1.63 2.46
C THR A 70 -9.94 2.53 3.70
N ASP A 71 -10.82 2.16 4.64
CA ASP A 71 -10.90 2.76 5.97
C ASP A 71 -11.33 4.22 5.91
N VAL A 72 -10.39 5.10 5.55
CA VAL A 72 -10.67 6.53 5.52
C VAL A 72 -11.60 6.90 4.37
N LEU A 73 -11.32 6.40 3.18
CA LEU A 73 -12.13 6.71 2.01
C LEU A 73 -13.28 5.73 1.85
N SER A 74 -13.06 4.49 2.30
CA SER A 74 -14.06 3.45 2.14
C SER A 74 -15.09 3.48 3.27
N SER A 75 -14.61 3.32 4.50
CA SER A 75 -15.47 3.16 5.67
C SER A 75 -16.16 1.78 5.63
N GLY A 76 -16.13 1.08 6.74
CA GLY A 76 -16.62 -0.29 6.77
C GLY A 76 -15.49 -1.25 6.51
N THR A 77 -14.31 -0.68 6.29
CA THR A 77 -13.11 -1.45 6.07
C THR A 77 -12.11 -1.19 7.19
N VAL A 78 -11.20 -2.12 7.42
CA VAL A 78 -10.17 -1.94 8.43
C VAL A 78 -8.87 -1.45 7.79
N GLY A 79 -8.17 -0.59 8.50
CA GLY A 79 -6.91 -0.05 7.99
C GLY A 79 -6.35 1.01 8.91
N SER A 80 -5.13 1.45 8.63
CA SER A 80 -4.46 2.46 9.43
C SER A 80 -3.25 2.99 8.68
N SER A 1 -11.26 16.41 -2.12
CA SER A 1 -9.99 17.14 -2.21
C SER A 1 -8.83 16.17 -2.12
N PHE A 2 -7.63 16.67 -1.78
CA PHE A 2 -6.48 15.79 -1.58
C PHE A 2 -6.79 14.78 -0.47
N VAL A 3 -6.33 13.57 -0.65
CA VAL A 3 -6.70 12.47 0.24
C VAL A 3 -5.50 11.58 0.57
N GLN A 4 -5.43 11.18 1.82
CA GLN A 4 -4.43 10.21 2.27
C GLN A 4 -5.11 8.93 2.69
N CYS A 5 -4.51 7.80 2.38
CA CYS A 5 -5.16 6.50 2.56
C CYS A 5 -4.16 5.40 2.87
N ASN A 6 -4.61 4.38 3.60
CA ASN A 6 -3.76 3.26 3.96
C ASN A 6 -3.50 2.38 2.76
N HIS A 7 -2.32 2.53 2.19
CA HIS A 7 -1.91 1.75 1.05
C HIS A 7 -1.69 0.31 1.46
N HIS A 8 -2.47 -0.59 0.91
CA HIS A 8 -2.40 -1.99 1.30
C HIS A 8 -1.48 -2.77 0.38
N LEU A 9 -0.55 -3.49 0.99
CA LEU A 9 0.30 -4.41 0.26
C LEU A 9 -0.28 -5.81 0.43
N LEU A 10 -0.45 -6.49 -0.69
CA LEU A 10 -1.04 -7.81 -0.69
C LEU A 10 0.03 -8.89 -0.56
N TYR A 11 -0.11 -9.71 0.45
CA TYR A 11 0.79 -10.83 0.67
C TYR A 11 0.17 -12.04 0.02
N ASN A 12 1.01 -12.96 -0.46
CA ASN A 12 0.53 -14.17 -1.12
C ASN A 12 -0.50 -14.87 -0.24
N GLY A 13 -1.77 -14.65 -0.55
CA GLY A 13 -2.84 -15.15 0.28
C GLY A 13 -3.85 -14.07 0.63
N ARG A 14 -3.44 -13.12 1.49
CA ARG A 14 -4.36 -12.09 2.01
C ARG A 14 -3.64 -10.77 2.30
N HIS A 15 -4.41 -9.78 2.75
CA HIS A 15 -3.90 -8.48 3.14
C HIS A 15 -2.77 -8.59 4.17
N TRP A 16 -1.69 -7.87 3.93
CA TRP A 16 -0.54 -7.87 4.84
C TRP A 16 -0.11 -6.45 5.23
N GLY A 17 0.18 -5.62 4.24
CA GLY A 17 0.76 -4.31 4.54
C GLY A 17 -0.25 -3.20 4.51
N THR A 18 0.02 -2.19 5.30
CA THR A 18 -0.82 -1.03 5.40
C THR A 18 0.03 0.18 5.79
N ILE A 19 0.24 1.09 4.84
CA ILE A 19 0.89 2.35 5.12
C ILE A 19 -0.04 3.49 4.71
N ARG A 20 -0.53 4.25 5.68
CA ARG A 20 -1.47 5.32 5.38
C ARG A 20 -0.71 6.52 4.82
N LYS A 21 -0.63 6.57 3.51
CA LYS A 21 0.16 7.57 2.81
C LYS A 21 -0.75 8.46 1.97
N LYS A 22 -0.29 9.69 1.73
CA LYS A 22 -1.06 10.66 0.98
C LYS A 22 -0.91 10.41 -0.52
N ALA A 23 -1.95 10.76 -1.27
CA ALA A 23 -1.94 10.60 -2.72
C ALA A 23 -0.92 11.52 -3.35
N GLY A 24 -0.18 11.00 -4.32
CA GLY A 24 0.87 11.76 -4.96
C GLY A 24 2.23 11.48 -4.37
N TRP A 25 2.23 10.94 -3.15
CA TRP A 25 3.47 10.61 -2.48
C TRP A 25 3.80 9.15 -2.68
N ALA A 26 5.05 8.87 -3.02
CA ALA A 26 5.52 7.51 -3.19
C ALA A 26 5.64 6.83 -1.83
N VAL A 27 5.08 5.64 -1.71
CA VAL A 27 5.12 4.90 -0.46
C VAL A 27 5.91 3.62 -0.63
N ARG A 28 6.65 3.26 0.41
CA ARG A 28 7.44 2.04 0.36
C ARG A 28 6.68 0.89 1.02
N PHE A 29 6.83 -0.29 0.46
CA PHE A 29 6.29 -1.49 1.05
C PHE A 29 7.42 -2.46 1.32
N TYR A 30 7.40 -3.10 2.47
CA TYR A 30 8.49 -3.94 2.88
C TYR A 30 8.01 -5.16 3.64
N GLU A 31 8.84 -6.18 3.66
CA GLU A 31 8.55 -7.40 4.39
C GLU A 31 9.25 -7.38 5.74
N GLU A 32 8.50 -7.60 6.79
CA GLU A 32 9.08 -7.76 8.11
C GLU A 32 8.70 -9.10 8.69
N LYS A 33 9.63 -10.02 8.64
CA LYS A 33 9.44 -11.38 9.12
C LYS A 33 10.38 -11.64 10.28
N PRO A 34 9.99 -12.53 11.22
CA PRO A 34 10.77 -12.80 12.43
C PRO A 34 12.24 -13.10 12.13
N GLY A 35 13.11 -12.23 12.63
CA GLY A 35 14.53 -12.42 12.44
C GLY A 35 15.10 -11.64 11.28
N GLN A 36 14.24 -11.26 10.35
CA GLN A 36 14.69 -10.64 9.11
C GLN A 36 14.49 -9.12 9.12
N PRO A 37 15.45 -8.40 8.52
CA PRO A 37 15.30 -6.96 8.24
C PRO A 37 14.27 -6.74 7.16
N LYS A 38 13.85 -5.49 7.02
CA LYS A 38 12.70 -5.18 6.20
C LYS A 38 13.11 -4.79 4.79
N ARG A 39 12.78 -5.67 3.85
CA ARG A 39 13.20 -5.52 2.47
C ARG A 39 12.06 -4.97 1.63
N LEU A 40 12.42 -4.14 0.65
CA LEU A 40 11.44 -3.53 -0.23
C LEU A 40 10.75 -4.59 -1.09
N VAL A 41 9.43 -4.60 -1.02
CA VAL A 41 8.64 -5.55 -1.79
C VAL A 41 7.87 -4.85 -2.88
N ALA A 42 7.71 -3.54 -2.74
CA ALA A 42 7.05 -2.72 -3.73
C ALA A 42 7.18 -1.24 -3.41
N ILE A 43 7.38 -0.44 -4.44
CA ILE A 43 7.32 0.99 -4.31
C ILE A 43 6.13 1.48 -5.10
N CYS A 44 5.13 2.00 -4.42
CA CYS A 44 3.87 2.28 -5.07
C CYS A 44 3.38 3.66 -4.71
N LYS A 45 2.45 4.18 -5.48
CA LYS A 45 1.86 5.47 -5.21
C LYS A 45 0.51 5.56 -5.90
N ASN A 46 -0.30 6.51 -5.48
CA ASN A 46 -1.62 6.70 -6.05
C ASN A 46 -1.50 7.49 -7.35
N ALA A 47 -2.17 7.00 -8.39
CA ALA A 47 -2.08 7.56 -9.74
C ALA A 47 -2.09 9.09 -9.74
N SER A 48 -3.11 9.67 -9.15
CA SER A 48 -3.24 11.11 -9.07
C SER A 48 -2.67 11.64 -7.75
N PRO A 49 -2.08 12.85 -7.78
CA PRO A 49 -1.54 13.49 -6.58
C PRO A 49 -2.60 14.29 -5.82
N VAL A 50 -3.86 14.10 -6.18
CA VAL A 50 -4.96 14.81 -5.54
C VAL A 50 -5.96 13.83 -4.97
N HIS A 51 -6.75 13.20 -5.85
CA HIS A 51 -7.75 12.23 -5.42
C HIS A 51 -7.17 10.83 -5.51
N CYS A 52 -7.81 9.87 -4.86
CA CYS A 52 -7.34 8.51 -4.83
C CYS A 52 -8.07 7.67 -5.86
N ASN A 53 -7.31 7.02 -6.73
CA ASN A 53 -7.89 6.20 -7.78
C ASN A 53 -7.43 4.76 -7.63
N TYR A 54 -6.21 4.49 -8.10
CA TYR A 54 -5.60 3.17 -7.99
C TYR A 54 -4.14 3.31 -7.62
N LEU A 55 -3.48 2.19 -7.42
CA LEU A 55 -2.09 2.17 -6.99
C LEU A 55 -1.18 1.75 -8.13
N LYS A 56 -0.26 2.62 -8.50
CA LYS A 56 0.70 2.32 -9.54
C LYS A 56 2.02 1.92 -8.89
N CYS A 57 2.31 0.62 -8.89
CA CYS A 57 3.46 0.11 -8.16
C CYS A 57 4.61 -0.27 -9.08
N THR A 58 5.81 -0.16 -8.57
CA THR A 58 6.99 -0.60 -9.27
C THR A 58 7.86 -1.44 -8.34
N ASN A 59 8.69 -2.29 -8.93
CA ASN A 59 9.56 -3.20 -8.18
C ASN A 59 8.75 -4.09 -7.25
N LEU A 60 8.13 -5.10 -7.82
CA LEU A 60 7.33 -6.04 -7.05
C LEU A 60 8.15 -7.26 -6.67
N ALA A 61 8.00 -7.71 -5.42
CA ALA A 61 8.78 -8.83 -4.92
C ALA A 61 8.08 -10.15 -5.24
N ALA A 62 8.27 -10.61 -6.48
CA ALA A 62 7.69 -11.86 -6.96
C ALA A 62 6.16 -11.83 -6.89
N GLY A 63 5.60 -12.36 -5.80
CA GLY A 63 4.16 -12.39 -5.65
C GLY A 63 3.65 -11.29 -4.75
N PHE A 64 4.57 -10.53 -4.16
CA PHE A 64 4.20 -9.43 -3.30
C PHE A 64 3.90 -8.19 -4.13
N SER A 65 2.64 -7.77 -4.11
CA SER A 65 2.19 -6.61 -4.87
C SER A 65 1.16 -5.86 -4.04
N ALA A 66 0.84 -4.64 -4.43
CA ALA A 66 -0.11 -3.85 -3.67
C ALA A 66 -1.54 -4.10 -4.17
N GLY A 67 -2.52 -3.72 -3.36
CA GLY A 67 -3.90 -4.06 -3.66
C GLY A 67 -4.80 -2.85 -3.81
N THR A 68 -4.97 -2.08 -2.74
CA THR A 68 -5.90 -0.95 -2.74
C THR A 68 -5.79 -0.22 -1.40
N SER A 69 -6.73 0.69 -1.13
CA SER A 69 -6.76 1.42 0.13
C SER A 69 -8.18 1.44 0.70
N THR A 70 -8.31 1.38 2.02
CA THR A 70 -9.62 1.32 2.68
C THR A 70 -9.62 2.18 3.93
N ASP A 71 -10.46 1.79 4.90
CA ASP A 71 -10.49 2.39 6.25
C ASP A 71 -10.92 3.85 6.24
N VAL A 72 -10.08 4.72 5.72
CA VAL A 72 -10.39 6.15 5.70
C VAL A 72 -11.34 6.49 4.55
N LEU A 73 -11.10 5.91 3.38
CA LEU A 73 -11.92 6.21 2.20
C LEU A 73 -13.10 5.24 2.11
N SER A 74 -12.91 4.01 2.54
CA SER A 74 -13.95 2.99 2.44
C SER A 74 -14.78 2.94 3.73
N SER A 75 -14.23 3.53 4.79
CA SER A 75 -14.92 3.63 6.08
C SER A 75 -15.07 2.26 6.74
N GLY A 76 -16.09 1.51 6.32
CA GLY A 76 -16.36 0.22 6.94
C GLY A 76 -15.47 -0.88 6.40
N THR A 77 -14.19 -0.79 6.69
CA THR A 77 -13.22 -1.78 6.25
C THR A 77 -12.19 -2.04 7.33
N VAL A 78 -11.84 -3.31 7.52
CA VAL A 78 -10.83 -3.68 8.51
C VAL A 78 -9.44 -3.28 8.04
N GLY A 79 -8.80 -2.42 8.82
CA GLY A 79 -7.47 -1.96 8.48
C GLY A 79 -6.91 -1.06 9.55
N SER A 80 -5.97 -0.20 9.17
CA SER A 80 -5.33 0.72 10.08
C SER A 80 -4.69 1.85 9.28
#